data_2BGR
#
_entry.id   2BGR
#
_cell.length_a   118.299
_cell.length_b   127.043
_cell.length_c   137.332
_cell.angle_alpha   90.00
_cell.angle_beta   90.00
_cell.angle_gamma   90.00
#
_symmetry.space_group_name_H-M   'P 21 21 21'
#
loop_
_entity.id
_entity.type
_entity.pdbx_description
1 polymer 'DIPEPTIDYL PEPTIDASE IV'
2 polymer 'HIV-1 TAT PROTEIN DERIVED N-TERMINAL NONAPEPTIDE'
3 branched 2-acetamido-2-deoxy-beta-D-glucopyranose-(1-4)-[alpha-L-fucopyranose-(1-6)]2-acetamido-2-deoxy-beta-D-glucopyranose
4 branched 2-acetamido-2-deoxy-beta-D-glucopyranose-(1-4)-2-acetamido-2-deoxy-beta-D-glucopyranose
5 branched beta-D-mannopyranose-(1-4)-2-acetamido-2-deoxy-beta-D-glucopyranose-(1-4)-2-acetamido-2-deoxy-beta-D-glucopyranose
6 branched alpha-L-fucopyranose-(1-6)-2-acetamido-2-deoxy-beta-D-glucopyranose
7 non-polymer 2-acetamido-2-deoxy-beta-D-glucopyranose
8 water water
#
loop_
_entity_poly.entity_id
_entity_poly.type
_entity_poly.pdbx_seq_one_letter_code
_entity_poly.pdbx_strand_id
1 'polypeptide(L)'
;NKGTDDATADSRKTYTLTDYLKNTYRLKLYSLRWISDHEYLYKQENNILVFNAEYGNSSVFLENSTFDEFGHSINDYSIS
PDGQFILLEYNYVKQWRHSYTASYDIYDLNKRQLITEERIPNNTQWVTWSPVGHKLAYVWNNDIYVKIEPNLPSYRITWT
GKEDIIYNGITDWVYEEEVFSAYSALWWSPNGTFLAYAQFNDTEVPLIEYSFYSDESLQYPKTVRVPYPKAGAVNPTVKF
FVVNTDSLSSVTNATSIQITAPASMLIGDHYLCDVTWATQERISLQWLRRIQNYSVMDICDYDESSGRWNCLVARQHIEM
STTGWVGRFRPSEPHFTLDGNSFYKIISNEEGYRHICYFQIDKKDCTFITKGTWEVIGIEALTSDYLYYISNEYKGMPGG
RNLYKIQLSDYTKVTCLSCELNPERCQYYSVSFSKEAKYYQLRCSGPGLPLYTLHSSVNDKGLRVLEDNSALDKMLQNVQ
MPSKKLDFIILNETKFWYQMILPPHFDKSKKYPLLLDVYAGPCSQKADTVFRLNWATYLASTENIIVASFDGRGSGYQGD
KIMHAINRRLGTFEVEDQIEAARQFSKMGFVDNKRIAIWGWSYGGYVTSMVLGSGSGVFKCGIAVAPVSRWEYYDSVYTE
RYMGLPTPEDNLDHYRNSTVMSRAENFKQVEYLLIHGTADDNVHFQQSAQISKALVDVGVDFQAMWYTDEDHGIASSTAH
QHIYTHMSHFIKQCFSLP
;
A,B
2 'polypeptide(L)' MDPVDPNIE Y,Z
#
loop_
_chem_comp.id
_chem_comp.type
_chem_comp.name
_chem_comp.formula
BMA D-saccharide, beta linking beta-D-mannopyranose 'C6 H12 O6'
FUC L-saccharide, alpha linking alpha-L-fucopyranose 'C6 H12 O5'
NAG D-saccharide, beta linking 2-acetamido-2-deoxy-beta-D-glucopyranose 'C8 H15 N O6'
#
# COMPACT_ATOMS: atom_id res chain seq x y z
N ASP A 10 -19.09 -38.67 -22.26
CA ASP A 10 -19.14 -38.69 -20.78
C ASP A 10 -20.04 -37.56 -20.28
N SER A 11 -21.21 -37.95 -19.76
CA SER A 11 -22.20 -37.02 -19.25
C SER A 11 -21.92 -36.54 -17.84
N ARG A 12 -20.91 -37.11 -17.18
CA ARG A 12 -20.56 -36.69 -15.83
C ARG A 12 -20.07 -35.26 -15.77
N LYS A 13 -20.36 -34.60 -14.65
CA LYS A 13 -19.85 -33.25 -14.40
C LYS A 13 -18.34 -33.28 -14.15
N THR A 14 -17.70 -32.13 -14.28
CA THR A 14 -16.27 -32.00 -13.95
C THR A 14 -16.14 -31.35 -12.59
N TYR A 15 -14.91 -31.30 -12.11
CA TYR A 15 -14.60 -30.61 -10.91
C TYR A 15 -14.38 -29.14 -11.25
N THR A 16 -15.32 -28.30 -10.80
CA THR A 16 -15.40 -26.91 -11.23
C THR A 16 -14.74 -25.95 -10.22
N LEU A 17 -14.60 -24.69 -10.61
CA LEU A 17 -14.06 -23.69 -9.71
C LEU A 17 -14.94 -23.50 -8.48
N THR A 18 -16.25 -23.53 -8.66
CA THR A 18 -17.16 -23.39 -7.51
C THR A 18 -17.04 -24.55 -6.54
N ASP A 19 -16.87 -25.76 -7.06
CA ASP A 19 -16.59 -26.94 -6.20
C ASP A 19 -15.38 -26.69 -5.32
N TYR A 20 -14.30 -26.21 -5.92
CA TYR A 20 -13.11 -25.89 -5.15
C TYR A 20 -13.42 -24.81 -4.07
N LEU A 21 -14.07 -23.72 -4.49
CA LEU A 21 -14.28 -22.57 -3.61
C LEU A 21 -15.40 -22.76 -2.56
N LYS A 22 -16.43 -23.55 -2.89
CA LYS A 22 -17.52 -23.82 -1.95
C LYS A 22 -17.36 -25.16 -1.21
N ASN A 23 -16.23 -25.83 -1.42
CA ASN A 23 -15.94 -27.08 -0.72
C ASN A 23 -17.06 -28.08 -0.85
N THR A 24 -17.56 -28.26 -2.06
CA THR A 24 -18.65 -29.19 -2.25
C THR A 24 -18.21 -30.63 -2.02
N TYR A 25 -16.93 -30.96 -2.23
CA TYR A 25 -16.42 -32.32 -2.00
C TYR A 25 -15.43 -32.33 -0.84
N ARG A 26 -15.86 -32.82 0.31
CA ARG A 26 -15.09 -32.67 1.53
C ARG A 26 -14.40 -33.94 1.98
N LEU A 27 -13.10 -33.87 2.23
CA LEU A 27 -12.39 -34.94 2.91
C LEU A 27 -12.83 -35.01 4.39
N LYS A 28 -13.13 -36.23 4.85
CA LYS A 28 -13.36 -36.52 6.25
C LYS A 28 -12.02 -36.87 6.92
N LEU A 29 -11.90 -36.39 8.16
CA LEU A 29 -10.71 -36.56 8.97
C LEU A 29 -11.05 -37.42 10.18
N TYR A 30 -10.05 -37.70 11.00
CA TYR A 30 -10.34 -38.30 12.30
C TYR A 30 -9.28 -37.82 13.28
N SER A 31 -9.54 -36.66 13.86
CA SER A 31 -8.60 -36.01 14.76
C SER A 31 -8.88 -36.46 16.16
N LEU A 32 -7.97 -37.25 16.72
CA LEU A 32 -8.11 -37.72 18.09
C LEU A 32 -7.03 -37.10 18.97
N ARG A 33 -7.25 -37.15 20.28
CA ARG A 33 -6.26 -36.71 21.26
C ARG A 33 -6.08 -37.84 22.28
N TRP A 34 -4.88 -38.44 22.30
CA TRP A 34 -4.56 -39.46 23.29
C TRP A 34 -4.49 -38.83 24.70
N ILE A 35 -5.15 -39.45 25.69
CA ILE A 35 -5.10 -38.96 27.08
C ILE A 35 -4.47 -39.98 28.02
N SER A 36 -4.08 -41.13 27.51
CA SER A 36 -3.45 -42.16 28.34
C SER A 36 -2.79 -43.12 27.35
N ASP A 37 -2.35 -44.27 27.86
CA ASP A 37 -1.84 -45.32 27.01
C ASP A 37 -2.94 -46.13 26.32
N HIS A 38 -4.21 -45.97 26.72
CA HIS A 38 -5.28 -46.74 26.09
C HIS A 38 -6.58 -46.01 25.75
N GLU A 39 -6.67 -44.71 26.05
CA GLU A 39 -7.87 -43.94 25.70
C GLU A 39 -7.53 -42.69 24.92
N TYR A 40 -8.49 -42.27 24.10
CA TYR A 40 -8.40 -41.01 23.40
C TYR A 40 -9.73 -40.26 23.38
N LEU A 41 -9.65 -38.95 23.18
CA LEU A 41 -10.83 -38.09 23.02
C LEU A 41 -11.06 -37.79 21.56
N TYR A 42 -12.34 -37.59 21.21
CA TYR A 42 -12.75 -37.41 19.83
C TYR A 42 -14.09 -36.69 19.81
N LYS A 43 -14.19 -35.60 19.07
CA LYS A 43 -15.42 -34.82 19.01
C LYS A 43 -16.37 -35.34 17.93
N GLN A 44 -17.60 -35.69 18.30
CA GLN A 44 -18.51 -36.32 17.34
C GLN A 44 -19.59 -35.37 16.83
N GLU A 45 -20.60 -35.04 17.63
CA GLU A 45 -21.56 -34.07 17.15
C GLU A 45 -21.50 -32.89 18.11
N ASN A 46 -20.29 -32.33 18.21
CA ASN A 46 -19.99 -31.32 19.24
C ASN A 46 -20.03 -31.87 20.67
N ASN A 47 -20.27 -33.18 20.82
CA ASN A 47 -20.00 -33.86 22.06
C ASN A 47 -18.55 -34.28 22.05
N ILE A 48 -17.99 -34.46 23.24
CA ILE A 48 -16.62 -34.94 23.37
C ILE A 48 -16.77 -36.33 23.93
N LEU A 49 -16.35 -37.33 23.16
CA LEU A 49 -16.50 -38.72 23.57
C LEU A 49 -15.13 -39.23 24.02
N VAL A 50 -15.11 -40.20 24.91
CA VAL A 50 -13.89 -40.90 25.24
C VAL A 50 -13.98 -42.35 24.72
N PHE A 51 -12.90 -42.78 24.06
CA PHE A 51 -12.80 -44.08 23.41
C PHE A 51 -11.76 -44.96 24.05
N ASN A 52 -12.14 -46.23 24.26
CA ASN A 52 -11.19 -47.29 24.57
C ASN A 52 -10.56 -47.84 23.29
N ALA A 53 -9.23 -47.79 23.20
CA ALA A 53 -8.51 -48.24 22.00
C ALA A 53 -8.62 -49.75 21.74
N GLU A 54 -8.64 -50.55 22.80
CA GLU A 54 -8.62 -51.98 22.58
C GLU A 54 -9.93 -52.46 21.96
N TYR A 55 -11.05 -51.95 22.44
CA TYR A 55 -12.36 -52.49 22.05
C TYR A 55 -13.18 -51.56 21.18
N GLY A 56 -12.87 -50.28 21.22
CA GLY A 56 -13.56 -49.31 20.39
C GLY A 56 -14.87 -48.80 20.95
N ASN A 57 -15.23 -49.21 22.18
CA ASN A 57 -16.36 -48.60 22.89
C ASN A 57 -16.06 -47.18 23.34
N SER A 58 -17.11 -46.38 23.50
CA SER A 58 -16.95 -44.99 23.94
C SER A 58 -17.98 -44.63 25.01
N SER A 59 -17.75 -43.48 25.66
CA SER A 59 -18.72 -42.88 26.57
C SER A 59 -18.69 -41.38 26.30
N VAL A 60 -19.77 -40.69 26.63
CA VAL A 60 -19.79 -39.24 26.51
C VAL A 60 -18.97 -38.64 27.64
N PHE A 61 -17.99 -37.82 27.27
CA PHE A 61 -17.17 -37.16 28.27
C PHE A 61 -17.74 -35.77 28.56
N LEU A 62 -18.20 -35.07 27.52
CA LEU A 62 -18.88 -33.79 27.68
C LEU A 62 -19.99 -33.62 26.66
N GLU A 63 -21.18 -33.36 27.17
CA GLU A 63 -22.37 -33.08 26.37
C GLU A 63 -22.22 -31.79 25.58
N ASN A 64 -22.72 -31.80 24.36
CA ASN A 64 -22.74 -30.62 23.52
C ASN A 64 -23.71 -29.57 24.06
N SER A 65 -24.59 -29.98 24.97
CA SER A 65 -25.55 -29.08 25.60
C SER A 65 -25.05 -28.41 26.87
N THR A 66 -23.85 -28.78 27.33
CA THR A 66 -23.34 -28.32 28.61
C THR A 66 -23.19 -26.80 28.69
N PHE A 67 -22.71 -26.18 27.63
CA PHE A 67 -22.49 -24.73 27.63
C PHE A 67 -23.47 -23.94 26.76
N ASP A 68 -24.73 -24.38 26.77
CA ASP A 68 -25.78 -23.72 26.01
C ASP A 68 -26.05 -22.31 26.51
N GLU A 69 -25.96 -22.10 27.82
CA GLU A 69 -26.17 -20.75 28.38
C GLU A 69 -24.87 -20.05 28.74
N PHE A 70 -23.76 -20.46 28.11
CA PHE A 70 -22.46 -19.87 28.42
C PHE A 70 -22.36 -18.38 28.06
N GLY A 71 -22.96 -18.00 26.94
CA GLY A 71 -23.05 -16.58 26.60
C GLY A 71 -21.95 -16.05 25.70
N HIS A 72 -21.03 -16.92 25.30
CA HIS A 72 -20.05 -16.63 24.26
C HIS A 72 -19.86 -17.91 23.48
N SER A 73 -19.53 -17.79 22.19
CA SER A 73 -19.14 -18.96 21.40
C SER A 73 -17.74 -19.37 21.78
N ILE A 74 -17.57 -20.67 21.97
CA ILE A 74 -16.31 -21.24 22.44
C ILE A 74 -15.47 -21.61 21.23
N ASN A 75 -14.25 -21.10 21.18
CA ASN A 75 -13.38 -21.29 20.02
C ASN A 75 -12.70 -22.64 20.02
N ASP A 76 -12.33 -23.10 21.21
CA ASP A 76 -11.59 -24.35 21.37
C ASP A 76 -11.67 -24.70 22.86
N TYR A 77 -11.16 -25.88 23.18
CA TYR A 77 -11.14 -26.36 24.54
C TYR A 77 -9.85 -27.13 24.76
N SER A 78 -9.54 -27.32 26.04
CA SER A 78 -8.36 -28.07 26.43
C SER A 78 -8.67 -28.69 27.79
N ILE A 79 -8.72 -30.02 27.82
CA ILE A 79 -9.00 -30.74 29.06
C ILE A 79 -7.69 -30.97 29.82
N SER A 80 -7.72 -30.85 31.14
CA SER A 80 -6.54 -31.09 31.94
C SER A 80 -6.15 -32.57 31.87
N PRO A 81 -4.85 -32.86 31.94
CA PRO A 81 -4.35 -34.22 31.80
C PRO A 81 -5.07 -35.22 32.70
N ASP A 82 -5.46 -34.79 33.90
CA ASP A 82 -6.15 -35.64 34.85
C ASP A 82 -7.67 -35.68 34.65
N GLY A 83 -8.19 -35.04 33.62
CA GLY A 83 -9.63 -35.10 33.29
C GLY A 83 -10.58 -34.33 34.20
N GLN A 84 -10.04 -33.55 35.14
CA GLN A 84 -10.86 -32.88 36.16
C GLN A 84 -11.35 -31.50 35.77
N PHE A 85 -10.67 -30.89 34.81
CA PHE A 85 -11.00 -29.54 34.36
C PHE A 85 -10.97 -29.40 32.84
N ILE A 86 -11.78 -28.48 32.36
CA ILE A 86 -11.68 -28.11 30.96
C ILE A 86 -11.58 -26.59 30.82
N LEU A 87 -10.64 -26.21 29.99
CA LEU A 87 -10.33 -24.83 29.68
C LEU A 87 -11.11 -24.47 28.43
N LEU A 88 -11.92 -23.42 28.52
CA LEU A 88 -12.79 -22.95 27.45
C LEU A 88 -12.27 -21.64 26.86
N GLU A 89 -11.92 -21.68 25.58
CA GLU A 89 -11.30 -20.57 24.89
C GLU A 89 -12.34 -19.80 24.08
N TYR A 90 -12.39 -18.48 24.26
CA TYR A 90 -13.34 -17.65 23.53
C TYR A 90 -12.75 -16.26 23.34
N ASN A 91 -13.48 -15.37 22.66
CA ASN A 91 -12.95 -14.05 22.26
C ASN A 91 -11.58 -14.15 21.56
N TYR A 92 -11.45 -15.16 20.70
CA TYR A 92 -10.25 -15.42 19.92
C TYR A 92 -9.93 -14.28 18.94
N VAL A 93 -8.68 -13.79 18.96
CA VAL A 93 -8.27 -12.77 18.00
C VAL A 93 -6.91 -13.19 17.46
N LYS A 94 -6.85 -13.58 16.20
CA LYS A 94 -5.60 -14.04 15.59
C LYS A 94 -4.54 -12.93 15.57
N GLN A 95 -3.28 -13.34 15.75
CA GLN A 95 -2.14 -12.46 15.46
C GLN A 95 -1.37 -12.97 14.24
N TRP A 96 -0.23 -13.64 14.41
CA TRP A 96 0.60 -14.06 13.28
C TRP A 96 0.23 -15.49 12.88
N ARG A 97 1.16 -16.32 12.40
CA ARG A 97 0.79 -17.69 11.97
C ARG A 97 0.30 -18.56 13.12
N HIS A 98 0.90 -18.44 14.30
CA HIS A 98 0.51 -19.27 15.45
C HIS A 98 -0.05 -18.46 16.65
N SER A 99 0.39 -17.21 16.78
CA SER A 99 -0.03 -16.36 17.88
C SER A 99 -1.47 -15.83 17.76
N TYR A 100 -2.08 -15.61 18.92
CA TYR A 100 -3.44 -15.08 19.09
C TYR A 100 -3.63 -14.73 20.56
N THR A 101 -4.62 -13.90 20.89
CA THR A 101 -5.08 -13.77 22.27
C THR A 101 -6.53 -14.24 22.38
N ALA A 102 -6.94 -14.48 23.62
CA ALA A 102 -8.27 -15.00 23.93
C ALA A 102 -8.60 -14.84 25.39
N SER A 103 -9.88 -15.04 25.70
CA SER A 103 -10.36 -15.11 27.08
C SER A 103 -10.54 -16.58 27.43
N TYR A 104 -10.48 -16.91 28.72
CA TYR A 104 -10.58 -18.30 29.16
C TYR A 104 -11.45 -18.42 30.41
N ASP A 105 -12.30 -19.43 30.44
CA ASP A 105 -12.95 -19.85 31.66
C ASP A 105 -12.59 -21.32 31.90
N ILE A 106 -12.67 -21.72 33.17
CA ILE A 106 -12.42 -23.10 33.53
C ILE A 106 -13.65 -23.73 34.16
N TYR A 107 -14.02 -24.90 33.66
CA TYR A 107 -15.16 -25.64 34.17
C TYR A 107 -14.61 -26.83 34.96
N ASP A 108 -15.08 -26.96 36.18
CA ASP A 108 -14.75 -28.08 37.04
C ASP A 108 -15.69 -29.26 36.72
N LEU A 109 -15.12 -30.33 36.19
CA LEU A 109 -15.92 -31.44 35.71
C LEU A 109 -16.51 -32.28 36.83
N ASN A 110 -15.86 -32.29 37.99
CA ASN A 110 -16.34 -33.12 39.10
C ASN A 110 -17.56 -32.48 39.75
N LYS A 111 -17.49 -31.18 40.00
CA LYS A 111 -18.63 -30.48 40.56
C LYS A 111 -19.50 -29.82 39.49
N ARG A 112 -19.22 -30.12 38.23
CA ARG A 112 -20.02 -29.60 37.11
C ARG A 112 -20.35 -28.13 37.31
N GLN A 113 -19.30 -27.33 37.44
CA GLN A 113 -19.43 -25.92 37.77
C GLN A 113 -18.34 -25.10 37.11
N LEU A 114 -18.70 -23.91 36.67
CA LEU A 114 -17.77 -22.94 36.13
C LEU A 114 -17.06 -22.22 37.28
N ILE A 115 -15.75 -22.05 37.21
CA ILE A 115 -15.01 -21.39 38.27
C ILE A 115 -15.12 -19.87 38.12
N THR A 116 -15.47 -19.18 39.21
CA THR A 116 -15.69 -17.74 39.15
C THR A 116 -14.66 -16.92 39.90
N GLU A 117 -13.86 -17.54 40.78
CA GLU A 117 -12.80 -16.80 41.46
C GLU A 117 -11.45 -16.92 40.74
N GLU A 118 -10.69 -15.83 40.82
CA GLU A 118 -9.30 -15.76 40.38
C GLU A 118 -9.19 -16.20 38.92
N ARG A 119 -10.12 -15.71 38.11
CA ARG A 119 -10.19 -16.14 36.71
C ARG A 119 -8.98 -15.73 35.90
N ILE A 120 -8.76 -16.43 34.80
CA ILE A 120 -7.69 -16.08 33.88
C ILE A 120 -8.08 -14.77 33.21
N PRO A 121 -7.17 -13.80 33.11
CA PRO A 121 -7.54 -12.49 32.61
C PRO A 121 -7.88 -12.47 31.12
N ASN A 122 -8.56 -11.41 30.69
CA ASN A 122 -8.84 -11.20 29.27
C ASN A 122 -7.54 -10.88 28.55
N ASN A 123 -7.49 -11.08 27.24
CA ASN A 123 -6.30 -10.78 26.46
C ASN A 123 -5.06 -11.59 26.86
N THR A 124 -5.29 -12.82 27.29
CA THR A 124 -4.23 -13.75 27.61
C THR A 124 -3.61 -14.25 26.30
N GLN A 125 -2.29 -14.34 26.29
CA GLN A 125 -1.49 -14.59 25.10
C GLN A 125 -1.17 -16.06 24.90
N TRP A 126 -1.13 -16.82 25.98
CA TRP A 126 -0.89 -18.26 25.88
C TRP A 126 -1.27 -18.87 27.23
N VAL A 127 -1.89 -20.04 27.20
CA VAL A 127 -2.18 -20.82 28.40
C VAL A 127 -1.82 -22.26 28.11
N THR A 128 -1.34 -22.98 29.12
CA THR A 128 -1.07 -24.40 29.01
C THR A 128 -1.18 -25.10 30.37
N TRP A 129 -1.86 -26.24 30.38
CA TRP A 129 -1.84 -27.13 31.55
C TRP A 129 -0.44 -27.71 31.73
N SER A 130 -0.13 -28.16 32.94
CA SER A 130 1.06 -28.97 33.17
C SER A 130 0.82 -30.31 32.47
N PRO A 131 1.86 -31.12 32.25
CA PRO A 131 1.69 -32.39 31.52
C PRO A 131 1.04 -33.51 32.32
N VAL A 132 1.00 -33.40 33.63
CA VAL A 132 0.26 -34.28 34.48
C VAL A 132 -0.48 -33.38 35.47
N GLY A 133 -1.62 -33.82 35.96
CA GLY A 133 -2.36 -33.04 36.97
C GLY A 133 -3.17 -31.90 36.37
N HIS A 134 -3.11 -30.72 37.00
CA HIS A 134 -3.94 -29.59 36.59
C HIS A 134 -3.40 -28.24 37.03
N LYS A 135 -2.08 -28.06 37.02
CA LYS A 135 -1.48 -26.73 37.16
C LYS A 135 -1.65 -26.04 35.81
N LEU A 136 -1.59 -24.71 35.82
CA LEU A 136 -1.68 -23.90 34.61
C LEU A 136 -0.58 -22.87 34.66
N ALA A 137 -0.09 -22.55 33.47
CA ALA A 137 0.82 -21.45 33.26
C ALA A 137 0.24 -20.61 32.12
N TYR A 138 0.22 -19.30 32.29
CA TYR A 138 -0.29 -18.41 31.29
C TYR A 138 0.55 -17.16 31.21
N VAL A 139 0.50 -16.53 30.04
CA VAL A 139 1.24 -15.33 29.73
C VAL A 139 0.20 -14.26 29.42
N TRP A 140 0.34 -13.13 30.11
CA TRP A 140 -0.55 -11.98 29.97
C TRP A 140 0.30 -10.73 30.13
N ASN A 141 0.17 -9.81 29.19
CA ASN A 141 0.99 -8.61 29.15
C ASN A 141 2.50 -8.91 29.16
N ASN A 142 2.87 -9.96 28.43
CA ASN A 142 4.27 -10.37 28.25
C ASN A 142 4.96 -10.93 29.51
N ASP A 143 4.18 -11.26 30.53
CA ASP A 143 4.69 -11.86 31.74
C ASP A 143 4.01 -13.19 32.04
N ILE A 144 4.77 -14.04 32.74
CA ILE A 144 4.35 -15.38 33.09
C ILE A 144 3.66 -15.45 34.47
N TYR A 145 2.57 -16.20 34.55
CA TYR A 145 1.87 -16.52 35.78
C TYR A 145 1.61 -18.01 35.92
N VAL A 146 1.56 -18.48 37.16
CA VAL A 146 1.30 -19.88 37.45
C VAL A 146 0.15 -19.99 38.46
N LYS A 147 -0.80 -20.86 38.14
CA LYS A 147 -1.85 -21.29 39.07
C LYS A 147 -1.70 -22.77 39.43
N ILE A 148 -1.58 -23.07 40.72
CA ILE A 148 -1.46 -24.45 41.19
C ILE A 148 -2.82 -25.15 41.21
N GLU A 149 -3.86 -24.38 41.51
CA GLU A 149 -5.23 -24.86 41.38
C GLU A 149 -6.06 -23.82 40.65
N PRO A 150 -7.01 -24.27 39.84
CA PRO A 150 -7.79 -23.38 38.98
C PRO A 150 -8.54 -22.26 39.71
N ASN A 151 -8.96 -22.52 40.95
CA ASN A 151 -9.68 -21.51 41.72
C ASN A 151 -8.80 -20.70 42.68
N LEU A 152 -7.48 -20.88 42.64
CA LEU A 152 -6.60 -20.15 43.55
C LEU A 152 -5.86 -19.02 42.83
N PRO A 153 -5.41 -18.03 43.59
CA PRO A 153 -4.69 -16.89 43.01
C PRO A 153 -3.43 -17.28 42.28
N SER A 154 -3.06 -16.48 41.28
CA SER A 154 -1.86 -16.68 40.47
C SER A 154 -0.61 -16.21 41.17
N TYR A 155 0.48 -16.90 40.91
CA TYR A 155 1.80 -16.46 41.28
C TYR A 155 2.47 -15.80 40.09
N ARG A 156 2.87 -14.55 40.24
CA ARG A 156 3.55 -13.86 39.15
C ARG A 156 5.01 -14.29 39.12
N ILE A 157 5.46 -14.78 37.97
CA ILE A 157 6.81 -15.34 37.83
C ILE A 157 7.74 -14.26 37.31
N THR A 158 7.26 -13.47 36.35
CA THR A 158 8.09 -12.40 35.79
C THR A 158 7.43 -11.02 35.89
N TRP A 159 8.27 -10.00 36.01
CA TRP A 159 7.85 -8.61 36.15
C TRP A 159 8.45 -7.66 35.09
N THR A 160 9.12 -8.18 34.06
CA THR A 160 9.87 -7.36 33.09
C THR A 160 9.16 -7.20 31.74
N GLY A 161 8.04 -7.90 31.56
CA GLY A 161 7.33 -7.91 30.30
C GLY A 161 6.95 -6.51 29.85
N LYS A 162 7.08 -6.27 28.55
CA LYS A 162 6.87 -4.95 27.97
C LYS A 162 6.56 -5.13 26.50
N GLU A 163 5.36 -4.69 26.10
CA GLU A 163 4.90 -4.79 24.71
C GLU A 163 5.97 -4.36 23.71
N ASP A 164 6.20 -5.21 22.72
CA ASP A 164 7.22 -5.03 21.67
C ASP A 164 8.68 -4.97 22.12
N ILE A 165 8.96 -5.23 23.39
CA ILE A 165 10.33 -5.09 23.87
C ILE A 165 10.83 -6.34 24.61
N ILE A 166 10.19 -6.66 25.73
CA ILE A 166 10.55 -7.84 26.52
C ILE A 166 9.40 -8.86 26.49
N TYR A 167 9.73 -10.06 26.02
CA TYR A 167 8.77 -11.14 25.87
C TYR A 167 9.16 -12.29 26.81
N ASN A 168 8.38 -12.54 27.85
CA ASN A 168 8.61 -13.67 28.75
C ASN A 168 7.63 -14.81 28.45
N GLY A 169 8.16 -15.96 28.04
CA GLY A 169 7.33 -17.14 27.88
C GLY A 169 6.56 -17.21 26.58
N ILE A 170 6.73 -16.20 25.73
CA ILE A 170 6.20 -16.18 24.37
C ILE A 170 7.29 -15.70 23.44
N THR A 171 7.17 -16.02 22.16
CA THR A 171 8.16 -15.63 21.16
C THR A 171 7.84 -14.28 20.54
N ASP A 172 8.87 -13.61 20.00
CA ASP A 172 8.65 -12.47 19.11
C ASP A 172 8.38 -12.95 17.68
N TRP A 173 8.21 -12.00 16.74
CA TRP A 173 7.78 -12.32 15.40
C TRP A 173 8.68 -13.39 14.77
N VAL A 174 9.99 -13.19 14.82
CA VAL A 174 10.91 -14.05 14.05
C VAL A 174 11.13 -15.41 14.70
N TYR A 175 11.12 -15.50 16.03
CA TYR A 175 11.23 -16.80 16.70
C TYR A 175 9.95 -17.61 16.47
N GLU A 176 8.80 -16.92 16.47
CA GLU A 176 7.52 -17.57 16.20
C GLU A 176 7.50 -18.21 14.81
N GLU A 177 7.88 -17.43 13.79
CA GLU A 177 7.78 -17.88 12.41
C GLU A 177 8.91 -18.84 12.01
N GLU A 178 10.15 -18.51 12.37
CA GLU A 178 11.30 -19.21 11.80
C GLU A 178 12.06 -20.17 12.73
N VAL A 179 11.77 -20.14 14.03
CA VAL A 179 12.52 -20.98 14.96
C VAL A 179 11.64 -22.03 15.62
N PHE A 180 10.65 -21.60 16.38
CA PHE A 180 9.88 -22.54 17.17
C PHE A 180 8.58 -22.96 16.54
N SER A 181 8.17 -22.31 15.44
CA SER A 181 6.87 -22.58 14.84
C SER A 181 5.76 -22.59 15.88
N ALA A 182 5.81 -21.63 16.80
CA ALA A 182 4.86 -21.57 17.90
C ALA A 182 5.04 -20.24 18.59
N TYR A 183 3.99 -19.76 19.25
CA TYR A 183 4.03 -18.57 20.09
C TYR A 183 4.54 -18.87 21.48
N SER A 184 4.29 -20.07 21.97
CA SER A 184 4.79 -20.42 23.31
C SER A 184 6.30 -20.57 23.36
N ALA A 185 6.85 -20.02 24.43
CA ALA A 185 8.21 -20.28 24.86
C ALA A 185 8.20 -20.72 26.32
N LEU A 186 7.33 -21.68 26.61
CA LEU A 186 7.16 -22.29 27.94
C LEU A 186 7.34 -23.78 27.81
N TRP A 187 8.08 -24.41 28.72
CA TRP A 187 8.29 -25.86 28.71
C TRP A 187 8.24 -26.45 30.12
N TRP A 188 7.11 -27.07 30.42
CA TRP A 188 6.93 -27.81 31.67
C TRP A 188 7.83 -29.04 31.71
N SER A 189 8.36 -29.35 32.89
CA SER A 189 9.04 -30.62 33.15
C SER A 189 8.01 -31.74 33.15
N PRO A 190 8.47 -32.98 32.91
CA PRO A 190 7.54 -34.08 32.62
C PRO A 190 6.46 -34.31 33.67
N ASN A 191 6.77 -34.13 34.95
CA ASN A 191 5.73 -34.21 35.97
C ASN A 191 5.20 -32.88 36.53
N GLY A 192 5.61 -31.74 35.95
CA GLY A 192 5.13 -30.42 36.35
C GLY A 192 5.86 -29.70 37.47
N THR A 193 6.94 -30.28 37.96
CA THR A 193 7.64 -29.66 39.07
C THR A 193 8.24 -28.34 38.60
N PHE A 194 8.92 -28.38 37.47
CA PHE A 194 9.64 -27.24 36.95
C PHE A 194 8.94 -26.68 35.72
N LEU A 195 8.98 -25.36 35.60
CA LEU A 195 8.59 -24.66 34.39
C LEU A 195 9.81 -23.87 33.86
N ALA A 196 10.30 -24.29 32.71
CA ALA A 196 11.29 -23.56 31.95
C ALA A 196 10.68 -22.57 30.97
N TYR A 197 11.44 -21.50 30.71
CA TYR A 197 11.00 -20.48 29.79
C TYR A 197 12.14 -19.66 29.18
N ALA A 198 11.87 -19.12 27.99
CA ALA A 198 12.77 -18.19 27.34
C ALA A 198 12.27 -16.74 27.47
N GLN A 199 13.21 -15.81 27.47
CA GLN A 199 12.90 -14.40 27.44
C GLN A 199 13.61 -13.81 26.22
N PHE A 200 12.85 -13.10 25.39
CA PHE A 200 13.40 -12.39 24.22
C PHE A 200 13.38 -10.89 24.45
N ASN A 201 14.44 -10.24 24.03
CA ASN A 201 14.62 -8.79 24.20
C ASN A 201 14.81 -8.16 22.82
N ASP A 202 13.87 -7.33 22.40
CA ASP A 202 13.85 -6.81 21.01
C ASP A 202 14.17 -5.31 20.99
N THR A 203 14.81 -4.84 22.05
CA THR A 203 15.08 -3.41 22.20
C THR A 203 15.58 -2.74 20.92
N GLU A 204 16.59 -3.32 20.29
CA GLU A 204 17.21 -2.64 19.14
C GLU A 204 16.85 -3.26 17.80
N VAL A 205 15.84 -4.10 17.78
CA VAL A 205 15.35 -4.67 16.53
C VAL A 205 14.47 -3.62 15.82
N PRO A 206 14.76 -3.30 14.56
CA PRO A 206 13.94 -2.31 13.87
C PRO A 206 12.54 -2.84 13.61
N LEU A 207 11.62 -1.91 13.39
CA LEU A 207 10.21 -2.18 13.19
C LEU A 207 9.86 -2.13 11.70
N ILE A 208 9.12 -3.11 11.20
CA ILE A 208 8.42 -2.92 9.94
C ILE A 208 7.09 -2.18 10.25
N GLU A 209 6.79 -1.19 9.43
CA GLU A 209 5.57 -0.39 9.56
C GLU A 209 4.80 -0.50 8.25
N TYR A 210 3.50 -0.72 8.39
CA TYR A 210 2.57 -0.79 7.26
C TYR A 210 1.17 -0.34 7.69
N SER A 211 0.37 0.10 6.74
CA SER A 211 -0.97 0.58 7.00
C SER A 211 -1.99 -0.54 7.10
N PHE A 212 -2.96 -0.31 7.98
CA PHE A 212 -4.12 -1.18 8.10
C PHE A 212 -5.37 -0.29 8.05
N TYR A 213 -6.30 -0.60 7.14
CA TYR A 213 -7.39 0.31 6.79
C TYR A 213 -8.65 0.07 7.63
N SER A 214 -8.89 -1.20 7.95
CA SER A 214 -9.96 -1.61 8.86
C SER A 214 -11.30 -1.44 8.17
N ASP A 215 -12.34 -1.46 8.98
CA ASP A 215 -13.67 -1.23 8.48
C ASP A 215 -13.74 0.20 7.92
N GLU A 216 -14.66 0.35 6.97
CA GLU A 216 -14.93 1.59 6.27
C GLU A 216 -15.17 2.75 7.22
N SER A 217 -15.73 2.45 8.40
CA SER A 217 -16.03 3.44 9.42
C SER A 217 -14.79 4.14 9.99
N LEU A 218 -13.61 3.55 9.83
CA LEU A 218 -12.39 4.12 10.43
C LEU A 218 -11.82 5.26 9.59
N GLN A 219 -11.87 6.47 10.15
CA GLN A 219 -11.54 7.68 9.37
C GLN A 219 -10.07 7.72 8.93
N TYR A 220 -9.16 7.36 9.84
CA TYR A 220 -7.72 7.41 9.58
C TYR A 220 -7.16 5.99 9.64
N PRO A 221 -6.39 5.56 8.64
CA PRO A 221 -5.70 4.28 8.74
C PRO A 221 -4.77 4.16 9.94
N LYS A 222 -4.66 2.93 10.46
CA LYS A 222 -3.77 2.61 11.56
C LYS A 222 -2.43 2.23 10.97
N THR A 223 -1.35 2.57 11.65
CA THR A 223 -0.04 2.06 11.27
C THR A 223 0.32 0.90 12.20
N VAL A 224 0.49 -0.28 11.63
CA VAL A 224 0.96 -1.45 12.39
C VAL A 224 2.49 -1.42 12.42
N ARG A 225 3.06 -1.64 13.60
CA ARG A 225 4.50 -1.61 13.80
C ARG A 225 4.97 -2.88 14.52
N VAL A 226 5.81 -3.67 13.87
CA VAL A 226 6.22 -4.99 14.38
C VAL A 226 7.74 -5.08 14.41
N PRO A 227 8.35 -5.40 15.56
CA PRO A 227 9.80 -5.63 15.58
C PRO A 227 10.15 -6.85 14.70
N TYR A 228 10.85 -6.59 13.60
CA TYR A 228 11.14 -7.60 12.57
C TYR A 228 12.54 -7.33 12.04
N PRO A 229 13.49 -8.25 12.24
CA PRO A 229 14.85 -8.06 11.74
C PRO A 229 15.00 -8.59 10.32
N LYS A 230 15.23 -7.67 9.38
CA LYS A 230 15.54 -8.04 7.99
C LYS A 230 17.02 -8.47 7.89
N ALA A 231 17.41 -9.11 6.79
CA ALA A 231 18.74 -9.71 6.66
C ALA A 231 19.85 -8.73 6.99
N GLY A 232 20.70 -9.12 7.94
CA GLY A 232 21.82 -8.31 8.37
C GLY A 232 21.48 -7.34 9.48
N ALA A 233 20.21 -7.20 9.86
CA ALA A 233 19.82 -6.20 10.88
C ALA A 233 20.03 -6.71 12.31
N VAL A 234 19.80 -5.86 13.30
CA VAL A 234 19.99 -6.27 14.69
C VAL A 234 18.90 -7.28 15.05
N ASN A 235 19.33 -8.41 15.61
CA ASN A 235 18.44 -9.50 16.02
C ASN A 235 18.03 -9.37 17.48
N PRO A 236 16.95 -10.04 17.86
CA PRO A 236 16.61 -10.16 19.27
C PRO A 236 17.66 -10.94 20.02
N THR A 237 17.74 -10.69 21.33
CA THR A 237 18.60 -11.50 22.16
C THR A 237 17.73 -12.39 23.03
N VAL A 238 18.35 -13.43 23.59
CA VAL A 238 17.62 -14.45 24.30
C VAL A 238 18.33 -14.87 25.59
N LYS A 239 17.51 -15.18 26.60
CA LYS A 239 17.95 -15.76 27.87
C LYS A 239 16.99 -16.89 28.22
N PHE A 240 17.48 -17.83 29.03
CA PHE A 240 16.75 -19.04 29.39
C PHE A 240 16.75 -19.24 30.91
N PHE A 241 15.58 -19.61 31.45
CA PHE A 241 15.37 -19.74 32.91
C PHE A 241 14.54 -20.96 33.27
N VAL A 242 14.72 -21.43 34.51
CA VAL A 242 13.93 -22.52 35.05
C VAL A 242 13.44 -22.13 36.45
N VAL A 243 12.16 -22.35 36.71
CA VAL A 243 11.55 -22.04 38.02
C VAL A 243 10.88 -23.28 38.63
N ASN A 244 11.05 -23.45 39.94
CA ASN A 244 10.41 -24.55 40.66
C ASN A 244 9.00 -24.13 41.07
N THR A 245 7.98 -24.75 40.47
CA THR A 245 6.58 -24.40 40.79
C THR A 245 6.06 -25.01 42.10
N ASP A 246 6.84 -25.90 42.71
CA ASP A 246 6.44 -26.54 43.97
C ASP A 246 6.85 -25.72 45.21
N SER A 247 7.60 -24.64 45.00
CA SER A 247 8.10 -23.89 46.13
C SER A 247 7.77 -22.41 46.00
N LEU A 248 6.63 -22.13 45.36
CA LEU A 248 6.18 -20.75 45.19
C LEU A 248 5.61 -20.21 46.49
N SER A 249 5.78 -18.90 46.71
CA SER A 249 5.32 -18.26 47.94
C SER A 249 4.40 -17.10 47.61
N SER A 250 3.37 -16.93 48.43
CA SER A 250 2.48 -15.77 48.38
C SER A 250 3.13 -14.54 48.99
N VAL A 251 4.18 -14.74 49.78
CA VAL A 251 4.83 -13.64 50.51
C VAL A 251 6.06 -13.09 49.78
N THR A 252 6.71 -13.91 48.96
CA THR A 252 7.92 -13.46 48.28
C THR A 252 7.83 -13.80 46.81
N ASN A 253 8.55 -13.03 46.00
CA ASN A 253 8.62 -13.27 44.58
C ASN A 253 9.40 -14.53 44.26
N ALA A 254 9.09 -15.14 43.14
CA ALA A 254 9.64 -16.44 42.77
C ALA A 254 11.03 -16.27 42.20
N THR A 255 11.87 -17.27 42.41
CA THR A 255 13.24 -17.23 41.93
C THR A 255 13.39 -18.09 40.68
N SER A 256 13.76 -17.43 39.59
CA SER A 256 14.05 -18.15 38.38
C SER A 256 15.56 -18.34 38.29
N ILE A 257 15.99 -19.56 37.96
CA ILE A 257 17.42 -19.86 37.77
C ILE A 257 17.76 -19.76 36.28
N GLN A 258 18.80 -19.00 35.95
CA GLN A 258 19.21 -18.85 34.55
C GLN A 258 20.20 -19.93 34.15
N ILE A 259 20.03 -20.47 32.94
CA ILE A 259 21.04 -21.32 32.33
C ILE A 259 21.61 -20.50 31.18
N THR A 260 22.90 -20.17 31.25
CA THR A 260 23.50 -19.37 30.19
C THR A 260 23.99 -20.25 29.03
N ALA A 261 24.12 -19.64 27.86
CA ALA A 261 24.58 -20.37 26.67
C ALA A 261 26.08 -20.62 26.79
N PRO A 262 26.59 -21.63 26.07
CA PRO A 262 28.02 -21.94 26.09
C PRO A 262 28.86 -20.81 25.54
N ALA A 263 30.14 -20.79 25.90
CA ALA A 263 31.00 -19.65 25.57
C ALA A 263 31.20 -19.51 24.06
N SER A 264 31.23 -20.66 23.37
CA SER A 264 31.29 -20.69 21.91
C SER A 264 30.07 -20.07 21.23
N MET A 265 28.95 -19.90 21.96
CA MET A 265 27.81 -19.13 21.47
C MET A 265 27.86 -17.67 21.91
N LEU A 266 28.22 -17.44 23.16
CA LEU A 266 28.26 -16.10 23.72
C LEU A 266 29.25 -15.17 22.99
N ILE A 267 30.25 -15.72 22.30
CA ILE A 267 31.19 -14.90 21.53
C ILE A 267 30.56 -13.97 20.50
N GLY A 268 29.35 -14.29 20.03
CA GLY A 268 28.67 -13.47 19.05
C GLY A 268 27.17 -13.72 19.00
N ASP A 269 26.53 -13.21 17.97
CA ASP A 269 25.09 -13.39 17.80
C ASP A 269 24.73 -14.89 17.74
N HIS A 270 23.62 -15.26 18.39
CA HIS A 270 23.17 -16.64 18.43
C HIS A 270 21.66 -16.74 18.65
N TYR A 271 21.15 -17.97 18.55
CA TYR A 271 19.77 -18.34 18.79
C TYR A 271 19.68 -19.53 19.77
N LEU A 272 18.60 -19.58 20.55
CA LEU A 272 18.17 -20.81 21.24
C LEU A 272 17.26 -21.51 20.24
N CYS A 273 17.50 -22.78 19.93
CA CYS A 273 16.72 -23.40 18.84
C CYS A 273 15.92 -24.65 19.17
N ASP A 274 16.14 -25.20 20.37
CA ASP A 274 15.45 -26.40 20.82
C ASP A 274 15.54 -26.50 22.34
N VAL A 275 14.43 -26.90 22.95
CA VAL A 275 14.37 -27.24 24.38
C VAL A 275 13.60 -28.54 24.55
N THR A 276 14.25 -29.52 25.18
CA THR A 276 13.67 -30.85 25.37
C THR A 276 14.06 -31.35 26.76
N TRP A 277 13.08 -31.60 27.62
CA TRP A 277 13.33 -32.22 28.91
C TRP A 277 13.70 -33.68 28.68
N ALA A 278 14.74 -34.16 29.36
CA ALA A 278 15.16 -35.55 29.31
C ALA A 278 14.59 -36.37 30.47
N THR A 279 14.64 -35.82 31.68
CA THR A 279 14.08 -36.49 32.87
C THR A 279 13.44 -35.44 33.78
N GLN A 280 13.01 -35.84 34.97
CA GLN A 280 12.38 -34.90 35.90
C GLN A 280 13.35 -33.81 36.33
N GLU A 281 14.66 -34.09 36.24
CA GLU A 281 15.71 -33.19 36.73
C GLU A 281 16.83 -32.95 35.70
N ARG A 282 16.56 -33.24 34.44
CA ARG A 282 17.53 -33.05 33.35
C ARG A 282 16.90 -32.41 32.13
N ILE A 283 17.53 -31.32 31.67
CA ILE A 283 17.05 -30.63 30.47
C ILE A 283 18.15 -30.46 29.39
N SER A 284 17.75 -30.62 28.13
CA SER A 284 18.62 -30.34 27.00
C SER A 284 18.19 -29.08 26.25
N LEU A 285 19.20 -28.29 25.88
CA LEU A 285 19.03 -27.09 25.08
C LEU A 285 19.98 -27.14 23.88
N GLN A 286 19.48 -26.79 22.71
CA GLN A 286 20.38 -26.53 21.58
C GLN A 286 20.44 -25.05 21.23
N TRP A 287 21.67 -24.60 20.98
CA TRP A 287 21.95 -23.25 20.56
C TRP A 287 22.55 -23.26 19.15
N LEU A 288 22.34 -22.19 18.40
CA LEU A 288 22.75 -22.10 16.99
C LEU A 288 23.41 -20.73 16.78
N ARG A 289 24.61 -20.71 16.20
CA ARG A 289 25.25 -19.44 15.85
C ARG A 289 24.47 -18.71 14.78
N ARG A 290 24.60 -17.38 14.71
CA ARG A 290 23.93 -16.61 13.65
C ARG A 290 24.35 -17.04 12.24
N ILE A 291 25.61 -17.45 12.11
CA ILE A 291 26.07 -18.21 10.95
C ILE A 291 25.73 -19.65 11.25
N GLN A 292 24.67 -20.12 10.60
CA GLN A 292 23.90 -21.27 11.07
C GLN A 292 24.47 -22.62 10.64
N ASN A 293 25.79 -22.73 10.66
CA ASN A 293 26.46 -23.99 10.36
C ASN A 293 27.23 -24.57 11.53
N TYR A 294 26.91 -24.07 12.73
CA TYR A 294 27.50 -24.53 13.97
C TYR A 294 26.45 -24.46 15.10
N SER A 295 26.22 -25.60 15.76
CA SER A 295 25.19 -25.80 16.76
C SER A 295 25.82 -26.51 17.95
N VAL A 296 25.39 -26.16 19.16
CA VAL A 296 25.83 -26.85 20.38
C VAL A 296 24.64 -27.27 21.26
N MET A 297 24.64 -28.52 21.70
CA MET A 297 23.72 -29.03 22.73
C MET A 297 24.38 -29.11 24.10
N ASP A 298 23.71 -28.52 25.08
CA ASP A 298 24.07 -28.62 26.50
C ASP A 298 23.04 -29.54 27.17
N ILE A 299 23.50 -30.34 28.11
CA ILE A 299 22.64 -31.20 28.89
C ILE A 299 22.81 -30.82 30.35
N CYS A 300 21.75 -30.31 30.97
CA CYS A 300 21.78 -29.67 32.28
C CYS A 300 20.99 -30.42 33.36
N ASP A 301 21.63 -30.60 34.50
CA ASP A 301 21.11 -31.36 35.65
C ASP A 301 20.86 -30.45 36.85
N TYR A 302 19.71 -30.63 37.49
CA TYR A 302 19.39 -29.96 38.74
C TYR A 302 20.31 -30.45 39.85
N ASP A 303 20.82 -29.49 40.64
CA ASP A 303 21.63 -29.76 41.83
C ASP A 303 20.83 -29.36 43.07
N GLU A 304 20.35 -30.38 43.79
CA GLU A 304 19.38 -30.17 44.86
C GLU A 304 19.98 -29.42 46.05
N SER A 305 21.28 -29.52 46.27
CA SER A 305 21.90 -28.83 47.40
C SER A 305 22.17 -27.36 47.12
N SER A 306 22.40 -27.03 45.85
CA SER A 306 22.65 -25.63 45.47
C SER A 306 21.40 -24.98 44.90
N GLY A 307 20.43 -25.79 44.49
CA GLY A 307 19.24 -25.30 43.81
C GLY A 307 19.50 -24.74 42.42
N ARG A 308 20.62 -25.13 41.82
CA ARG A 308 21.03 -24.61 40.52
C ARG A 308 21.09 -25.70 39.47
N TRP A 309 21.27 -25.27 38.23
CA TRP A 309 21.28 -26.15 37.07
C TRP A 309 22.67 -26.10 36.47
N ASN A 310 23.33 -27.26 36.43
CA ASN A 310 24.70 -27.33 35.94
C ASN A 310 24.77 -28.16 34.67
N CYS A 311 25.51 -27.63 33.69
CA CYS A 311 25.67 -28.25 32.39
C CYS A 311 27.14 -28.67 32.19
N LEU A 312 27.46 -29.92 32.47
CA LEU A 312 28.84 -30.42 32.29
C LEU A 312 29.35 -30.37 30.85
N VAL A 313 30.56 -29.83 30.69
CA VAL A 313 31.21 -29.68 29.39
C VAL A 313 31.46 -31.03 28.72
N ALA A 314 31.69 -32.07 29.51
CA ALA A 314 31.76 -33.43 28.98
C ALA A 314 30.45 -33.95 28.37
N ARG A 315 29.32 -33.29 28.66
CA ARG A 315 28.03 -33.68 28.06
C ARG A 315 27.59 -32.75 26.93
N GLN A 316 28.51 -31.94 26.43
CA GLN A 316 28.21 -31.03 25.32
C GLN A 316 28.37 -31.77 24.00
N HIS A 317 27.49 -31.48 23.04
CA HIS A 317 27.49 -32.16 21.74
C HIS A 317 27.42 -31.13 20.62
N ILE A 318 28.47 -31.10 19.80
CA ILE A 318 28.59 -30.12 18.73
C ILE A 318 28.12 -30.71 17.41
N GLU A 319 27.47 -29.87 16.62
CA GLU A 319 26.93 -30.28 15.33
C GLU A 319 27.30 -29.18 14.34
N MET A 320 28.00 -29.54 13.27
CA MET A 320 28.36 -28.55 12.25
C MET A 320 28.25 -29.07 10.82
N SER A 321 28.22 -28.15 9.87
CA SER A 321 28.10 -28.50 8.46
C SER A 321 29.17 -27.79 7.65
N THR A 322 29.87 -28.56 6.83
CA THR A 322 30.88 -28.00 5.93
C THR A 322 30.27 -27.59 4.60
N THR A 323 29.09 -28.15 4.25
CA THR A 323 28.48 -27.91 2.94
C THR A 323 27.28 -26.94 2.96
N GLY A 324 26.71 -26.73 4.13
CA GLY A 324 25.52 -25.88 4.25
C GLY A 324 25.25 -25.47 5.67
N TRP A 325 23.96 -25.47 6.02
CA TRP A 325 23.46 -25.10 7.35
C TRP A 325 23.22 -26.40 8.14
N VAL A 326 22.89 -26.31 9.43
CA VAL A 326 22.61 -27.48 10.30
C VAL A 326 21.11 -27.79 10.38
N GLY A 327 20.74 -29.04 10.07
CA GLY A 327 19.34 -29.46 10.06
C GLY A 327 18.58 -29.11 8.80
N ARG A 328 17.39 -29.67 8.62
CA ARG A 328 16.58 -29.33 7.44
C ARG A 328 16.21 -27.84 7.46
N PHE A 329 15.59 -27.40 8.54
CA PHE A 329 15.40 -25.98 8.81
C PHE A 329 16.01 -25.50 10.12
N ARG A 330 16.39 -26.41 11.01
CA ARG A 330 17.02 -26.10 12.31
C ARG A 330 17.55 -27.43 12.86
N PRO A 331 18.47 -27.40 13.81
CA PRO A 331 18.94 -28.67 14.38
C PRO A 331 17.78 -29.55 14.88
N SER A 332 17.92 -30.86 14.72
CA SER A 332 16.83 -31.78 15.03
C SER A 332 16.65 -31.96 16.55
N GLU A 333 15.49 -32.46 16.96
CA GLU A 333 15.22 -32.67 18.38
C GLU A 333 15.71 -34.04 18.84
N PRO A 334 16.27 -34.10 20.04
CA PRO A 334 16.72 -35.37 20.59
C PRO A 334 15.59 -36.15 21.22
N HIS A 335 15.69 -37.47 21.20
CA HIS A 335 14.68 -38.34 21.80
C HIS A 335 15.40 -39.17 22.85
N PHE A 336 15.16 -38.82 24.12
CA PHE A 336 15.84 -39.45 25.23
C PHE A 336 15.19 -40.73 25.64
N THR A 337 16.01 -41.67 26.09
CA THR A 337 15.51 -42.89 26.71
C THR A 337 14.93 -42.60 28.10
N LEU A 338 14.32 -43.61 28.72
CA LEU A 338 13.64 -43.40 30.02
C LEU A 338 14.52 -42.89 31.14
N ASP A 339 15.71 -43.47 31.29
CA ASP A 339 16.69 -42.96 32.24
C ASP A 339 17.43 -41.68 31.81
N GLY A 340 17.26 -41.26 30.56
CA GLY A 340 17.86 -40.03 30.09
C GLY A 340 19.37 -40.03 29.93
N ASN A 341 20.00 -41.21 29.91
CA ASN A 341 21.47 -41.31 29.81
C ASN A 341 21.96 -41.43 28.34
N SER A 342 21.02 -41.61 27.43
CA SER A 342 21.33 -41.74 26.01
C SER A 342 20.13 -41.16 25.22
N PHE A 343 20.36 -40.82 23.94
CA PHE A 343 19.30 -40.31 23.09
C PHE A 343 19.55 -40.57 21.62
N TYR A 344 18.45 -40.54 20.87
CA TYR A 344 18.45 -40.74 19.42
C TYR A 344 18.13 -39.42 18.74
N LYS A 345 18.75 -39.16 17.60
CA LYS A 345 18.58 -37.88 16.93
C LYS A 345 18.91 -38.02 15.41
N ILE A 346 18.13 -37.36 14.55
CA ILE A 346 18.43 -37.37 13.12
C ILE A 346 19.58 -36.42 12.79
N ILE A 347 20.62 -36.94 12.12
CA ILE A 347 21.88 -36.26 11.74
C ILE A 347 22.22 -36.62 10.27
N SER A 348 22.82 -35.69 9.53
CA SER A 348 23.26 -35.96 8.17
C SER A 348 24.52 -36.82 8.25
N ASN A 349 24.51 -37.95 7.58
CA ASN A 349 25.66 -38.85 7.64
C ASN A 349 26.82 -38.42 6.71
N GLU A 350 27.83 -39.28 6.59
CA GLU A 350 29.05 -38.94 5.87
C GLU A 350 28.80 -38.86 4.35
N GLU A 351 27.69 -39.43 3.89
CA GLU A 351 27.28 -39.24 2.49
C GLU A 351 26.19 -38.19 2.27
N GLY A 352 25.82 -37.47 3.32
CA GLY A 352 24.86 -36.39 3.20
C GLY A 352 23.41 -36.84 3.30
N TYR A 353 23.15 -38.08 3.75
CA TYR A 353 21.76 -38.53 3.94
C TYR A 353 21.41 -38.54 5.41
N ARG A 354 20.21 -38.07 5.74
CA ARG A 354 19.81 -37.90 7.14
C ARG A 354 19.25 -39.21 7.70
N HIS A 355 19.90 -39.65 8.76
CA HIS A 355 19.68 -40.95 9.38
C HIS A 355 19.71 -40.81 10.90
N ILE A 356 19.25 -41.84 11.61
CA ILE A 356 19.15 -41.81 13.06
C ILE A 356 20.49 -42.18 13.69
N CYS A 357 20.97 -41.31 14.57
CA CYS A 357 22.21 -41.52 15.28
C CYS A 357 21.92 -41.74 16.78
N TYR A 358 22.64 -42.65 17.40
CA TYR A 358 22.48 -42.97 18.83
C TYR A 358 23.65 -42.41 19.61
N PHE A 359 23.34 -41.48 20.52
CA PHE A 359 24.29 -40.79 21.37
C PHE A 359 24.22 -41.27 22.83
N GLN A 360 25.37 -41.30 23.50
CA GLN A 360 25.45 -41.43 24.96
C GLN A 360 25.69 -40.03 25.47
N ILE A 361 25.13 -39.65 26.62
CA ILE A 361 25.15 -38.22 26.99
C ILE A 361 26.55 -37.65 27.23
N ASP A 362 27.49 -38.51 27.58
CA ASP A 362 28.86 -38.08 27.83
C ASP A 362 29.88 -38.67 26.84
N LYS A 363 29.45 -38.98 25.62
CA LYS A 363 30.38 -39.44 24.60
C LYS A 363 30.21 -38.60 23.34
N LYS A 364 31.34 -38.25 22.71
CA LYS A 364 31.34 -37.43 21.50
C LYS A 364 30.82 -38.17 20.27
N ASP A 365 31.26 -39.40 20.08
CA ASP A 365 30.92 -40.14 18.87
C ASP A 365 29.56 -40.79 19.01
N CYS A 366 28.71 -40.63 18.00
CA CYS A 366 27.46 -41.37 17.92
C CYS A 366 27.54 -42.52 16.92
N THR A 367 26.58 -43.43 16.99
CA THR A 367 26.48 -44.59 16.10
C THR A 367 25.22 -44.47 15.23
N PHE A 368 25.38 -44.46 13.91
CA PHE A 368 24.24 -44.46 13.00
C PHE A 368 23.56 -45.84 13.10
N ILE A 369 22.27 -45.83 13.35
CA ILE A 369 21.52 -47.08 13.40
C ILE A 369 20.73 -47.36 12.12
N THR A 370 20.60 -46.35 11.25
CA THR A 370 20.09 -46.53 9.89
C THR A 370 21.09 -45.97 8.88
N LYS A 371 20.97 -46.42 7.63
CA LYS A 371 21.82 -45.97 6.55
C LYS A 371 21.16 -46.30 5.21
N GLY A 372 21.58 -45.61 4.15
CA GLY A 372 21.12 -45.88 2.80
C GLY A 372 20.90 -44.60 2.02
N THR A 373 20.62 -44.70 0.71
CA THR A 373 20.42 -43.53 -0.14
C THR A 373 18.94 -43.16 -0.14
N TRP A 374 18.48 -42.79 1.05
CA TRP A 374 17.11 -42.38 1.35
C TRP A 374 17.23 -41.66 2.73
N GLU A 375 16.15 -41.06 3.25
CA GLU A 375 16.21 -40.33 4.52
C GLU A 375 15.10 -40.64 5.55
N VAL A 376 15.49 -40.54 6.82
CA VAL A 376 14.54 -40.58 7.90
C VAL A 376 13.88 -39.20 7.99
N ILE A 377 12.55 -39.17 8.03
CA ILE A 377 11.75 -37.92 8.09
C ILE A 377 11.54 -37.44 9.52
N GLY A 378 11.21 -38.38 10.40
CA GLY A 378 11.05 -38.04 11.81
C GLY A 378 11.08 -39.30 12.66
N ILE A 379 11.46 -39.13 13.92
CA ILE A 379 11.35 -40.15 14.96
C ILE A 379 10.01 -39.95 15.67
N GLU A 380 9.19 -41.00 15.74
CA GLU A 380 7.81 -40.89 16.20
C GLU A 380 7.56 -41.44 17.59
N ALA A 381 8.24 -42.52 17.96
CA ALA A 381 8.11 -43.06 19.32
C ALA A 381 9.34 -43.89 19.65
N LEU A 382 9.56 -44.06 20.95
CA LEU A 382 10.70 -44.77 21.48
C LEU A 382 10.25 -45.57 22.69
N THR A 383 10.52 -46.87 22.67
CA THR A 383 10.43 -47.71 23.85
C THR A 383 11.76 -48.39 24.11
N SER A 384 11.81 -49.25 25.13
CA SER A 384 13.05 -49.92 25.47
C SER A 384 13.48 -50.91 24.37
N ASP A 385 12.53 -51.41 23.59
CA ASP A 385 12.85 -52.40 22.56
C ASP A 385 12.91 -51.87 21.12
N TYR A 386 12.14 -50.81 20.83
CA TYR A 386 11.97 -50.32 19.45
C TYR A 386 11.97 -48.81 19.41
N LEU A 387 12.49 -48.30 18.30
CA LEU A 387 12.30 -46.94 17.88
C LEU A 387 11.49 -46.94 16.59
N TYR A 388 10.45 -46.12 16.60
CA TYR A 388 9.52 -46.02 15.49
C TYR A 388 9.78 -44.71 14.75
N TYR A 389 9.89 -44.80 13.42
CA TYR A 389 10.23 -43.66 12.57
C TYR A 389 9.52 -43.70 11.20
N ILE A 390 9.35 -42.54 10.59
CA ILE A 390 8.85 -42.42 9.22
C ILE A 390 10.03 -42.19 8.26
N SER A 391 10.03 -42.85 7.11
CA SER A 391 11.10 -42.63 6.12
C SER A 391 10.54 -42.73 4.71
N ASN A 392 11.33 -42.29 3.74
CA ASN A 392 11.01 -42.47 2.33
C ASN A 392 11.82 -43.58 1.65
N GLU A 393 12.19 -44.59 2.43
CA GLU A 393 12.88 -45.75 1.88
C GLU A 393 12.12 -46.55 0.80
N TYR A 394 10.83 -46.83 1.03
CA TYR A 394 10.10 -47.80 0.23
C TYR A 394 10.13 -47.44 -1.25
N LYS A 395 10.51 -48.41 -2.07
CA LYS A 395 10.56 -48.27 -3.52
C LYS A 395 11.46 -47.13 -4.02
N GLY A 396 12.35 -46.63 -3.15
CA GLY A 396 13.23 -45.54 -3.54
C GLY A 396 12.47 -44.30 -3.99
N MET A 397 11.27 -44.09 -3.48
CA MET A 397 10.46 -42.92 -3.85
C MET A 397 10.56 -41.83 -2.79
N PRO A 398 11.29 -40.75 -3.06
CA PRO A 398 11.49 -39.71 -2.04
C PRO A 398 10.22 -38.95 -1.63
N GLY A 399 9.16 -39.07 -2.42
CA GLY A 399 7.86 -38.42 -2.17
C GLY A 399 6.79 -39.32 -1.53
N GLY A 400 7.20 -40.50 -1.08
CA GLY A 400 6.37 -41.39 -0.26
C GLY A 400 6.87 -41.43 1.19
N ARG A 401 6.02 -41.94 2.07
CA ARG A 401 6.30 -41.93 3.51
C ARG A 401 5.66 -43.15 4.14
N ASN A 402 6.46 -43.89 4.92
CA ASN A 402 6.00 -45.10 5.60
C ASN A 402 6.54 -45.18 7.02
N LEU A 403 5.83 -45.90 7.87
CA LEU A 403 6.22 -46.12 9.25
C LEU A 403 7.01 -47.45 9.37
N TYR A 404 8.15 -47.35 10.05
CA TYR A 404 9.06 -48.45 10.30
C TYR A 404 9.35 -48.57 11.81
N LYS A 405 9.80 -49.75 12.23
CA LYS A 405 10.38 -49.91 13.57
C LYS A 405 11.71 -50.65 13.42
N ILE A 406 12.67 -50.20 14.22
CA ILE A 406 13.99 -50.81 14.26
C ILE A 406 14.23 -51.38 15.64
N GLN A 407 14.66 -52.64 15.67
CA GLN A 407 14.96 -53.35 16.91
C GLN A 407 16.25 -52.81 17.50
N LEU A 408 16.13 -52.24 18.69
CA LEU A 408 17.26 -51.57 19.31
C LEU A 408 18.38 -52.50 19.73
N SER A 409 18.10 -53.79 19.93
CA SER A 409 19.16 -54.75 20.24
C SER A 409 19.75 -55.41 18.99
N ASP A 410 19.22 -55.10 17.81
CA ASP A 410 19.76 -55.65 16.55
C ASP A 410 19.28 -54.79 15.38
N TYR A 411 20.17 -53.92 14.91
CA TYR A 411 19.81 -52.88 13.97
C TYR A 411 19.53 -53.46 12.58
N THR A 412 19.94 -54.69 12.32
CA THR A 412 19.62 -55.31 11.02
C THR A 412 18.13 -55.71 10.93
N LYS A 413 17.44 -55.70 12.07
CA LYS A 413 16.02 -56.06 12.10
C LYS A 413 15.14 -54.81 12.06
N VAL A 414 14.85 -54.34 10.84
CA VAL A 414 13.87 -53.28 10.65
C VAL A 414 12.62 -53.79 9.89
N THR A 415 11.46 -53.39 10.39
CA THR A 415 10.18 -53.88 9.92
C THR A 415 9.39 -52.70 9.38
N CYS A 416 8.94 -52.76 8.13
CA CYS A 416 8.01 -51.74 7.65
C CYS A 416 6.61 -52.10 8.18
N LEU A 417 5.96 -51.14 8.82
CA LEU A 417 4.65 -51.33 9.43
C LEU A 417 3.50 -50.84 8.56
N SER A 418 3.77 -49.97 7.58
CA SER A 418 2.71 -49.42 6.74
C SER A 418 2.74 -49.80 5.25
N CYS A 419 3.88 -50.30 4.75
CA CYS A 419 4.14 -50.38 3.30
C CYS A 419 3.13 -51.24 2.58
N GLU A 420 2.79 -52.38 3.18
CA GLU A 420 1.96 -53.38 2.49
C GLU A 420 0.52 -53.40 2.95
N LEU A 421 0.11 -52.47 3.80
CA LEU A 421 -1.29 -52.44 4.24
C LEU A 421 -2.24 -52.27 3.08
N ASN A 422 -1.95 -51.29 2.21
CA ASN A 422 -2.70 -51.09 0.97
C ASN A 422 -1.83 -50.30 -0.01
N PRO A 423 -0.92 -51.01 -0.68
CA PRO A 423 0.11 -50.35 -1.48
C PRO A 423 -0.38 -49.49 -2.66
N GLU A 424 -1.53 -49.83 -3.22
CA GLU A 424 -2.06 -49.08 -4.34
C GLU A 424 -2.72 -47.76 -3.88
N ARG A 425 -3.43 -47.78 -2.76
CA ARG A 425 -4.08 -46.59 -2.23
C ARG A 425 -3.18 -45.75 -1.35
N CYS A 426 -2.27 -46.39 -0.64
CA CYS A 426 -1.60 -45.76 0.50
C CYS A 426 -0.09 -45.81 0.43
N GLN A 427 0.52 -44.67 0.13
CA GLN A 427 2.00 -44.54 0.03
C GLN A 427 2.57 -43.36 0.82
N TYR A 428 1.73 -42.64 1.57
CA TYR A 428 2.11 -41.47 2.32
C TYR A 428 1.38 -41.50 3.68
N TYR A 429 2.13 -41.80 4.74
CA TYR A 429 1.58 -41.98 6.08
C TYR A 429 2.21 -40.98 7.05
N SER A 430 1.44 -40.64 8.08
CA SER A 430 1.93 -40.05 9.31
C SER A 430 1.26 -40.89 10.42
N VAL A 431 1.67 -40.67 11.66
CA VAL A 431 1.21 -41.55 12.74
C VAL A 431 1.02 -40.76 14.04
N SER A 432 0.16 -41.26 14.93
CA SER A 432 0.02 -40.71 16.29
C SER A 432 -0.03 -41.84 17.33
N PHE A 433 1.00 -41.92 18.17
CA PHE A 433 1.09 -43.00 19.17
C PHE A 433 0.43 -42.62 20.49
N SER A 434 -0.13 -43.60 21.19
CA SER A 434 -0.60 -43.39 22.56
C SER A 434 0.56 -43.17 23.55
N LYS A 435 0.22 -42.91 24.80
CA LYS A 435 1.21 -42.41 25.76
C LYS A 435 2.46 -43.26 25.96
N GLU A 436 2.33 -44.58 25.95
CA GLU A 436 3.52 -45.44 26.11
C GLU A 436 3.69 -46.32 24.88
N ALA A 437 3.26 -45.79 23.73
CA ALA A 437 3.39 -46.47 22.45
C ALA A 437 2.64 -47.78 22.36
N LYS A 438 1.61 -47.94 23.19
CA LYS A 438 0.84 -49.18 23.18
C LYS A 438 -0.07 -49.30 21.96
N TYR A 439 -0.58 -48.17 21.50
CA TYR A 439 -1.42 -48.11 20.29
C TYR A 439 -0.89 -47.03 19.37
N TYR A 440 -1.22 -47.16 18.09
CA TYR A 440 -1.00 -46.09 17.13
C TYR A 440 -2.11 -45.93 16.08
N GLN A 441 -2.34 -44.67 15.73
CA GLN A 441 -3.23 -44.32 14.63
C GLN A 441 -2.36 -44.04 13.39
N LEU A 442 -2.66 -44.74 12.29
CA LEU A 442 -2.08 -44.41 10.98
C LEU A 442 -3.02 -43.51 10.18
N ARG A 443 -2.44 -42.55 9.50
CA ARG A 443 -3.14 -41.61 8.67
C ARG A 443 -2.44 -41.63 7.32
N CYS A 444 -3.12 -42.29 6.39
CA CYS A 444 -2.75 -42.37 4.97
C CYS A 444 -3.35 -41.16 4.24
N SER A 445 -2.50 -40.41 3.55
CA SER A 445 -2.90 -39.20 2.81
C SER A 445 -2.94 -39.31 1.29
N GLY A 446 -2.59 -40.48 0.73
CA GLY A 446 -2.58 -40.66 -0.71
C GLY A 446 -1.68 -41.79 -1.14
N PRO A 447 -1.77 -42.17 -2.43
CA PRO A 447 -2.37 -41.35 -3.49
C PRO A 447 -3.90 -41.52 -3.63
N GLY A 448 -4.48 -42.53 -3.00
CA GLY A 448 -5.93 -42.71 -2.95
C GLY A 448 -6.58 -41.83 -1.88
N LEU A 449 -7.86 -42.05 -1.59
CA LEU A 449 -8.54 -41.22 -0.58
C LEU A 449 -7.97 -41.49 0.83
N PRO A 450 -7.83 -40.46 1.67
CA PRO A 450 -7.31 -40.65 3.02
C PRO A 450 -8.05 -41.72 3.83
N LEU A 451 -7.26 -42.46 4.60
CA LEU A 451 -7.69 -43.63 5.33
C LEU A 451 -7.02 -43.58 6.71
N TYR A 452 -7.83 -43.69 7.75
CA TYR A 452 -7.42 -43.61 9.15
C TYR A 452 -7.75 -44.92 9.81
N THR A 453 -6.73 -45.53 10.42
CA THR A 453 -6.83 -46.86 11.03
C THR A 453 -6.15 -46.86 12.39
N LEU A 454 -6.58 -47.78 13.27
CA LEU A 454 -5.99 -47.93 14.62
C LEU A 454 -5.30 -49.29 14.73
N HIS A 455 -4.16 -49.30 15.42
CA HIS A 455 -3.28 -50.45 15.53
C HIS A 455 -2.79 -50.65 16.95
N SER A 456 -2.44 -51.89 17.27
CA SER A 456 -1.77 -52.22 18.54
C SER A 456 -0.32 -52.63 18.30
N SER A 457 0.58 -52.06 19.09
CA SER A 457 2.01 -52.23 18.91
C SER A 457 2.54 -53.60 19.22
N VAL A 458 1.98 -54.30 20.19
CA VAL A 458 2.63 -55.52 20.65
C VAL A 458 2.81 -56.56 19.52
N ASN A 459 1.81 -56.74 18.67
CA ASN A 459 1.99 -57.59 17.50
C ASN A 459 1.65 -56.87 16.19
N ASP A 460 1.64 -55.55 16.21
CA ASP A 460 1.18 -54.71 15.09
C ASP A 460 -0.15 -55.14 14.46
N LYS A 461 -1.11 -55.48 15.31
CA LYS A 461 -2.46 -55.82 14.84
C LYS A 461 -3.18 -54.58 14.31
N GLY A 462 -3.95 -54.77 13.25
CA GLY A 462 -4.86 -53.74 12.73
C GLY A 462 -6.20 -53.98 13.40
N LEU A 463 -6.54 -53.09 14.32
CA LEU A 463 -7.69 -53.28 15.19
C LEU A 463 -8.96 -52.78 14.52
N ARG A 464 -8.92 -51.59 13.93
CA ARG A 464 -10.05 -51.08 13.14
C ARG A 464 -9.88 -49.88 12.23
N VAL A 465 -10.87 -49.74 11.36
CA VAL A 465 -10.95 -48.62 10.41
C VAL A 465 -11.75 -47.52 11.10
N LEU A 466 -11.10 -46.38 11.29
CA LEU A 466 -11.71 -45.23 11.96
C LEU A 466 -12.49 -44.35 10.97
N GLU A 467 -11.93 -44.13 9.78
CA GLU A 467 -12.59 -43.34 8.76
C GLU A 467 -11.98 -43.71 7.39
N ASP A 468 -12.80 -44.14 6.44
CA ASP A 468 -12.28 -44.56 5.13
C ASP A 468 -12.67 -43.68 3.94
N ASN A 469 -13.35 -42.56 4.20
CA ASN A 469 -13.83 -41.70 3.14
C ASN A 469 -14.68 -42.37 2.06
N SER A 470 -15.46 -43.38 2.44
CA SER A 470 -16.28 -44.10 1.47
C SER A 470 -17.42 -43.23 0.92
N ALA A 471 -18.00 -42.35 1.72
CA ALA A 471 -19.00 -41.42 1.21
C ALA A 471 -18.45 -40.54 0.07
N LEU A 472 -17.29 -39.90 0.28
CA LEU A 472 -16.64 -39.12 -0.78
C LEU A 472 -16.27 -39.94 -2.01
N ASP A 473 -15.80 -41.16 -1.80
CA ASP A 473 -15.53 -42.05 -2.91
C ASP A 473 -16.79 -42.22 -3.79
N LYS A 474 -17.94 -42.44 -3.17
CA LYS A 474 -19.17 -42.60 -3.93
C LYS A 474 -19.50 -41.34 -4.73
N MET A 475 -19.41 -40.19 -4.08
CA MET A 475 -19.61 -38.91 -4.77
C MET A 475 -18.65 -38.71 -5.95
N LEU A 476 -17.36 -38.92 -5.71
CA LEU A 476 -16.35 -38.65 -6.75
C LEU A 476 -16.47 -39.56 -7.98
N GLN A 477 -17.04 -40.75 -7.81
CA GLN A 477 -17.31 -41.63 -8.95
C GLN A 477 -18.19 -40.93 -9.98
N ASN A 478 -18.94 -39.93 -9.53
CA ASN A 478 -19.80 -39.14 -10.39
C ASN A 478 -19.23 -37.95 -11.12
N VAL A 479 -17.93 -37.69 -10.96
CA VAL A 479 -17.31 -36.52 -11.56
C VAL A 479 -16.05 -36.96 -12.33
N GLN A 480 -15.72 -36.22 -13.38
CA GLN A 480 -14.58 -36.55 -14.22
C GLN A 480 -13.30 -35.99 -13.58
N MET A 481 -12.74 -36.78 -12.66
CA MET A 481 -11.56 -36.36 -11.93
C MET A 481 -10.28 -36.55 -12.75
N PRO A 482 -9.29 -35.68 -12.50
CA PRO A 482 -8.00 -35.78 -13.13
C PRO A 482 -7.20 -36.93 -12.52
N SER A 483 -6.16 -37.39 -13.20
CA SER A 483 -5.22 -38.36 -12.62
C SER A 483 -3.94 -37.63 -12.23
N LYS A 484 -3.09 -38.32 -11.48
CA LYS A 484 -1.78 -37.83 -11.09
C LYS A 484 -0.69 -38.84 -11.47
N LYS A 485 0.30 -38.37 -12.21
CA LYS A 485 1.51 -39.14 -12.51
C LYS A 485 2.67 -38.60 -11.69
N LEU A 486 3.41 -39.51 -11.02
CA LEU A 486 4.67 -39.18 -10.36
C LEU A 486 5.83 -39.93 -11.04
N ASP A 487 6.88 -39.22 -11.44
CA ASP A 487 7.95 -39.84 -12.21
C ASP A 487 9.21 -38.98 -12.14
N PHE A 488 10.22 -39.31 -12.95
CA PHE A 488 11.50 -38.62 -12.85
C PHE A 488 12.17 -38.36 -14.18
N ILE A 489 12.97 -37.31 -14.25
CA ILE A 489 13.87 -37.13 -15.37
C ILE A 489 15.29 -37.20 -14.83
N ILE A 490 16.24 -37.47 -15.72
CA ILE A 490 17.63 -37.56 -15.28
C ILE A 490 18.42 -36.38 -15.79
N LEU A 491 18.89 -35.55 -14.86
CA LEU A 491 19.78 -34.43 -15.18
C LEU A 491 21.18 -34.75 -14.66
N ASN A 492 22.13 -34.54 -15.56
CA ASN A 492 23.41 -35.23 -15.60
C ASN A 492 23.67 -36.22 -14.47
N GLU A 493 23.09 -37.41 -14.64
CA GLU A 493 23.34 -38.55 -13.79
C GLU A 493 22.53 -38.60 -12.51
N THR A 494 21.62 -37.65 -12.30
CA THR A 494 20.83 -37.62 -11.07
C THR A 494 19.34 -37.66 -11.41
N LYS A 495 18.56 -38.42 -10.65
CA LYS A 495 17.12 -38.42 -10.85
C LYS A 495 16.54 -37.20 -10.15
N PHE A 496 15.71 -36.45 -10.87
CA PHE A 496 14.88 -35.40 -10.25
C PHE A 496 13.41 -35.70 -10.55
N TRP A 497 12.60 -35.64 -9.51
CA TRP A 497 11.20 -36.07 -9.57
C TRP A 497 10.23 -34.95 -9.92
N TYR A 498 9.15 -35.36 -10.59
CA TYR A 498 8.07 -34.45 -10.96
C TYR A 498 6.71 -35.16 -10.87
N GLN A 499 5.66 -34.36 -10.72
CA GLN A 499 4.30 -34.84 -10.80
C GLN A 499 3.56 -34.02 -11.82
N MET A 500 2.58 -34.65 -12.47
CA MET A 500 1.65 -33.98 -13.37
C MET A 500 0.20 -34.36 -13.00
N ILE A 501 -0.64 -33.34 -12.83
CA ILE A 501 -2.08 -33.50 -12.74
C ILE A 501 -2.59 -33.43 -14.17
N LEU A 502 -3.10 -34.58 -14.63
CA LEU A 502 -3.47 -34.80 -16.01
C LEU A 502 -4.99 -34.75 -16.15
N PRO A 503 -5.50 -34.10 -17.19
CA PRO A 503 -6.94 -34.06 -17.43
C PRO A 503 -7.59 -35.44 -17.57
N PRO A 504 -8.90 -35.52 -17.28
CA PRO A 504 -9.65 -36.75 -17.54
C PRO A 504 -9.60 -37.14 -19.01
N HIS A 505 -9.55 -38.44 -19.29
CA HIS A 505 -9.46 -38.90 -20.69
C HIS A 505 -8.21 -38.39 -21.39
N PHE A 506 -7.12 -38.31 -20.64
CA PHE A 506 -5.86 -37.84 -21.16
C PHE A 506 -5.44 -38.61 -22.42
N ASP A 507 -5.16 -37.88 -23.48
CA ASP A 507 -4.84 -38.48 -24.77
C ASP A 507 -3.44 -38.01 -25.17
N LYS A 508 -2.46 -38.90 -25.10
CA LYS A 508 -1.06 -38.53 -25.31
C LYS A 508 -0.75 -38.13 -26.74
N SER A 509 -1.72 -38.34 -27.63
CA SER A 509 -1.63 -37.83 -28.99
C SER A 509 -2.23 -36.43 -29.14
N LYS A 510 -2.65 -35.79 -28.05
CA LYS A 510 -3.08 -34.38 -28.13
C LYS A 510 -2.03 -33.50 -27.47
N LYS A 511 -2.07 -32.20 -27.76
CA LYS A 511 -1.15 -31.25 -27.13
C LYS A 511 -1.90 -30.33 -26.18
N TYR A 512 -1.62 -30.46 -24.89
CA TYR A 512 -2.32 -29.73 -23.85
C TYR A 512 -1.48 -28.54 -23.41
N PRO A 513 -2.11 -27.44 -23.00
CA PRO A 513 -1.35 -26.39 -22.30
C PRO A 513 -0.87 -26.94 -20.96
N LEU A 514 0.17 -26.32 -20.42
CA LEU A 514 0.80 -26.79 -19.21
C LEU A 514 1.07 -25.60 -18.27
N LEU A 515 0.69 -25.77 -17.01
CA LEU A 515 1.04 -24.79 -15.98
C LEU A 515 2.01 -25.42 -15.02
N LEU A 516 3.13 -24.76 -14.81
CA LEU A 516 4.11 -25.16 -13.79
C LEU A 516 3.83 -24.48 -12.47
N ASP A 517 3.43 -25.29 -11.49
CA ASP A 517 3.16 -24.86 -10.13
C ASP A 517 4.46 -25.01 -9.35
N VAL A 518 5.03 -23.91 -8.89
CA VAL A 518 6.36 -23.94 -8.30
C VAL A 518 6.37 -23.45 -6.88
N TYR A 519 7.24 -24.05 -6.05
CA TYR A 519 7.60 -23.47 -4.76
C TYR A 519 9.12 -23.40 -4.74
N ALA A 520 9.80 -24.54 -4.62
CA ALA A 520 11.23 -24.67 -4.88
C ALA A 520 12.15 -24.02 -3.84
N GLY A 521 11.61 -23.68 -2.68
CA GLY A 521 12.45 -23.24 -1.56
C GLY A 521 13.33 -24.39 -1.08
N PRO A 522 14.37 -24.05 -0.31
CA PRO A 522 15.27 -25.04 0.22
C PRO A 522 14.56 -26.10 1.09
N CYS A 523 14.80 -27.37 0.79
CA CYS A 523 14.14 -28.50 1.43
C CYS A 523 12.67 -28.68 1.06
N SER A 524 12.22 -28.04 -0.01
CA SER A 524 10.82 -28.21 -0.44
C SER A 524 10.60 -29.53 -1.16
N GLN A 525 9.33 -29.93 -1.24
CA GLN A 525 8.97 -31.09 -2.02
C GLN A 525 7.57 -30.85 -2.55
N LYS A 526 7.51 -30.68 -3.87
CA LYS A 526 6.24 -30.49 -4.59
C LYS A 526 5.80 -31.68 -5.41
N ALA A 527 6.65 -32.70 -5.50
CA ALA A 527 6.32 -33.96 -6.19
C ALA A 527 6.16 -35.06 -5.14
N ASP A 528 4.93 -35.52 -4.92
CA ASP A 528 4.68 -36.51 -3.88
C ASP A 528 3.43 -37.33 -4.17
N THR A 529 3.10 -38.24 -3.27
CA THR A 529 1.97 -39.14 -3.48
C THR A 529 0.70 -38.74 -2.72
N VAL A 530 0.63 -37.49 -2.28
CA VAL A 530 -0.53 -37.00 -1.53
C VAL A 530 -1.72 -36.69 -2.44
N PHE A 531 -2.91 -37.09 -1.98
CA PHE A 531 -4.16 -36.81 -2.66
C PHE A 531 -4.66 -35.41 -2.25
N ARG A 532 -4.89 -34.54 -3.23
CA ARG A 532 -5.37 -33.15 -2.99
C ARG A 532 -6.55 -32.78 -3.88
N LEU A 533 -7.44 -31.96 -3.33
CA LEU A 533 -8.56 -31.36 -4.04
C LEU A 533 -8.28 -29.86 -3.96
N ASN A 534 -7.80 -29.28 -5.06
CA ASN A 534 -7.35 -27.90 -5.04
C ASN A 534 -7.56 -27.20 -6.39
N TRP A 535 -6.98 -26.02 -6.54
CA TRP A 535 -7.13 -25.25 -7.77
C TRP A 535 -6.64 -26.05 -8.99
N ALA A 536 -5.52 -26.77 -8.86
CA ALA A 536 -5.07 -27.66 -9.95
C ALA A 536 -6.08 -28.71 -10.36
N THR A 537 -6.83 -29.24 -9.40
CA THR A 537 -7.89 -30.24 -9.71
C THR A 537 -8.87 -29.68 -10.72
N TYR A 538 -9.31 -28.46 -10.46
CA TYR A 538 -10.21 -27.72 -11.33
C TYR A 538 -9.57 -27.39 -12.69
N LEU A 539 -8.32 -26.94 -12.70
CA LEU A 539 -7.66 -26.58 -13.95
C LEU A 539 -7.50 -27.76 -14.89
N ALA A 540 -7.19 -28.93 -14.34
CA ALA A 540 -7.10 -30.15 -15.11
C ALA A 540 -8.48 -30.72 -15.50
N SER A 541 -9.38 -30.85 -14.54
CA SER A 541 -10.67 -31.49 -14.78
C SER A 541 -11.57 -30.66 -15.70
N THR A 542 -11.69 -29.37 -15.44
CA THR A 542 -12.59 -28.52 -16.20
C THR A 542 -11.93 -27.80 -17.38
N GLU A 543 -10.70 -27.31 -17.18
CA GLU A 543 -10.07 -26.53 -18.25
C GLU A 543 -9.09 -27.33 -19.15
N ASN A 544 -8.86 -28.61 -18.83
CA ASN A 544 -7.95 -29.47 -19.58
C ASN A 544 -6.51 -28.94 -19.67
N ILE A 545 -6.00 -28.40 -18.58
CA ILE A 545 -4.61 -27.94 -18.46
C ILE A 545 -3.84 -28.99 -17.67
N ILE A 546 -2.63 -29.34 -18.11
CA ILE A 546 -1.76 -30.19 -17.29
C ILE A 546 -1.07 -29.29 -16.26
N VAL A 547 -1.16 -29.65 -14.98
CA VAL A 547 -0.48 -28.88 -13.92
C VAL A 547 0.68 -29.72 -13.39
N ALA A 548 1.91 -29.26 -13.62
CA ALA A 548 3.11 -30.00 -13.28
C ALA A 548 3.89 -29.32 -12.18
N SER A 549 4.64 -30.10 -11.40
CA SER A 549 5.55 -29.60 -10.39
C SER A 549 6.81 -30.45 -10.43
N PHE A 550 7.93 -29.84 -10.03
CA PHE A 550 9.26 -30.41 -10.24
C PHE A 550 10.12 -30.06 -9.04
N ASP A 551 10.88 -31.03 -8.56
CA ASP A 551 11.79 -30.85 -7.44
C ASP A 551 13.22 -30.96 -7.98
N GLY A 552 13.88 -29.81 -8.10
CA GLY A 552 15.25 -29.77 -8.62
C GLY A 552 16.25 -29.51 -7.51
N ARG A 553 17.36 -28.87 -7.86
CA ARG A 553 18.42 -28.66 -6.89
C ARG A 553 17.92 -27.73 -5.81
N GLY A 554 18.32 -28.02 -4.59
CA GLY A 554 17.75 -27.36 -3.42
C GLY A 554 16.60 -28.10 -2.75
N SER A 555 16.00 -29.08 -3.43
CA SER A 555 14.84 -29.74 -2.88
C SER A 555 15.23 -30.72 -1.76
N GLY A 556 14.25 -31.09 -0.93
CA GLY A 556 14.53 -31.90 0.25
C GLY A 556 14.38 -33.40 0.12
N TYR A 557 14.81 -34.09 1.19
CA TYR A 557 14.51 -35.51 1.44
C TYR A 557 15.27 -36.46 0.50
N GLN A 558 16.28 -35.93 -0.19
CA GLN A 558 17.11 -36.71 -1.11
C GLN A 558 18.60 -36.58 -0.87
N GLY A 559 19.00 -36.16 0.33
CA GLY A 559 20.42 -35.96 0.62
C GLY A 559 20.90 -34.54 0.37
N ASP A 560 22.02 -34.21 1.01
CA ASP A 560 22.61 -32.88 0.99
C ASP A 560 23.29 -32.51 -0.33
N LYS A 561 23.77 -33.47 -1.13
CA LYS A 561 24.29 -33.09 -2.45
C LYS A 561 23.24 -32.31 -3.26
N ILE A 562 21.98 -32.73 -3.17
CA ILE A 562 20.88 -32.00 -3.80
C ILE A 562 20.44 -30.76 -2.99
N MET A 563 20.17 -30.95 -1.71
CA MET A 563 19.64 -29.85 -0.90
C MET A 563 20.61 -28.68 -0.73
N HIS A 564 21.89 -28.96 -0.47
CA HIS A 564 22.85 -27.87 -0.26
C HIS A 564 23.44 -27.33 -1.58
N ALA A 565 22.92 -27.75 -2.73
CA ALA A 565 23.43 -27.24 -4.00
C ALA A 565 23.23 -25.73 -4.11
N ILE A 566 22.20 -25.19 -3.45
CA ILE A 566 21.98 -23.74 -3.48
C ILE A 566 22.54 -22.97 -2.30
N ASN A 567 23.43 -23.59 -1.53
CA ASN A 567 24.03 -22.89 -0.39
C ASN A 567 24.73 -21.61 -0.85
N ARG A 568 24.37 -20.49 -0.22
CA ARG A 568 24.90 -19.15 -0.49
C ARG A 568 24.54 -18.61 -1.87
N ARG A 569 23.56 -19.24 -2.53
CA ARG A 569 23.28 -19.02 -3.94
C ARG A 569 21.81 -19.20 -4.29
N LEU A 570 20.93 -18.58 -3.49
CA LEU A 570 19.51 -18.60 -3.78
C LEU A 570 19.29 -17.86 -5.09
N GLY A 571 18.31 -18.33 -5.84
CA GLY A 571 17.99 -17.71 -7.10
C GLY A 571 18.91 -18.07 -8.24
N THR A 572 19.54 -19.24 -8.17
CA THR A 572 20.41 -19.73 -9.25
C THR A 572 19.90 -21.09 -9.71
N PHE A 573 20.42 -22.16 -9.13
CA PHE A 573 20.14 -23.51 -9.63
C PHE A 573 18.69 -23.91 -9.51
N GLU A 574 17.99 -23.47 -8.48
CA GLU A 574 16.59 -23.90 -8.33
C GLU A 574 15.69 -23.24 -9.41
N VAL A 575 16.05 -22.03 -9.82
CA VAL A 575 15.40 -21.31 -10.93
C VAL A 575 15.76 -21.96 -12.28
N GLU A 576 17.04 -22.18 -12.53
CA GLU A 576 17.50 -22.85 -13.76
C GLU A 576 16.87 -24.20 -13.96
N ASP A 577 16.75 -24.95 -12.87
CA ASP A 577 16.18 -26.29 -12.94
C ASP A 577 14.69 -26.33 -13.29
N GLN A 578 13.91 -25.34 -12.88
CA GLN A 578 12.49 -25.25 -13.28
C GLN A 578 12.37 -24.96 -14.78
N ILE A 579 13.28 -24.13 -15.31
CA ILE A 579 13.29 -23.85 -16.75
C ILE A 579 13.61 -25.12 -17.51
N GLU A 580 14.63 -25.85 -17.06
CA GLU A 580 15.02 -27.08 -17.71
C GLU A 580 13.90 -28.15 -17.72
N ALA A 581 13.22 -28.31 -16.59
CA ALA A 581 12.07 -29.19 -16.49
C ALA A 581 11.01 -28.85 -17.55
N ALA A 582 10.63 -27.58 -17.63
CA ALA A 582 9.63 -27.14 -18.58
C ALA A 582 10.10 -27.39 -20.01
N ARG A 583 11.38 -27.15 -20.24
CA ARG A 583 12.01 -27.41 -21.53
C ARG A 583 11.89 -28.89 -21.87
N GLN A 584 12.10 -29.74 -20.89
CA GLN A 584 11.90 -31.16 -21.10
C GLN A 584 10.43 -31.54 -21.29
N PHE A 585 9.54 -31.04 -20.43
CA PHE A 585 8.10 -31.28 -20.60
C PHE A 585 7.65 -30.81 -21.98
N SER A 586 8.20 -29.69 -22.44
CA SER A 586 7.78 -29.11 -23.71
C SER A 586 8.25 -29.91 -24.90
N LYS A 587 8.94 -31.02 -24.66
CA LYS A 587 9.36 -31.91 -25.73
C LYS A 587 8.73 -33.29 -25.65
N MET A 588 7.83 -33.51 -24.70
CA MET A 588 7.36 -34.88 -24.41
C MET A 588 6.29 -35.45 -25.35
N GLY A 589 5.65 -34.60 -26.16
CA GLY A 589 4.73 -35.08 -27.19
C GLY A 589 3.33 -34.55 -26.99
N PHE A 590 2.90 -34.46 -25.74
CA PHE A 590 1.52 -34.07 -25.41
C PHE A 590 1.41 -32.66 -24.80
N VAL A 591 2.45 -31.87 -24.95
CA VAL A 591 2.48 -30.50 -24.45
C VAL A 591 2.56 -29.52 -25.61
N ASP A 592 1.77 -28.46 -25.51
CA ASP A 592 1.76 -27.38 -26.48
C ASP A 592 2.84 -26.39 -26.09
N ASN A 593 3.94 -26.36 -26.84
CA ASN A 593 5.04 -25.49 -26.44
C ASN A 593 4.72 -24.00 -26.56
N LYS A 594 3.61 -23.66 -27.22
CA LYS A 594 3.18 -22.27 -27.31
C LYS A 594 2.35 -21.85 -26.09
N ARG A 595 2.03 -22.79 -25.21
CA ARG A 595 1.16 -22.51 -24.07
C ARG A 595 1.67 -23.13 -22.78
N ILE A 596 2.78 -22.59 -22.29
CA ILE A 596 3.34 -22.99 -21.01
C ILE A 596 3.42 -21.78 -20.11
N ALA A 597 2.94 -21.99 -18.89
CA ALA A 597 2.79 -20.93 -17.92
C ALA A 597 3.44 -21.38 -16.63
N ILE A 598 3.61 -20.43 -15.70
CA ILE A 598 4.23 -20.70 -14.41
C ILE A 598 3.58 -19.88 -13.30
N TRP A 599 3.39 -20.45 -12.12
CA TRP A 599 2.87 -19.67 -10.98
C TRP A 599 3.35 -20.20 -9.64
N GLY A 600 3.36 -19.33 -8.64
CA GLY A 600 3.76 -19.72 -7.31
C GLY A 600 3.48 -18.63 -6.29
N TRP A 601 3.58 -19.01 -5.00
CA TRP A 601 3.23 -18.17 -3.86
C TRP A 601 4.47 -18.14 -2.95
N SER A 602 4.77 -16.97 -2.40
CA SER A 602 5.88 -16.84 -1.43
C SER A 602 7.27 -17.10 -2.07
N TYR A 603 8.02 -18.11 -1.62
CA TYR A 603 9.23 -18.51 -2.35
C TYR A 603 8.87 -18.83 -3.80
N GLY A 604 7.69 -19.44 -4.00
CA GLY A 604 7.28 -19.80 -5.36
C GLY A 604 7.03 -18.58 -6.23
N GLY A 605 6.61 -17.48 -5.63
CA GLY A 605 6.44 -16.23 -6.35
C GLY A 605 7.76 -15.62 -6.78
N TYR A 606 8.76 -15.71 -5.91
CA TYR A 606 10.13 -15.30 -6.26
C TYR A 606 10.65 -16.10 -7.44
N VAL A 607 10.61 -17.43 -7.32
CA VAL A 607 11.08 -18.28 -8.43
C VAL A 607 10.33 -18.04 -9.74
N THR A 608 9.01 -17.96 -9.67
CA THR A 608 8.19 -17.62 -10.84
C THR A 608 8.69 -16.33 -11.52
N SER A 609 8.96 -15.32 -10.71
CA SER A 609 9.41 -14.00 -11.16
C SER A 609 10.85 -14.04 -11.73
N MET A 610 11.75 -14.74 -11.08
CA MET A 610 13.09 -15.00 -11.60
C MET A 610 13.06 -15.79 -12.92
N VAL A 611 12.19 -16.79 -13.01
CA VAL A 611 12.00 -17.54 -14.26
C VAL A 611 11.50 -16.63 -15.39
N LEU A 612 10.49 -15.81 -15.10
CA LEU A 612 9.94 -14.93 -16.12
C LEU A 612 10.93 -13.85 -16.55
N GLY A 613 11.81 -13.45 -15.65
CA GLY A 613 12.86 -12.48 -15.94
C GLY A 613 14.14 -13.10 -16.51
N SER A 614 14.13 -14.40 -16.82
CA SER A 614 15.36 -15.09 -17.23
C SER A 614 15.71 -14.86 -18.69
N GLY A 615 14.71 -14.55 -19.50
CA GLY A 615 14.91 -14.48 -20.94
C GLY A 615 14.95 -15.84 -21.64
N SER A 616 14.44 -16.90 -20.99
CA SER A 616 14.48 -18.26 -21.56
C SER A 616 13.60 -18.44 -22.79
N GLY A 617 12.50 -17.69 -22.87
CA GLY A 617 11.53 -17.83 -23.94
C GLY A 617 10.58 -19.03 -23.86
N VAL A 618 10.68 -19.82 -22.79
CA VAL A 618 9.87 -21.01 -22.62
C VAL A 618 8.41 -20.73 -22.21
N PHE A 619 8.22 -19.68 -21.39
CA PHE A 619 6.95 -19.39 -20.75
C PHE A 619 6.26 -18.18 -21.38
N LYS A 620 4.97 -18.35 -21.71
CA LYS A 620 4.11 -17.31 -22.25
C LYS A 620 3.68 -16.31 -21.17
N CYS A 621 3.42 -16.81 -19.97
CA CYS A 621 2.88 -15.98 -18.91
C CYS A 621 3.15 -16.58 -17.56
N GLY A 622 2.95 -15.79 -16.50
CA GLY A 622 2.95 -16.36 -15.15
C GLY A 622 2.35 -15.49 -14.07
N ILE A 623 2.13 -16.07 -12.89
CA ILE A 623 1.51 -15.39 -11.76
C ILE A 623 2.36 -15.56 -10.50
N ALA A 624 2.74 -14.43 -9.90
CA ALA A 624 3.47 -14.36 -8.65
C ALA A 624 2.57 -13.80 -7.58
N VAL A 625 2.35 -14.60 -6.53
CA VAL A 625 1.58 -14.20 -5.34
C VAL A 625 2.48 -14.01 -4.13
N ALA A 626 2.39 -12.83 -3.51
CA ALA A 626 3.26 -12.44 -2.39
C ALA A 626 4.71 -12.92 -2.51
N PRO A 627 5.37 -12.54 -3.61
CA PRO A 627 6.74 -12.96 -3.85
C PRO A 627 7.79 -12.25 -2.96
N VAL A 628 8.88 -12.95 -2.62
CA VAL A 628 10.13 -12.28 -2.25
C VAL A 628 10.69 -11.70 -3.54
N SER A 629 11.30 -10.51 -3.47
CA SER A 629 11.88 -9.88 -4.64
C SER A 629 13.36 -9.59 -4.42
N ARG A 630 13.80 -9.46 -3.18
CA ARG A 630 15.19 -9.11 -2.85
C ARG A 630 15.46 -9.59 -1.44
N TRP A 631 16.53 -10.38 -1.27
CA TRP A 631 16.74 -11.09 0.00
C TRP A 631 16.96 -10.18 1.20
N GLU A 632 17.55 -9.00 0.96
CA GLU A 632 17.65 -7.98 2.02
C GLU A 632 16.31 -7.52 2.64
N TYR A 633 15.18 -7.78 2.00
CA TYR A 633 13.85 -7.43 2.55
C TYR A 633 13.23 -8.53 3.43
N TYR A 634 13.75 -9.75 3.39
CA TYR A 634 13.19 -10.86 4.15
C TYR A 634 13.94 -11.03 5.49
N ASP A 635 13.39 -11.86 6.37
CA ASP A 635 13.87 -11.91 7.75
C ASP A 635 15.23 -12.57 7.85
N SER A 636 15.95 -12.18 8.89
CA SER A 636 17.31 -12.64 9.12
C SER A 636 17.43 -14.17 9.26
N VAL A 637 16.62 -14.77 10.13
CA VAL A 637 16.77 -16.19 10.46
C VAL A 637 16.64 -17.11 9.23
N TYR A 638 15.60 -16.94 8.43
CA TYR A 638 15.44 -17.75 7.21
C TYR A 638 16.48 -17.36 6.15
N THR A 639 16.56 -16.08 5.84
CA THR A 639 17.47 -15.65 4.77
C THR A 639 18.93 -16.02 4.98
N GLU A 640 19.49 -15.63 6.13
CA GLU A 640 20.90 -15.86 6.45
C GLU A 640 21.26 -17.34 6.58
N ARG A 641 20.28 -18.18 6.87
CA ARG A 641 20.47 -19.62 6.93
C ARG A 641 21.05 -20.10 5.61
N TYR A 642 20.55 -19.55 4.51
CA TYR A 642 20.95 -19.97 3.16
C TYR A 642 21.98 -19.06 2.51
N MET A 643 21.93 -17.79 2.87
CA MET A 643 22.65 -16.73 2.18
C MET A 643 23.82 -16.13 2.96
N GLY A 644 23.97 -16.48 4.23
CA GLY A 644 24.94 -15.73 5.08
C GLY A 644 24.51 -14.28 5.24
N LEU A 645 25.48 -13.39 5.45
CA LEU A 645 25.23 -11.99 5.76
C LEU A 645 25.51 -11.09 4.57
N PRO A 646 24.70 -10.05 4.36
CA PRO A 646 24.86 -9.14 3.26
C PRO A 646 25.88 -8.05 3.53
N THR A 647 27.12 -8.47 3.71
CA THR A 647 28.26 -7.57 3.88
C THR A 647 29.28 -7.88 2.81
N PRO A 648 30.07 -6.88 2.44
CA PRO A 648 31.14 -7.08 1.47
C PRO A 648 32.05 -8.26 1.82
N GLU A 649 32.30 -8.49 3.10
CA GLU A 649 33.15 -9.58 3.56
C GLU A 649 32.50 -10.95 3.47
N ASP A 650 31.18 -11.00 3.38
CA ASP A 650 30.52 -12.29 3.37
C ASP A 650 29.87 -12.51 2.01
N ASN A 651 28.59 -12.17 1.81
CA ASN A 651 27.88 -12.58 0.59
C ASN A 651 27.08 -11.46 -0.08
N LEU A 652 27.43 -10.20 0.17
CA LEU A 652 26.68 -9.09 -0.40
C LEU A 652 26.55 -9.14 -1.93
N ASP A 653 27.61 -9.53 -2.65
CA ASP A 653 27.56 -9.53 -4.12
C ASP A 653 26.40 -10.42 -4.59
N HIS A 654 26.22 -11.58 -3.98
CA HIS A 654 25.12 -12.42 -4.42
C HIS A 654 23.75 -11.99 -3.94
N TYR A 655 23.65 -11.36 -2.76
CA TYR A 655 22.39 -10.71 -2.40
C TYR A 655 21.98 -9.72 -3.49
N ARG A 656 22.96 -9.04 -4.09
CA ARG A 656 22.67 -7.97 -5.06
C ARG A 656 22.40 -8.48 -6.47
N ASN A 657 22.99 -9.63 -6.81
CA ASN A 657 22.76 -10.31 -8.11
C ASN A 657 21.49 -11.14 -8.23
N SER A 658 20.82 -11.39 -7.12
CA SER A 658 19.71 -12.32 -7.09
C SER A 658 18.35 -11.66 -6.91
N THR A 659 18.20 -10.41 -7.33
CA THR A 659 16.89 -9.75 -7.22
C THR A 659 16.04 -9.91 -8.48
N VAL A 660 14.73 -9.83 -8.28
CA VAL A 660 13.81 -9.77 -9.39
C VAL A 660 14.00 -8.47 -10.18
N MET A 661 14.22 -7.37 -9.45
CA MET A 661 14.25 -6.02 -10.05
C MET A 661 15.32 -5.88 -11.14
N SER A 662 16.46 -6.54 -10.97
CA SER A 662 17.51 -6.50 -11.99
C SER A 662 17.13 -7.12 -13.33
N ARG A 663 16.07 -7.93 -13.35
CA ARG A 663 15.64 -8.66 -14.56
C ARG A 663 14.43 -8.04 -15.27
N ALA A 664 14.02 -6.86 -14.79
CA ALA A 664 12.80 -6.19 -15.27
C ALA A 664 12.70 -6.14 -16.79
N GLU A 665 13.79 -5.80 -17.46
CA GLU A 665 13.76 -5.63 -18.91
C GLU A 665 13.32 -6.91 -19.61
N ASN A 666 13.69 -8.06 -19.06
CA ASN A 666 13.35 -9.34 -19.68
C ASN A 666 11.87 -9.71 -19.58
N PHE A 667 11.08 -8.95 -18.82
CA PHE A 667 9.64 -9.21 -18.77
C PHE A 667 8.89 -8.71 -20.02
N LYS A 668 9.59 -8.06 -20.96
CA LYS A 668 8.92 -7.48 -22.12
C LYS A 668 8.26 -8.53 -22.99
N GLN A 669 8.75 -9.76 -22.98
CA GLN A 669 8.14 -10.78 -23.82
C GLN A 669 7.23 -11.78 -23.10
N VAL A 670 6.81 -11.50 -21.85
CA VAL A 670 5.88 -12.36 -21.13
C VAL A 670 4.67 -11.58 -20.58
N GLU A 671 3.57 -12.27 -20.28
CA GLU A 671 2.44 -11.65 -19.56
C GLU A 671 2.54 -12.05 -18.08
N TYR A 672 2.53 -11.06 -17.19
CA TYR A 672 2.77 -11.26 -15.78
C TYR A 672 1.65 -10.66 -14.98
N LEU A 673 1.20 -11.42 -13.97
CA LEU A 673 0.24 -10.94 -12.99
C LEU A 673 0.91 -11.02 -11.65
N LEU A 674 0.96 -9.86 -10.98
CA LEU A 674 1.58 -9.69 -9.68
C LEU A 674 0.52 -9.38 -8.60
N ILE A 675 0.44 -10.19 -7.53
CA ILE A 675 -0.59 -10.10 -6.48
C ILE A 675 0.04 -10.08 -5.08
N HIS A 676 -0.46 -9.23 -4.18
CA HIS A 676 0.08 -9.11 -2.82
C HIS A 676 -0.98 -8.53 -1.86
N GLY A 677 -1.08 -9.07 -0.65
CA GLY A 677 -1.95 -8.46 0.36
C GLY A 677 -1.25 -7.32 1.05
N THR A 678 -2.00 -6.25 1.36
CA THR A 678 -1.39 -5.04 1.93
C THR A 678 -0.94 -5.17 3.37
N ALA A 679 -1.53 -6.10 4.11
CA ALA A 679 -1.17 -6.32 5.50
C ALA A 679 -0.31 -7.59 5.71
N ASP A 680 0.48 -7.96 4.71
CA ASP A 680 1.41 -9.08 4.83
C ASP A 680 2.56 -8.71 5.79
N ASP A 681 2.52 -9.28 7.00
CA ASP A 681 3.55 -9.09 8.00
C ASP A 681 4.79 -9.94 7.73
N ASN A 682 4.69 -10.87 6.78
CA ASN A 682 5.74 -11.87 6.56
C ASN A 682 6.64 -11.50 5.37
N VAL A 683 6.09 -11.61 4.16
CA VAL A 683 6.71 -11.05 2.95
C VAL A 683 6.02 -9.72 2.72
N HIS A 684 6.73 -8.65 3.07
CA HIS A 684 6.10 -7.35 3.15
C HIS A 684 5.66 -6.89 1.76
N PHE A 685 4.56 -6.15 1.71
CA PHE A 685 4.04 -5.59 0.45
C PHE A 685 5.13 -4.84 -0.32
N GLN A 686 6.02 -4.15 0.42
CA GLN A 686 7.23 -3.57 -0.11
C GLN A 686 7.90 -4.40 -1.23
N GLN A 687 7.92 -5.70 -1.06
CA GLN A 687 8.68 -6.54 -1.95
C GLN A 687 8.06 -6.49 -3.36
N SER A 688 6.73 -6.55 -3.47
CA SER A 688 6.01 -6.35 -4.73
C SER A 688 5.98 -4.90 -5.21
N ALA A 689 5.93 -3.97 -4.27
CA ALA A 689 6.00 -2.53 -4.57
C ALA A 689 7.29 -2.18 -5.31
N GLN A 690 8.38 -2.86 -4.96
CA GLN A 690 9.65 -2.63 -5.67
C GLN A 690 9.71 -3.35 -7.04
N ILE A 691 9.05 -4.50 -7.17
CA ILE A 691 8.93 -5.14 -8.49
C ILE A 691 8.19 -4.23 -9.46
N SER A 692 7.02 -3.75 -9.05
CA SER A 692 6.18 -2.96 -9.94
C SER A 692 6.92 -1.72 -10.42
N LYS A 693 7.61 -1.06 -9.51
CA LYS A 693 8.35 0.17 -9.82
C LYS A 693 9.44 -0.09 -10.86
N ALA A 694 10.10 -1.24 -10.74
CA ALA A 694 11.17 -1.63 -11.66
C ALA A 694 10.64 -1.88 -13.06
N LEU A 695 9.48 -2.54 -13.14
CA LEU A 695 8.83 -2.76 -14.42
C LEU A 695 8.30 -1.46 -15.06
N VAL A 696 7.68 -0.59 -14.25
CA VAL A 696 7.31 0.74 -14.70
C VAL A 696 8.53 1.48 -15.24
N ASP A 697 9.66 1.43 -14.53
CA ASP A 697 10.85 2.17 -14.93
C ASP A 697 11.48 1.75 -16.26
N VAL A 698 11.19 0.52 -16.70
CA VAL A 698 11.74 -0.05 -17.93
C VAL A 698 10.65 -0.13 -19.02
N GLY A 699 9.46 0.37 -18.71
CA GLY A 699 8.39 0.44 -19.69
C GLY A 699 7.76 -0.89 -20.06
N VAL A 700 7.59 -1.77 -19.06
CA VAL A 700 7.00 -3.07 -19.28
C VAL A 700 5.58 -3.10 -18.70
N ASP A 701 4.61 -3.51 -19.53
CA ASP A 701 3.23 -3.59 -19.09
C ASP A 701 3.01 -4.91 -18.37
N PHE A 702 2.16 -4.89 -17.35
CA PHE A 702 1.83 -6.08 -16.56
C PHE A 702 0.49 -5.86 -15.89
N GLN A 703 0.01 -6.89 -15.22
CA GLN A 703 -1.27 -6.84 -14.50
C GLN A 703 -0.97 -7.00 -13.03
N ALA A 704 -1.81 -6.39 -12.20
CA ALA A 704 -1.62 -6.38 -10.76
C ALA A 704 -2.92 -6.45 -10.00
N MET A 705 -2.83 -6.92 -8.75
CA MET A 705 -3.97 -6.87 -7.85
C MET A 705 -3.46 -6.80 -6.41
N TRP A 706 -3.89 -5.79 -5.65
CA TRP A 706 -3.66 -5.75 -4.20
C TRP A 706 -4.89 -6.25 -3.47
N TYR A 707 -4.70 -6.80 -2.27
CA TYR A 707 -5.82 -7.24 -1.43
C TYR A 707 -5.79 -6.50 -0.11
N THR A 708 -6.70 -5.55 0.06
CA THR A 708 -6.57 -4.72 1.26
C THR A 708 -6.82 -5.51 2.53
N ASP A 709 -5.88 -5.33 3.45
CA ASP A 709 -5.91 -5.87 4.80
C ASP A 709 -5.72 -7.38 4.87
N GLU A 710 -5.40 -8.01 3.74
CA GLU A 710 -5.04 -9.44 3.73
C GLU A 710 -3.57 -9.65 4.05
N ASP A 711 -3.28 -10.77 4.70
CA ASP A 711 -1.91 -11.09 5.03
C ASP A 711 -1.31 -12.11 4.06
N HIS A 712 -0.29 -12.83 4.49
CA HIS A 712 0.44 -13.73 3.59
C HIS A 712 -0.44 -14.86 3.06
N GLY A 713 -1.48 -15.24 3.79
CA GLY A 713 -2.33 -16.33 3.34
C GLY A 713 -3.46 -15.95 2.39
N ILE A 714 -3.75 -14.64 2.27
CA ILE A 714 -4.90 -14.17 1.51
C ILE A 714 -6.06 -15.14 1.69
N ALA A 715 -6.43 -15.34 2.95
CA ALA A 715 -7.21 -16.50 3.36
C ALA A 715 -8.59 -16.20 3.92
N SER A 716 -8.96 -14.92 4.06
CA SER A 716 -10.35 -14.62 4.36
C SER A 716 -11.24 -15.28 3.29
N SER A 717 -12.42 -15.71 3.68
CA SER A 717 -13.35 -16.35 2.77
C SER A 717 -13.57 -15.59 1.46
N THR A 718 -13.87 -14.30 1.54
CA THR A 718 -14.10 -13.52 0.32
C THR A 718 -12.84 -13.27 -0.53
N ALA A 719 -11.71 -12.96 0.09
CA ALA A 719 -10.45 -12.74 -0.64
C ALA A 719 -9.94 -14.01 -1.30
N HIS A 720 -10.07 -15.13 -0.60
CA HIS A 720 -9.73 -16.45 -1.19
C HIS A 720 -10.48 -16.74 -2.50
N GLN A 721 -11.80 -16.60 -2.46
CA GLN A 721 -12.62 -16.76 -3.64
C GLN A 721 -12.26 -15.77 -4.76
N HIS A 722 -11.96 -14.53 -4.40
CA HIS A 722 -11.65 -13.47 -5.37
C HIS A 722 -10.32 -13.70 -6.10
N ILE A 723 -9.30 -14.10 -5.35
CA ILE A 723 -7.97 -14.34 -5.94
C ILE A 723 -7.96 -15.50 -6.91
N TYR A 724 -8.59 -16.61 -6.55
CA TYR A 724 -8.60 -17.79 -7.42
C TYR A 724 -9.48 -17.54 -8.63
N THR A 725 -10.53 -16.75 -8.47
CA THR A 725 -11.33 -16.31 -9.59
C THR A 725 -10.55 -15.42 -10.56
N HIS A 726 -9.78 -14.48 -10.02
CA HIS A 726 -9.00 -13.54 -10.82
C HIS A 726 -7.88 -14.29 -11.58
N MET A 727 -7.16 -15.16 -10.88
CA MET A 727 -6.10 -15.98 -11.50
C MET A 727 -6.63 -16.91 -12.57
N SER A 728 -7.83 -17.48 -12.35
CA SER A 728 -8.42 -18.38 -13.36
C SER A 728 -8.68 -17.65 -14.67
N HIS A 729 -9.27 -16.45 -14.58
CA HIS A 729 -9.55 -15.63 -15.77
C HIS A 729 -8.23 -15.34 -16.52
N PHE A 730 -7.18 -15.04 -15.77
CA PHE A 730 -5.87 -14.71 -16.35
C PHE A 730 -5.25 -15.89 -17.12
N ILE A 731 -5.20 -17.06 -16.48
CA ILE A 731 -4.67 -18.27 -17.13
C ILE A 731 -5.50 -18.67 -18.36
N LYS A 732 -6.82 -18.57 -18.27
CA LYS A 732 -7.70 -18.90 -19.40
C LYS A 732 -7.49 -17.98 -20.60
N GLN A 733 -7.37 -16.69 -20.35
CA GLN A 733 -7.00 -15.69 -21.35
C GLN A 733 -5.65 -15.99 -22.01
N CYS A 734 -4.63 -16.23 -21.20
CA CYS A 734 -3.31 -16.63 -21.68
C CYS A 734 -3.36 -17.81 -22.64
N PHE A 735 -4.19 -18.80 -22.31
CA PHE A 735 -4.24 -20.06 -23.07
C PHE A 735 -5.34 -20.07 -24.14
N SER A 736 -5.99 -18.92 -24.35
CA SER A 736 -7.10 -18.76 -25.27
C SER A 736 -8.23 -19.73 -24.98
N LEU A 737 -8.55 -19.90 -23.70
CA LEU A 737 -9.62 -20.79 -23.26
C LEU A 737 -10.90 -20.04 -22.90
N PRO A 738 -12.03 -20.50 -23.38
CA PRO A 738 -13.31 -19.89 -23.06
C PRO A 738 -13.98 -20.48 -21.80
N ASP B 10 -7.10 9.16 -47.76
CA ASP B 10 -6.20 9.90 -46.82
C ASP B 10 -5.12 8.95 -46.31
N SER B 11 -3.88 9.16 -46.73
CA SER B 11 -2.76 8.32 -46.30
C SER B 11 -1.85 8.97 -45.25
N ARG B 12 -2.21 10.15 -44.76
CA ARG B 12 -1.43 10.75 -43.67
C ARG B 12 -1.45 9.85 -42.43
N LYS B 13 -0.35 9.86 -41.68
CA LYS B 13 -0.30 9.19 -40.40
C LYS B 13 -1.35 9.81 -39.46
N THR B 14 -1.64 9.11 -38.38
CA THR B 14 -2.55 9.63 -37.35
C THR B 14 -1.74 10.07 -36.13
N TYR B 15 -2.40 10.76 -35.21
CA TYR B 15 -1.75 11.09 -33.94
C TYR B 15 -1.81 9.89 -33.00
N THR B 16 -0.65 9.26 -32.79
CA THR B 16 -0.53 7.98 -32.09
C THR B 16 -0.26 8.13 -30.59
N LEU B 17 -0.34 7.01 -29.87
CA LEU B 17 -0.04 7.05 -28.45
C LEU B 17 1.41 7.46 -28.21
N THR B 18 2.34 6.93 -29.01
CA THR B 18 3.74 7.33 -28.87
C THR B 18 3.96 8.83 -29.10
N ASP B 19 3.26 9.38 -30.08
CA ASP B 19 3.24 10.83 -30.30
C ASP B 19 2.87 11.60 -29.03
N TYR B 20 1.82 11.16 -28.36
CA TYR B 20 1.43 11.77 -27.08
C TYR B 20 2.51 11.57 -26.01
N LEU B 21 2.96 10.33 -25.87
CA LEU B 21 3.84 9.96 -24.75
C LEU B 21 5.27 10.46 -24.94
N LYS B 22 5.69 10.62 -26.20
CA LYS B 22 7.01 11.16 -26.51
C LYS B 22 7.06 12.65 -26.89
N ASN B 23 5.94 13.37 -26.81
CA ASN B 23 5.93 14.83 -27.07
C ASN B 23 6.44 15.13 -28.47
N THR B 24 6.04 14.33 -29.45
CA THR B 24 6.48 14.52 -30.83
C THR B 24 6.08 15.88 -31.37
N TYR B 25 4.87 16.30 -30.99
CA TYR B 25 4.25 17.50 -31.51
C TYR B 25 4.10 18.47 -30.36
N ARG B 26 4.94 19.49 -30.37
CA ARG B 26 5.23 20.23 -29.16
C ARG B 26 4.72 21.67 -29.27
N LEU B 27 3.86 22.07 -28.35
CA LEU B 27 3.42 23.47 -28.30
C LEU B 27 4.52 24.39 -27.78
N LYS B 28 4.77 25.46 -28.52
CA LYS B 28 5.67 26.53 -28.08
C LYS B 28 4.89 27.54 -27.26
N LEU B 29 5.54 28.07 -26.23
CA LEU B 29 4.97 29.07 -25.34
C LEU B 29 5.79 30.35 -25.52
N TYR B 30 5.44 31.40 -24.79
CA TYR B 30 6.32 32.55 -24.68
C TYR B 30 6.18 33.07 -23.25
N SER B 31 6.99 32.52 -22.36
CA SER B 31 6.92 32.83 -20.95
C SER B 31 7.85 33.98 -20.65
N LEU B 32 7.30 35.14 -20.32
CA LEU B 32 8.15 36.27 -20.01
C LEU B 32 7.91 36.72 -18.57
N ARG B 33 8.84 37.51 -18.06
CA ARG B 33 8.71 38.12 -16.74
C ARG B 33 8.96 39.60 -16.78
N TRP B 34 7.92 40.40 -16.51
CA TRP B 34 8.06 41.84 -16.42
C TRP B 34 8.99 42.17 -15.24
N ILE B 35 9.97 43.03 -15.47
CA ILE B 35 10.83 43.51 -14.40
C ILE B 35 10.62 45.00 -14.20
N SER B 36 9.75 45.57 -15.03
CA SER B 36 9.46 46.98 -14.93
C SER B 36 8.20 47.25 -15.72
N ASP B 37 7.89 48.53 -15.94
CA ASP B 37 6.75 48.88 -16.78
C ASP B 37 7.01 48.78 -18.29
N HIS B 38 8.26 48.54 -18.69
CA HIS B 38 8.51 48.39 -20.12
C HIS B 38 9.60 47.40 -20.54
N GLU B 39 10.11 46.61 -19.59
CA GLU B 39 11.04 45.54 -19.94
C GLU B 39 10.62 44.22 -19.36
N TYR B 40 10.91 43.17 -20.11
CA TYR B 40 10.73 41.81 -19.60
C TYR B 40 11.93 40.92 -19.90
N LEU B 41 12.04 39.85 -19.11
CA LEU B 41 13.09 38.84 -19.27
C LEU B 41 12.49 37.63 -19.95
N TYR B 42 13.31 37.00 -20.78
CA TYR B 42 12.90 35.86 -21.57
C TYR B 42 14.13 34.98 -21.78
N LYS B 43 13.97 33.68 -21.61
CA LYS B 43 15.08 32.75 -21.74
C LYS B 43 15.15 32.25 -23.18
N GLN B 44 16.31 32.39 -23.80
CA GLN B 44 16.50 31.98 -25.19
C GLN B 44 17.87 31.33 -25.32
N GLU B 45 17.84 30.02 -25.59
CA GLU B 45 19.06 29.21 -25.72
C GLU B 45 19.85 29.20 -24.41
N ASN B 46 19.10 29.08 -23.32
CA ASN B 46 19.64 29.13 -21.95
C ASN B 46 20.25 30.48 -21.54
N ASN B 47 20.28 31.44 -22.47
CA ASN B 47 20.60 32.83 -22.14
C ASN B 47 19.34 33.52 -21.66
N ILE B 48 19.45 34.34 -20.62
CA ILE B 48 18.37 35.24 -20.25
C ILE B 48 18.57 36.54 -21.00
N LEU B 49 17.58 36.87 -21.82
CA LEU B 49 17.61 38.12 -22.57
C LEU B 49 16.69 39.11 -21.89
N VAL B 50 16.99 40.40 -22.03
CA VAL B 50 16.09 41.45 -21.60
C VAL B 50 15.51 42.17 -22.84
N PHE B 51 14.18 42.24 -22.93
CA PHE B 51 13.49 42.89 -24.05
C PHE B 51 12.87 44.25 -23.71
N ASN B 52 12.97 45.17 -24.66
CA ASN B 52 12.24 46.43 -24.62
C ASN B 52 10.85 46.22 -25.26
N ALA B 53 9.80 46.35 -24.45
CA ALA B 53 8.45 46.15 -24.95
C ALA B 53 8.09 47.06 -26.14
N GLU B 54 8.47 48.34 -26.07
CA GLU B 54 8.05 49.30 -27.07
C GLU B 54 8.60 49.00 -28.46
N TYR B 55 9.87 48.58 -28.56
CA TYR B 55 10.54 48.42 -29.85
C TYR B 55 10.87 46.97 -30.20
N GLY B 56 10.92 46.11 -29.20
CA GLY B 56 11.19 44.69 -29.43
C GLY B 56 12.65 44.29 -29.49
N ASN B 57 13.57 45.26 -29.41
CA ASN B 57 14.99 44.92 -29.32
C ASN B 57 15.37 44.34 -27.96
N SER B 58 16.46 43.56 -27.94
CA SER B 58 16.92 42.91 -26.73
C SER B 58 18.43 43.02 -26.54
N SER B 59 18.89 42.53 -25.39
CA SER B 59 20.30 42.37 -25.08
C SER B 59 20.43 41.14 -24.17
N VAL B 60 21.67 40.72 -23.94
CA VAL B 60 21.93 39.58 -23.07
C VAL B 60 21.95 40.11 -21.64
N PHE B 61 21.08 39.55 -20.81
CA PHE B 61 21.01 39.94 -19.42
C PHE B 61 21.97 39.06 -18.64
N LEU B 62 21.86 37.77 -18.87
CA LEU B 62 22.75 36.80 -18.28
C LEU B 62 23.15 35.73 -19.29
N GLU B 63 24.41 35.79 -19.73
CA GLU B 63 24.97 34.82 -20.67
C GLU B 63 24.85 33.42 -20.13
N ASN B 64 24.44 32.48 -20.99
CA ASN B 64 24.11 31.11 -20.58
C ASN B 64 25.29 30.30 -20.05
N SER B 65 26.50 30.87 -20.17
CA SER B 65 27.73 30.26 -19.70
C SER B 65 28.15 30.75 -18.32
N THR B 66 27.49 31.81 -17.83
CA THR B 66 27.89 32.50 -16.60
C THR B 66 28.01 31.56 -15.42
N PHE B 67 27.12 30.58 -15.34
CA PHE B 67 27.13 29.66 -14.21
C PHE B 67 27.58 28.26 -14.60
N ASP B 68 28.37 28.19 -15.67
CA ASP B 68 29.27 27.07 -15.89
C ASP B 68 30.30 27.16 -14.76
N GLU B 69 30.67 26.02 -14.20
CA GLU B 69 31.57 25.97 -13.04
C GLU B 69 30.94 26.54 -11.75
N PHE B 70 29.63 26.74 -11.76
CA PHE B 70 28.86 26.96 -10.54
C PHE B 70 28.80 25.67 -9.71
N GLY B 71 28.84 24.53 -10.40
CA GLY B 71 29.00 23.23 -9.75
C GLY B 71 27.67 22.54 -9.48
N HIS B 72 26.58 23.20 -9.86
CA HIS B 72 25.23 22.71 -9.60
C HIS B 72 24.32 23.11 -10.75
N SER B 73 23.27 22.33 -10.96
CA SER B 73 22.25 22.69 -11.94
C SER B 73 21.28 23.70 -11.33
N ILE B 74 21.07 24.84 -12.00
CA ILE B 74 20.20 25.89 -11.48
C ILE B 74 18.76 25.69 -11.93
N ASN B 75 17.85 25.59 -10.97
CA ASN B 75 16.45 25.27 -11.22
C ASN B 75 15.62 26.47 -11.66
N ASP B 76 16.00 27.65 -11.17
CA ASP B 76 15.18 28.84 -11.33
C ASP B 76 15.95 30.03 -10.76
N TYR B 77 15.48 31.24 -11.05
CA TYR B 77 16.19 32.45 -10.68
C TYR B 77 15.13 33.49 -10.38
N SER B 78 15.52 34.57 -9.71
CA SER B 78 14.59 35.63 -9.31
C SER B 78 15.38 36.93 -9.10
N ILE B 79 15.07 37.94 -9.89
CA ILE B 79 15.76 39.22 -9.80
C ILE B 79 15.13 40.13 -8.75
N SER B 80 15.95 40.81 -7.96
CA SER B 80 15.45 41.79 -7.01
C SER B 80 14.74 42.89 -7.80
N PRO B 81 13.71 43.51 -7.23
CA PRO B 81 13.02 44.59 -7.92
C PRO B 81 13.88 45.77 -8.36
N ASP B 82 14.95 46.07 -7.65
CA ASP B 82 15.84 47.12 -8.12
C ASP B 82 16.88 46.61 -9.12
N GLY B 83 16.77 45.34 -9.52
CA GLY B 83 17.71 44.76 -10.48
C GLY B 83 19.17 44.73 -10.06
N GLN B 84 19.44 44.81 -8.76
CA GLN B 84 20.83 44.81 -8.29
C GLN B 84 21.33 43.41 -8.00
N PHE B 85 20.40 42.47 -7.81
CA PHE B 85 20.78 41.14 -7.41
C PHE B 85 19.97 40.07 -8.11
N ILE B 86 20.56 38.88 -8.20
CA ILE B 86 19.77 37.73 -8.64
C ILE B 86 19.88 36.55 -7.69
N LEU B 87 18.71 36.02 -7.35
CA LEU B 87 18.56 34.85 -6.51
C LEU B 87 18.54 33.59 -7.39
N LEU B 88 19.49 32.67 -7.16
CA LEU B 88 19.64 31.46 -7.94
C LEU B 88 19.20 30.30 -7.09
N GLU B 89 18.22 29.56 -7.56
CA GLU B 89 17.65 28.42 -6.86
C GLU B 89 18.24 27.11 -7.38
N TYR B 90 18.68 26.25 -6.46
CA TYR B 90 19.19 24.94 -6.82
C TYR B 90 18.92 23.96 -5.69
N ASN B 91 19.21 22.69 -5.95
CA ASN B 91 18.96 21.60 -5.02
C ASN B 91 17.45 21.53 -4.71
N TYR B 92 16.65 21.68 -5.76
CA TYR B 92 15.20 21.71 -5.62
C TYR B 92 14.67 20.33 -5.23
N VAL B 93 13.83 20.28 -4.20
CA VAL B 93 13.20 19.03 -3.77
C VAL B 93 11.71 19.29 -3.53
N LYS B 94 10.87 18.71 -4.38
CA LYS B 94 9.44 18.91 -4.33
C LYS B 94 8.85 18.37 -3.02
N GLN B 95 7.82 19.06 -2.51
CA GLN B 95 7.02 18.55 -1.41
C GLN B 95 5.59 18.31 -1.93
N TRP B 96 4.63 19.19 -1.65
CA TRP B 96 3.28 18.93 -2.10
C TRP B 96 3.04 19.64 -3.46
N ARG B 97 1.86 20.21 -3.67
CA ARG B 97 1.54 20.79 -4.96
C ARG B 97 2.31 22.07 -5.26
N HIS B 98 2.54 22.88 -4.24
CA HIS B 98 3.27 24.14 -4.36
C HIS B 98 4.57 24.18 -3.55
N SER B 99 4.59 23.48 -2.42
CA SER B 99 5.77 23.49 -1.53
C SER B 99 6.95 22.69 -2.09
N TYR B 100 8.14 23.16 -1.73
CA TYR B 100 9.41 22.48 -1.96
C TYR B 100 10.46 23.11 -1.04
N THR B 101 11.63 22.48 -0.94
CA THR B 101 12.82 23.14 -0.35
C THR B 101 13.91 23.24 -1.43
N ALA B 102 14.87 24.13 -1.20
CA ALA B 102 15.97 24.35 -2.14
C ALA B 102 17.11 25.04 -1.45
N SER B 103 18.23 25.13 -2.18
CA SER B 103 19.36 25.96 -1.78
C SER B 103 19.37 27.21 -2.64
N TYR B 104 19.97 28.28 -2.11
CA TYR B 104 19.98 29.57 -2.76
C TYR B 104 21.33 30.22 -2.69
N ASP B 105 21.75 30.79 -3.81
CA ASP B 105 22.88 31.70 -3.83
C ASP B 105 22.41 33.05 -4.36
N ILE B 106 23.04 34.13 -3.92
CA ILE B 106 22.72 35.43 -4.48
C ILE B 106 23.93 35.89 -5.28
N TYR B 107 23.67 36.39 -6.49
CA TYR B 107 24.72 36.86 -7.39
C TYR B 107 24.53 38.37 -7.47
N ASP B 108 25.62 39.12 -7.28
CA ASP B 108 25.62 40.56 -7.38
C ASP B 108 25.90 40.99 -8.84
N LEU B 109 24.90 41.59 -9.49
CA LEU B 109 24.95 41.84 -10.93
C LEU B 109 25.88 42.97 -11.29
N ASN B 110 25.93 43.99 -10.45
CA ASN B 110 26.78 45.13 -10.70
C ASN B 110 28.24 44.73 -10.68
N LYS B 111 28.66 44.03 -9.63
CA LYS B 111 30.05 43.58 -9.54
C LYS B 111 30.24 42.16 -10.07
N ARG B 112 29.17 41.56 -10.60
CA ARG B 112 29.25 40.30 -11.33
C ARG B 112 30.03 39.25 -10.55
N GLN B 113 29.46 38.86 -9.42
CA GLN B 113 30.16 38.04 -8.44
C GLN B 113 29.14 37.37 -7.51
N LEU B 114 29.34 36.08 -7.25
CA LEU B 114 28.60 35.38 -6.22
C LEU B 114 28.92 35.94 -4.84
N ILE B 115 27.88 36.09 -4.03
CA ILE B 115 28.03 36.48 -2.64
C ILE B 115 28.28 35.21 -1.84
N THR B 116 29.39 35.15 -1.13
CA THR B 116 29.78 33.94 -0.41
C THR B 116 29.58 34.03 1.08
N GLU B 117 29.17 35.20 1.56
CA GLU B 117 29.04 35.44 2.99
C GLU B 117 27.58 35.50 3.43
N GLU B 118 27.30 34.92 4.61
CA GLU B 118 25.98 34.96 5.22
C GLU B 118 24.92 34.44 4.28
N ARG B 119 25.19 33.26 3.75
CA ARG B 119 24.32 32.67 2.76
C ARG B 119 23.00 32.22 3.35
N ILE B 120 21.97 32.20 2.50
CA ILE B 120 20.69 31.61 2.85
C ILE B 120 20.98 30.14 3.12
N PRO B 121 20.42 29.57 4.19
CA PRO B 121 20.76 28.19 4.56
C PRO B 121 20.23 27.16 3.58
N ASN B 122 20.86 25.99 3.55
CA ASN B 122 20.31 24.88 2.78
C ASN B 122 19.00 24.47 3.45
N ASN B 123 18.13 23.82 2.71
CA ASN B 123 16.82 23.38 3.22
C ASN B 123 15.88 24.53 3.62
N THR B 124 16.04 25.65 2.93
CA THR B 124 15.13 26.78 3.08
C THR B 124 13.81 26.44 2.42
N GLN B 125 12.71 26.87 3.06
CA GLN B 125 11.37 26.44 2.67
C GLN B 125 10.68 27.42 1.74
N TRP B 126 11.02 28.70 1.85
CA TRP B 126 10.40 29.75 1.04
C TRP B 126 11.32 30.98 1.13
N VAL B 127 11.49 31.68 0.00
CA VAL B 127 12.24 32.95 -0.02
C VAL B 127 11.49 33.94 -0.89
N THR B 128 11.44 35.19 -0.47
CA THR B 128 10.92 36.27 -1.33
C THR B 128 11.61 37.61 -1.09
N TRP B 129 11.95 38.29 -2.19
CA TRP B 129 12.43 39.67 -2.14
C TRP B 129 11.30 40.53 -1.63
N SER B 130 11.63 41.66 -1.03
CA SER B 130 10.66 42.74 -0.86
C SER B 130 10.14 43.23 -2.23
N PRO B 131 9.00 43.93 -2.28
CA PRO B 131 8.46 44.37 -3.58
C PRO B 131 9.21 45.52 -4.22
N VAL B 132 9.97 46.24 -3.41
CA VAL B 132 10.82 47.34 -3.82
C VAL B 132 12.17 47.05 -3.16
N GLY B 133 13.25 47.48 -3.81
CA GLY B 133 14.60 47.33 -3.26
C GLY B 133 15.14 45.92 -3.36
N HIS B 134 15.82 45.48 -2.28
CA HIS B 134 16.47 44.17 -2.20
C HIS B 134 16.51 43.54 -0.78
N LYS B 135 15.46 43.74 0.02
CA LYS B 135 15.30 43.03 1.29
C LYS B 135 14.85 41.62 0.93
N LEU B 136 15.14 40.65 1.79
CA LEU B 136 14.68 39.29 1.62
C LEU B 136 14.03 38.82 2.91
N ALA B 137 12.97 38.04 2.80
CA ALA B 137 12.40 37.29 3.89
C ALA B 137 12.51 35.85 3.47
N TYR B 138 12.90 34.97 4.39
CA TYR B 138 12.82 33.53 4.15
C TYR B 138 12.39 32.74 5.38
N VAL B 139 11.98 31.51 5.13
CA VAL B 139 11.51 30.61 6.17
C VAL B 139 12.41 29.38 6.15
N TRP B 140 12.92 29.01 7.33
CA TRP B 140 13.85 27.91 7.49
C TRP B 140 13.56 27.29 8.85
N ASN B 141 13.33 25.99 8.84
CA ASN B 141 12.89 25.26 10.03
C ASN B 141 11.65 25.87 10.71
N ASN B 142 10.69 26.27 9.89
CA ASN B 142 9.38 26.80 10.31
C ASN B 142 9.38 28.19 10.97
N ASP B 143 10.54 28.87 10.98
CA ASP B 143 10.64 30.25 11.47
C ASP B 143 11.04 31.24 10.37
N ILE B 144 10.59 32.48 10.55
CA ILE B 144 10.89 33.55 9.60
C ILE B 144 12.17 34.30 9.96
N TYR B 145 12.94 34.63 8.91
CA TYR B 145 14.19 35.38 8.94
C TYR B 145 14.14 36.50 7.89
N VAL B 146 14.74 37.64 8.19
CA VAL B 146 14.80 38.77 7.26
C VAL B 146 16.25 39.22 7.08
N LYS B 147 16.65 39.47 5.83
CA LYS B 147 17.94 40.09 5.50
C LYS B 147 17.69 41.43 4.84
N ILE B 148 18.24 42.49 5.42
CA ILE B 148 18.14 43.84 4.89
C ILE B 148 19.07 44.03 3.68
N GLU B 149 20.28 43.47 3.80
CA GLU B 149 21.29 43.42 2.72
C GLU B 149 21.67 41.96 2.48
N PRO B 150 21.84 41.56 1.21
CA PRO B 150 22.09 40.17 0.85
C PRO B 150 23.34 39.53 1.45
N ASN B 151 24.37 40.34 1.67
CA ASN B 151 25.64 39.85 2.21
C ASN B 151 25.74 39.89 3.74
N LEU B 152 24.78 40.54 4.40
CA LEU B 152 24.81 40.75 5.84
C LEU B 152 23.95 39.74 6.61
N PRO B 153 24.14 39.63 7.93
CA PRO B 153 23.42 38.64 8.71
C PRO B 153 21.89 38.79 8.75
N SER B 154 21.23 37.66 8.89
CA SER B 154 19.80 37.62 9.05
C SER B 154 19.35 38.07 10.43
N TYR B 155 18.14 38.62 10.49
CA TYR B 155 17.38 38.87 11.70
C TYR B 155 16.28 37.81 11.82
N ARG B 156 16.29 37.07 12.92
CA ARG B 156 15.25 36.13 13.22
C ARG B 156 14.02 36.85 13.73
N ILE B 157 12.86 36.43 13.24
CA ILE B 157 11.55 37.03 13.57
C ILE B 157 10.67 36.16 14.52
N THR B 158 10.70 34.85 14.34
CA THR B 158 9.99 33.91 15.21
C THR B 158 10.89 32.83 15.81
N TRP B 159 10.49 32.36 16.99
CA TRP B 159 11.20 31.31 17.74
C TRP B 159 10.31 30.10 18.02
N THR B 160 9.06 30.09 17.55
CA THR B 160 8.09 29.05 17.90
C THR B 160 8.01 27.91 16.89
N GLY B 161 8.69 28.04 15.75
CA GLY B 161 8.56 27.06 14.69
C GLY B 161 8.91 25.67 15.16
N LYS B 162 8.18 24.66 14.69
CA LYS B 162 8.38 23.31 15.16
C LYS B 162 7.79 22.38 14.12
N GLU B 163 8.63 21.48 13.63
CA GLU B 163 8.24 20.57 12.54
C GLU B 163 6.88 19.90 12.79
N ASP B 164 6.01 19.94 11.78
CA ASP B 164 4.66 19.35 11.86
C ASP B 164 3.73 19.96 12.91
N ILE B 165 4.14 21.03 13.60
CA ILE B 165 3.33 21.58 14.70
C ILE B 165 3.06 23.09 14.57
N ILE B 166 4.12 23.90 14.56
CA ILE B 166 3.99 25.35 14.40
C ILE B 166 4.64 25.79 13.07
N TYR B 167 3.83 26.37 12.19
CA TYR B 167 4.28 26.91 10.90
C TYR B 167 4.19 28.45 10.91
N ASN B 168 5.33 29.14 10.89
CA ASN B 168 5.35 30.58 10.72
C ASN B 168 5.74 30.97 9.29
N GLY B 169 4.86 31.71 8.62
CA GLY B 169 5.19 32.25 7.32
C GLY B 169 5.08 31.27 6.17
N ILE B 170 4.71 30.03 6.48
CA ILE B 170 4.37 29.00 5.49
C ILE B 170 3.09 28.31 5.93
N THR B 171 2.36 27.76 4.98
CA THR B 171 1.13 27.05 5.28
C THR B 171 1.38 25.59 5.69
N ASP B 172 0.42 25.01 6.40
CA ASP B 172 0.34 23.56 6.57
C ASP B 172 -0.29 22.90 5.33
N TRP B 173 -0.52 21.59 5.36
CA TRP B 173 -0.96 20.87 4.18
C TRP B 173 -2.28 21.45 3.69
N VAL B 174 -3.25 21.63 4.57
CA VAL B 174 -4.61 21.97 4.11
C VAL B 174 -4.76 23.42 3.67
N TYR B 175 -4.02 24.31 4.30
CA TYR B 175 -4.01 25.69 3.88
C TYR B 175 -3.27 25.83 2.57
N GLU B 176 -2.21 25.05 2.34
CA GLU B 176 -1.49 25.08 1.06
C GLU B 176 -2.41 24.63 -0.08
N GLU B 177 -3.09 23.51 0.11
CA GLU B 177 -3.91 22.92 -0.98
C GLU B 177 -5.23 23.62 -1.19
N GLU B 178 -5.95 23.92 -0.11
CA GLU B 178 -7.33 24.35 -0.19
C GLU B 178 -7.67 25.82 0.10
N VAL B 179 -6.76 26.59 0.72
CA VAL B 179 -7.09 28.00 0.94
C VAL B 179 -6.16 29.00 0.25
N PHE B 180 -4.85 28.85 0.35
CA PHE B 180 -3.95 29.79 -0.33
C PHE B 180 -3.42 29.36 -1.68
N SER B 181 -3.48 28.07 -2.02
CA SER B 181 -2.89 27.62 -3.28
C SER B 181 -1.45 28.05 -3.36
N ALA B 182 -0.79 28.01 -2.21
CA ALA B 182 0.59 28.44 -2.12
C ALA B 182 1.13 27.94 -0.81
N TYR B 183 2.44 27.77 -0.76
CA TYR B 183 3.14 27.45 0.45
C TYR B 183 3.44 28.69 1.29
N SER B 184 3.61 29.83 0.64
CA SER B 184 3.99 31.06 1.31
C SER B 184 2.82 31.56 2.16
N ALA B 185 3.12 32.09 3.35
CA ALA B 185 2.13 32.82 4.14
C ALA B 185 2.84 34.04 4.73
N LEU B 186 3.52 34.75 3.82
CA LEU B 186 4.26 35.97 4.12
C LEU B 186 3.77 37.03 3.14
N TRP B 187 3.53 38.26 3.61
CA TRP B 187 3.09 39.34 2.72
C TRP B 187 3.75 40.66 3.04
N TRP B 188 4.72 41.09 2.22
CA TRP B 188 5.41 42.37 2.42
C TRP B 188 4.46 43.52 2.13
N SER B 189 4.60 44.65 2.83
CA SER B 189 3.83 45.85 2.50
C SER B 189 4.38 46.46 1.19
N PRO B 190 3.63 47.32 0.52
CA PRO B 190 3.99 47.73 -0.84
C PRO B 190 5.40 48.29 -0.99
N ASN B 191 5.86 49.06 -0.01
CA ASN B 191 7.22 49.57 -0.06
C ASN B 191 8.24 48.82 0.83
N GLY B 192 7.83 47.72 1.44
CA GLY B 192 8.71 46.84 2.20
C GLY B 192 8.99 47.25 3.65
N THR B 193 8.23 48.20 4.19
CA THR B 193 8.43 48.54 5.60
C THR B 193 7.97 47.42 6.52
N PHE B 194 6.75 46.93 6.30
CA PHE B 194 6.13 45.90 7.13
C PHE B 194 6.15 44.53 6.46
N LEU B 195 6.23 43.52 7.31
CA LEU B 195 6.09 42.15 6.87
C LEU B 195 4.97 41.51 7.68
N ALA B 196 3.91 41.14 6.97
CA ALA B 196 2.82 40.44 7.61
C ALA B 196 3.00 38.92 7.43
N TYR B 197 2.49 38.14 8.37
CA TYR B 197 2.56 36.71 8.26
C TYR B 197 1.50 36.02 9.07
N ALA B 198 1.16 34.81 8.65
CA ALA B 198 0.33 33.91 9.41
C ALA B 198 1.15 32.83 10.12
N GLN B 199 0.60 32.35 11.24
CA GLN B 199 1.17 31.27 12.02
C GLN B 199 0.07 30.23 12.21
N PHE B 200 0.36 29.01 11.78
CA PHE B 200 -0.57 27.88 11.88
C PHE B 200 -0.12 26.95 13.00
N ASN B 201 -1.07 26.50 13.82
CA ASN B 201 -0.85 25.56 14.91
C ASN B 201 -1.61 24.26 14.64
N ASP B 202 -0.87 23.21 14.31
CA ASP B 202 -1.45 21.90 14.02
C ASP B 202 -1.37 20.92 15.19
N THR B 203 -1.18 21.42 16.41
CA THR B 203 -0.92 20.54 17.54
C THR B 203 -1.90 19.36 17.66
N GLU B 204 -3.19 19.62 17.54
CA GLU B 204 -4.17 18.54 17.77
C GLU B 204 -4.79 18.02 16.48
N VAL B 205 -4.20 18.37 15.35
CA VAL B 205 -4.67 17.87 14.06
C VAL B 205 -4.15 16.43 13.87
N PRO B 206 -5.01 15.46 13.54
CA PRO B 206 -4.53 14.09 13.34
C PRO B 206 -3.60 13.93 12.14
N LEU B 207 -2.82 12.85 12.14
CA LEU B 207 -1.86 12.56 11.08
C LEU B 207 -2.36 11.50 10.11
N ILE B 208 -2.20 11.76 8.81
CA ILE B 208 -2.32 10.66 7.83
C ILE B 208 -0.93 10.03 7.77
N GLU B 209 -0.90 8.70 7.76
CA GLU B 209 0.34 7.91 7.77
C GLU B 209 0.31 6.95 6.60
N TYR B 210 1.37 6.94 5.78
CA TYR B 210 1.49 5.99 4.66
C TYR B 210 2.96 5.64 4.43
N SER B 211 3.18 4.50 3.78
CA SER B 211 4.52 3.98 3.55
C SER B 211 5.08 4.61 2.27
N PHE B 212 6.38 4.92 2.32
CA PHE B 212 7.14 5.33 1.14
C PHE B 212 8.32 4.38 1.03
N TYR B 213 8.48 3.74 -0.13
CA TYR B 213 9.39 2.60 -0.31
C TYR B 213 10.78 3.03 -0.79
N SER B 214 10.83 4.12 -1.55
CA SER B 214 12.08 4.74 -2.00
C SER B 214 12.85 3.83 -2.93
N ASP B 215 14.12 4.14 -3.14
CA ASP B 215 14.92 3.29 -4.02
C ASP B 215 15.05 1.89 -3.43
N GLU B 216 15.35 0.94 -4.30
CA GLU B 216 15.46 -0.48 -3.97
C GLU B 216 16.44 -0.75 -2.82
N SER B 217 17.44 0.12 -2.66
CA SER B 217 18.45 0.01 -1.62
C SER B 217 17.90 0.24 -0.19
N LEU B 218 16.78 0.91 -0.02
CA LEU B 218 16.25 1.17 1.32
C LEU B 218 15.68 -0.13 1.87
N GLN B 219 16.25 -0.62 2.98
CA GLN B 219 15.87 -1.93 3.57
C GLN B 219 14.46 -1.95 4.21
N TYR B 220 14.14 -0.92 5.00
CA TYR B 220 12.84 -0.76 5.67
C TYR B 220 12.09 0.41 5.04
N PRO B 221 10.82 0.25 4.65
CA PRO B 221 10.09 1.41 4.18
C PRO B 221 9.95 2.51 5.21
N LYS B 222 9.80 3.75 4.75
CA LYS B 222 9.64 4.90 5.63
C LYS B 222 8.16 5.16 5.80
N THR B 223 7.76 5.58 6.98
CA THR B 223 6.39 6.03 7.19
C THR B 223 6.32 7.53 7.12
N VAL B 224 5.61 8.02 6.12
CA VAL B 224 5.37 9.45 5.98
C VAL B 224 4.18 9.83 6.86
N ARG B 225 4.34 10.88 7.66
CA ARG B 225 3.31 11.33 8.59
C ARG B 225 3.05 12.83 8.39
N VAL B 226 1.81 13.18 8.06
CA VAL B 226 1.43 14.56 7.72
C VAL B 226 0.17 15.00 8.52
N PRO B 227 0.22 16.12 9.25
CA PRO B 227 -1.01 16.69 9.79
C PRO B 227 -2.04 17.05 8.70
N TYR B 228 -3.18 16.36 8.74
CA TYR B 228 -4.20 16.43 7.71
C TYR B 228 -5.54 16.20 8.40
N PRO B 229 -6.38 17.24 8.45
CA PRO B 229 -7.72 17.12 9.03
C PRO B 229 -8.72 16.54 8.01
N LYS B 230 -9.26 15.36 8.28
CA LYS B 230 -10.31 14.80 7.46
C LYS B 230 -11.64 15.44 7.90
N ALA B 231 -12.71 15.20 7.15
CA ALA B 231 -13.92 15.95 7.40
C ALA B 231 -14.40 15.74 8.83
N GLY B 232 -14.74 16.85 9.48
CA GLY B 232 -15.20 16.82 10.87
C GLY B 232 -14.13 16.77 11.95
N ALA B 233 -12.86 16.62 11.58
CA ALA B 233 -11.80 16.49 12.59
C ALA B 233 -11.30 17.83 13.12
N VAL B 234 -10.39 17.78 14.08
CA VAL B 234 -9.77 18.99 14.63
C VAL B 234 -8.95 19.68 13.53
N ASN B 235 -9.27 20.94 13.27
CA ASN B 235 -8.54 21.75 12.30
C ASN B 235 -7.35 22.46 12.92
N PRO B 236 -6.44 22.94 12.09
CA PRO B 236 -5.42 23.87 12.57
C PRO B 236 -6.06 25.19 12.99
N THR B 237 -5.43 25.89 13.92
CA THR B 237 -5.84 27.24 14.31
C THR B 237 -4.78 28.17 13.73
N VAL B 238 -5.10 29.46 13.70
CA VAL B 238 -4.30 30.43 12.97
C VAL B 238 -4.28 31.75 13.75
N LYS B 239 -3.13 32.42 13.71
CA LYS B 239 -2.97 33.76 14.21
C LYS B 239 -2.27 34.61 13.12
N PHE B 240 -2.49 35.91 13.16
CA PHE B 240 -1.95 36.86 12.17
C PHE B 240 -1.13 37.95 12.85
N PHE B 241 0.04 38.25 12.29
CA PHE B 241 0.99 39.22 12.84
C PHE B 241 1.56 40.17 11.76
N VAL B 242 1.94 41.37 12.21
CA VAL B 242 2.68 42.34 11.40
C VAL B 242 3.90 42.80 12.18
N VAL B 243 5.06 42.75 11.53
CA VAL B 243 6.31 43.27 12.09
C VAL B 243 6.88 44.42 11.24
N ASN B 244 7.43 45.43 11.89
CA ASN B 244 8.10 46.55 11.22
C ASN B 244 9.58 46.21 10.98
N THR B 245 9.92 45.87 9.73
CA THR B 245 11.30 45.46 9.39
C THR B 245 12.27 46.61 9.43
N ASP B 246 11.76 47.83 9.32
CA ASP B 246 12.64 48.99 9.45
C ASP B 246 13.21 49.18 10.84
N SER B 247 12.56 48.60 11.85
CA SER B 247 13.01 48.71 13.24
C SER B 247 14.09 47.67 13.58
N LEU B 248 14.33 46.74 12.66
CA LEU B 248 15.18 45.58 12.95
C LEU B 248 16.60 45.87 13.34
N SER B 249 17.24 46.81 12.67
CA SER B 249 18.63 47.10 13.03
C SER B 249 18.74 48.06 14.20
N SER B 250 17.60 48.49 14.77
CA SER B 250 17.58 49.38 15.95
C SER B 250 17.19 48.77 17.31
N VAL B 251 16.53 47.61 17.26
CA VAL B 251 16.20 46.86 18.46
C VAL B 251 16.64 45.44 18.16
N THR B 252 16.98 44.67 19.18
CA THR B 252 17.53 43.34 18.94
C THR B 252 16.44 42.38 18.50
N ASN B 253 15.24 42.60 19.02
CA ASN B 253 14.11 41.69 18.81
C ASN B 253 12.87 42.52 18.50
N ALA B 254 12.53 42.71 17.22
CA ALA B 254 11.37 43.51 16.83
C ALA B 254 10.04 42.80 17.18
N THR B 255 9.06 43.58 17.61
CA THR B 255 7.77 43.05 18.04
C THR B 255 6.84 42.71 16.88
N SER B 256 6.33 41.50 16.86
CA SER B 256 5.28 41.09 15.94
C SER B 256 3.92 41.45 16.56
N ILE B 257 3.20 42.36 15.93
CA ILE B 257 1.93 42.82 16.49
C ILE B 257 0.82 41.93 15.97
N GLN B 258 0.01 41.35 16.86
CA GLN B 258 -1.07 40.47 16.42
C GLN B 258 -2.31 41.29 16.07
N ILE B 259 -2.99 40.87 15.02
CA ILE B 259 -4.28 41.42 14.66
C ILE B 259 -5.25 40.29 14.90
N THR B 260 -6.13 40.41 15.88
CA THR B 260 -7.02 39.28 16.18
C THR B 260 -8.24 39.25 15.24
N ALA B 261 -8.79 38.04 15.04
CA ALA B 261 -10.04 37.87 14.30
C ALA B 261 -11.19 38.60 15.00
N PRO B 262 -12.21 39.00 14.23
CA PRO B 262 -13.40 39.60 14.80
C PRO B 262 -14.17 38.64 15.70
N ALA B 263 -14.88 39.19 16.68
CA ALA B 263 -15.71 38.40 17.60
C ALA B 263 -16.62 37.36 16.90
N SER B 264 -17.19 37.74 15.78
CA SER B 264 -18.07 36.85 14.99
C SER B 264 -17.37 35.61 14.43
N MET B 265 -16.04 35.67 14.33
CA MET B 265 -15.22 34.52 13.95
C MET B 265 -14.73 33.74 15.16
N LEU B 266 -14.35 34.47 16.21
CA LEU B 266 -13.82 33.86 17.44
C LEU B 266 -14.82 32.99 18.22
N ILE B 267 -16.12 33.15 17.98
CA ILE B 267 -17.10 32.30 18.63
C ILE B 267 -16.94 30.80 18.27
N GLY B 268 -16.27 30.47 17.19
CA GLY B 268 -16.04 29.06 16.89
C GLY B 268 -14.88 28.87 15.93
N ASP B 269 -14.80 27.72 15.30
CA ASP B 269 -13.74 27.42 14.34
C ASP B 269 -13.84 28.35 13.12
N HIS B 270 -12.69 28.77 12.60
CA HIS B 270 -12.65 29.65 11.44
C HIS B 270 -11.33 29.50 10.69
N TYR B 271 -11.20 30.21 9.56
CA TYR B 271 -9.99 30.25 8.73
C TYR B 271 -9.64 31.70 8.40
N LEU B 272 -8.36 31.96 8.22
CA LEU B 272 -7.90 33.16 7.51
C LEU B 272 -7.86 32.84 6.03
N CYS B 273 -8.55 33.60 5.18
CA CYS B 273 -8.61 33.19 3.78
C CYS B 273 -8.07 34.16 2.76
N ASP B 274 -7.73 35.38 3.17
CA ASP B 274 -7.15 36.35 2.24
C ASP B 274 -6.42 37.43 3.01
N VAL B 275 -5.27 37.83 2.49
CA VAL B 275 -4.52 38.97 3.01
C VAL B 275 -4.15 39.84 1.81
N THR B 276 -4.51 41.12 1.87
CA THR B 276 -4.22 42.04 0.79
C THR B 276 -3.90 43.42 1.34
N TRP B 277 -2.69 43.91 1.06
CA TRP B 277 -2.28 45.27 1.47
C TRP B 277 -3.02 46.33 0.64
N ALA B 278 -3.54 47.36 1.30
CA ALA B 278 -4.23 48.47 0.62
C ALA B 278 -3.31 49.67 0.36
N THR B 279 -2.53 50.05 1.37
CA THR B 279 -1.59 51.17 1.30
C THR B 279 -0.38 50.77 2.14
N GLN B 280 0.56 51.70 2.34
CA GLN B 280 1.74 51.40 3.14
C GLN B 280 1.37 51.17 4.62
N GLU B 281 0.21 51.68 5.05
CA GLU B 281 -0.20 51.57 6.45
C GLU B 281 -1.61 51.02 6.65
N ARG B 282 -2.11 50.26 5.69
CA ARG B 282 -3.45 49.68 5.77
C ARG B 282 -3.47 48.31 5.10
N ILE B 283 -3.93 47.34 5.86
CA ILE B 283 -4.05 45.97 5.39
C ILE B 283 -5.49 45.46 5.54
N SER B 284 -5.94 44.67 4.57
CA SER B 284 -7.21 43.99 4.67
C SER B 284 -7.00 42.48 4.86
N LEU B 285 -7.85 41.91 5.71
CA LEU B 285 -7.85 40.48 6.03
C LEU B 285 -9.28 40.01 5.86
N GLN B 286 -9.43 38.88 5.19
CA GLN B 286 -10.70 38.17 5.18
C GLN B 286 -10.63 36.86 5.98
N TRP B 287 -11.65 36.69 6.79
CA TRP B 287 -11.87 35.51 7.60
C TRP B 287 -13.13 34.73 7.18
N LEU B 288 -13.10 33.41 7.32
CA LEU B 288 -14.23 32.55 6.96
C LEU B 288 -14.57 31.58 8.10
N ARG B 289 -15.86 31.47 8.44
CA ARG B 289 -16.32 30.50 9.43
C ARG B 289 -16.12 29.08 8.90
N ARG B 290 -15.95 28.11 9.79
CA ARG B 290 -15.71 26.73 9.34
C ARG B 290 -16.95 26.25 8.55
N ILE B 291 -18.11 26.74 8.95
CA ILE B 291 -19.28 26.65 8.07
C ILE B 291 -19.14 27.79 7.08
N GLN B 292 -18.79 27.44 5.85
CA GLN B 292 -18.23 28.41 4.90
C GLN B 292 -19.25 29.28 4.14
N ASN B 293 -20.29 29.72 4.83
CA ASN B 293 -21.30 30.62 4.23
C ASN B 293 -21.35 31.99 4.89
N TYR B 294 -20.30 32.34 5.62
CA TYR B 294 -20.22 33.61 6.33
C TYR B 294 -18.74 34.00 6.42
N SER B 295 -18.44 35.19 5.90
CA SER B 295 -17.10 35.70 5.75
C SER B 295 -17.11 37.15 6.21
N VAL B 296 -16.00 37.60 6.78
CA VAL B 296 -15.85 38.98 7.26
C VAL B 296 -14.48 39.54 6.82
N MET B 297 -14.50 40.71 6.20
CA MET B 297 -13.28 41.46 5.89
C MET B 297 -13.08 42.58 6.90
N ASP B 298 -11.90 42.63 7.51
CA ASP B 298 -11.48 43.70 8.42
C ASP B 298 -10.47 44.56 7.63
N ILE B 299 -10.52 45.88 7.83
CA ILE B 299 -9.59 46.79 7.18
C ILE B 299 -8.89 47.54 8.32
N CYS B 300 -7.58 47.36 8.43
CA CYS B 300 -6.84 47.71 9.65
C CYS B 300 -5.74 48.72 9.36
N ASP B 301 -5.62 49.72 10.20
CA ASP B 301 -4.67 50.81 10.02
C ASP B 301 -3.64 50.87 11.12
N TYR B 302 -2.42 51.21 10.72
CA TYR B 302 -1.30 51.33 11.66
C TYR B 302 -1.50 52.61 12.47
N ASP B 303 -1.47 52.47 13.80
CA ASP B 303 -1.54 53.61 14.73
C ASP B 303 -0.13 53.93 15.22
N GLU B 304 0.41 55.02 14.70
CA GLU B 304 1.79 55.43 14.91
C GLU B 304 2.08 55.77 16.36
N SER B 305 1.10 56.30 17.07
CA SER B 305 1.31 56.69 18.45
C SER B 305 1.34 55.49 19.37
N SER B 306 0.62 54.43 19.00
CA SER B 306 0.55 53.21 19.81
C SER B 306 1.39 52.07 19.24
N GLY B 307 1.82 52.19 17.99
CA GLY B 307 2.45 51.08 17.28
C GLY B 307 1.54 49.88 17.06
N ARG B 308 0.23 50.06 17.25
CA ARG B 308 -0.74 48.98 17.08
C ARG B 308 -1.47 49.03 15.73
N TRP B 309 -2.23 47.99 15.43
CA TRP B 309 -3.03 47.93 14.20
C TRP B 309 -4.49 47.83 14.61
N ASN B 310 -5.29 48.85 14.28
CA ASN B 310 -6.68 48.91 14.71
C ASN B 310 -7.63 48.71 13.52
N CYS B 311 -8.65 47.87 13.72
CA CYS B 311 -9.63 47.54 12.68
C CYS B 311 -11.01 48.12 13.07
N LEU B 312 -11.34 49.29 12.53
CA LEU B 312 -12.62 49.93 12.86
C LEU B 312 -13.81 49.12 12.38
N VAL B 313 -14.77 48.93 13.27
CA VAL B 313 -15.95 48.19 12.90
C VAL B 313 -16.69 48.84 11.72
N ALA B 314 -16.68 50.16 11.64
CA ALA B 314 -17.29 50.83 10.49
C ALA B 314 -16.67 50.45 9.13
N ARG B 315 -15.52 49.79 9.14
CA ARG B 315 -14.83 49.38 7.92
C ARG B 315 -14.91 47.89 7.67
N GLN B 316 -15.73 47.19 8.44
CA GLN B 316 -15.85 45.74 8.34
C GLN B 316 -16.96 45.43 7.34
N HIS B 317 -16.71 44.45 6.47
CA HIS B 317 -17.60 44.08 5.39
C HIS B 317 -17.92 42.61 5.51
N ILE B 318 -19.22 42.30 5.50
CA ILE B 318 -19.74 40.92 5.63
C ILE B 318 -20.12 40.38 4.25
N GLU B 319 -19.81 39.12 4.00
CA GLU B 319 -20.22 38.43 2.79
C GLU B 319 -20.88 37.13 3.27
N MET B 320 -22.06 36.81 2.77
CA MET B 320 -22.71 35.57 3.15
C MET B 320 -23.49 35.00 2.00
N SER B 321 -23.84 33.73 2.11
CA SER B 321 -24.67 33.06 1.12
C SER B 321 -25.76 32.27 1.80
N THR B 322 -26.98 32.41 1.29
CA THR B 322 -28.13 31.65 1.76
C THR B 322 -28.30 30.32 1.01
N THR B 323 -27.70 30.21 -0.17
CA THR B 323 -27.85 29.03 -1.04
C THR B 323 -26.63 28.11 -1.15
N GLY B 324 -25.46 28.57 -0.67
CA GLY B 324 -24.24 27.78 -0.79
C GLY B 324 -23.11 28.34 0.07
N TRP B 325 -21.91 28.29 -0.47
CA TRP B 325 -20.69 28.72 0.23
C TRP B 325 -20.28 30.09 -0.31
N VAL B 326 -19.26 30.72 0.27
CA VAL B 326 -18.83 32.03 -0.18
C VAL B 326 -17.71 31.90 -1.20
N GLY B 327 -17.92 32.50 -2.37
CA GLY B 327 -16.91 32.51 -3.42
C GLY B 327 -16.96 31.26 -4.27
N ARG B 328 -16.25 31.25 -5.37
CA ARG B 328 -16.19 30.07 -6.22
C ARG B 328 -15.58 28.90 -5.45
N PHE B 329 -14.38 29.13 -4.89
CA PHE B 329 -13.73 28.21 -3.95
C PHE B 329 -13.35 28.88 -2.62
N ARG B 330 -13.37 30.22 -2.58
CA ARG B 330 -13.08 30.99 -1.37
C ARG B 330 -13.42 32.45 -1.67
N PRO B 331 -13.59 33.28 -0.66
CA PRO B 331 -13.90 34.69 -0.93
C PRO B 331 -12.88 35.35 -1.86
N SER B 332 -13.37 36.20 -2.75
CA SER B 332 -12.55 36.85 -3.77
C SER B 332 -11.62 37.90 -3.15
N GLU B 333 -10.54 38.22 -3.85
CA GLU B 333 -9.63 39.26 -3.41
C GLU B 333 -10.08 40.67 -3.81
N PRO B 334 -9.88 41.65 -2.91
CA PRO B 334 -10.20 43.03 -3.20
C PRO B 334 -9.06 43.66 -3.98
N HIS B 335 -9.41 44.63 -4.83
CA HIS B 335 -8.43 45.43 -5.56
C HIS B 335 -8.62 46.88 -5.17
N PHE B 336 -7.67 47.41 -4.39
CA PHE B 336 -7.80 48.76 -3.87
C PHE B 336 -7.36 49.84 -4.85
N THR B 337 -8.04 51.00 -4.80
CA THR B 337 -7.57 52.19 -5.49
C THR B 337 -6.32 52.67 -4.79
N LEU B 338 -5.60 53.55 -5.47
CA LEU B 338 -4.29 53.98 -5.00
C LEU B 338 -4.31 54.56 -3.58
N ASP B 339 -5.31 55.39 -3.27
CA ASP B 339 -5.45 55.97 -1.94
C ASP B 339 -5.97 55.01 -0.85
N GLY B 340 -6.36 53.81 -1.24
CA GLY B 340 -6.82 52.80 -0.31
C GLY B 340 -8.16 53.08 0.34
N ASN B 341 -8.91 54.05 -0.18
CA ASN B 341 -10.23 54.37 0.38
C ASN B 341 -11.43 53.67 -0.29
N SER B 342 -11.18 52.88 -1.32
CA SER B 342 -12.21 52.13 -1.98
C SER B 342 -11.57 50.94 -2.65
N PHE B 343 -12.40 49.97 -3.04
CA PHE B 343 -11.93 48.75 -3.66
C PHE B 343 -12.99 48.12 -4.55
N TYR B 344 -12.50 47.29 -5.46
CA TYR B 344 -13.36 46.54 -6.35
C TYR B 344 -13.21 45.06 -6.05
N LYS B 345 -14.31 44.32 -6.11
CA LYS B 345 -14.29 42.90 -5.73
C LYS B 345 -15.40 42.15 -6.47
N ILE B 346 -15.13 40.92 -6.89
CA ILE B 346 -16.14 40.08 -7.55
C ILE B 346 -17.02 39.45 -6.48
N ILE B 347 -18.33 39.67 -6.64
CA ILE B 347 -19.37 39.25 -5.71
C ILE B 347 -20.53 38.70 -6.52
N SER B 348 -21.23 37.72 -5.96
CA SER B 348 -22.44 37.19 -6.60
C SER B 348 -23.60 38.20 -6.45
N ASN B 349 -24.22 38.60 -7.56
CA ASN B 349 -25.33 39.56 -7.49
C ASN B 349 -26.65 38.90 -7.06
N GLU B 350 -27.74 39.67 -7.06
CA GLU B 350 -29.04 39.19 -6.66
C GLU B 350 -29.56 38.05 -7.55
N GLU B 351 -29.23 38.06 -8.85
CA GLU B 351 -29.56 36.97 -9.77
C GLU B 351 -28.60 35.76 -9.70
N GLY B 352 -27.60 35.84 -8.84
CA GLY B 352 -26.64 34.76 -8.69
C GLY B 352 -25.48 34.74 -9.66
N TYR B 353 -25.25 35.83 -10.39
CA TYR B 353 -24.11 35.94 -11.30
C TYR B 353 -23.00 36.79 -10.70
N ARG B 354 -21.78 36.32 -10.83
CA ARG B 354 -20.61 36.97 -10.25
C ARG B 354 -20.13 38.15 -11.10
N HIS B 355 -20.15 39.34 -10.48
CA HIS B 355 -19.85 40.62 -11.13
C HIS B 355 -19.04 41.54 -10.23
N ILE B 356 -18.51 42.60 -10.83
CA ILE B 356 -17.60 43.49 -10.12
C ILE B 356 -18.41 44.52 -9.35
N CYS B 357 -18.13 44.61 -8.04
CA CYS B 357 -18.78 45.55 -7.15
C CYS B 357 -17.74 46.55 -6.63
N TYR B 358 -18.17 47.80 -6.47
CA TYR B 358 -17.31 48.87 -6.00
C TYR B 358 -17.73 49.29 -4.59
N PHE B 359 -16.75 49.25 -3.68
CA PHE B 359 -16.99 49.54 -2.27
C PHE B 359 -16.19 50.77 -1.85
N GLN B 360 -16.80 51.61 -1.01
CA GLN B 360 -16.05 52.53 -0.18
C GLN B 360 -15.76 51.80 1.12
N ILE B 361 -14.59 52.04 1.71
CA ILE B 361 -14.16 51.19 2.82
C ILE B 361 -15.03 51.30 4.08
N ASP B 362 -15.69 52.44 4.28
CA ASP B 362 -16.53 52.62 5.48
C ASP B 362 -18.03 52.67 5.18
N LYS B 363 -18.43 52.08 4.05
CA LYS B 363 -19.83 51.99 3.69
C LYS B 363 -20.15 50.56 3.36
N LYS B 364 -21.28 50.09 3.88
CA LYS B 364 -21.61 48.67 3.78
C LYS B 364 -22.23 48.28 2.43
N ASP B 365 -22.99 49.16 1.81
CA ASP B 365 -23.60 48.79 0.55
C ASP B 365 -22.67 49.10 -0.63
N CYS B 366 -22.43 48.15 -1.53
CA CYS B 366 -21.60 48.41 -2.71
C CYS B 366 -22.45 48.64 -3.95
N THR B 367 -21.79 49.02 -5.04
CA THR B 367 -22.42 49.30 -6.32
C THR B 367 -21.92 48.36 -7.40
N PHE B 368 -22.81 47.60 -8.04
CA PHE B 368 -22.37 46.72 -9.12
C PHE B 368 -22.01 47.54 -10.36
N ILE B 369 -20.82 47.31 -10.91
CA ILE B 369 -20.41 48.04 -12.14
C ILE B 369 -20.45 47.20 -13.40
N THR B 370 -20.63 45.89 -13.24
CA THR B 370 -21.00 45.04 -14.36
C THR B 370 -22.27 44.27 -14.04
N LYS B 371 -22.94 43.80 -15.08
CA LYS B 371 -24.12 42.95 -14.91
C LYS B 371 -24.44 42.16 -16.17
N GLY B 372 -25.28 41.15 -16.00
CA GLY B 372 -25.74 40.33 -17.10
C GLY B 372 -25.68 38.85 -16.72
N THR B 373 -26.21 38.01 -17.61
CA THR B 373 -26.21 36.57 -17.39
C THR B 373 -24.97 35.94 -18.01
N TRP B 374 -23.84 36.28 -17.38
CA TRP B 374 -22.52 35.77 -17.68
C TRP B 374 -21.73 36.18 -16.43
N GLU B 375 -20.47 35.79 -16.33
CA GLU B 375 -19.68 36.11 -15.14
C GLU B 375 -18.29 36.67 -15.42
N VAL B 376 -17.85 37.52 -14.50
CA VAL B 376 -16.48 37.99 -14.42
C VAL B 376 -15.63 36.86 -13.81
N ILE B 377 -14.53 36.54 -14.47
CA ILE B 377 -13.63 35.49 -14.04
C ILE B 377 -12.59 36.08 -13.09
N GLY B 378 -11.96 37.19 -13.47
CA GLY B 378 -10.99 37.83 -12.62
C GLY B 378 -10.77 39.27 -13.00
N ILE B 379 -10.35 40.05 -12.00
CA ILE B 379 -9.87 41.42 -12.21
C ILE B 379 -8.35 41.33 -12.40
N GLU B 380 -7.83 41.94 -13.48
CA GLU B 380 -6.45 41.71 -13.92
C GLU B 380 -5.55 42.91 -13.69
N ALA B 381 -6.11 44.12 -13.78
CA ALA B 381 -5.35 45.34 -13.52
C ALA B 381 -6.30 46.51 -13.22
N LEU B 382 -5.79 47.46 -12.44
CA LEU B 382 -6.52 48.66 -12.07
C LEU B 382 -5.60 49.86 -12.20
N THR B 383 -6.02 50.84 -13.00
CA THR B 383 -5.38 52.13 -13.01
C THR B 383 -6.32 53.21 -12.50
N SER B 384 -5.81 54.45 -12.48
CA SER B 384 -6.64 55.58 -12.10
C SER B 384 -7.86 55.76 -13.00
N ASP B 385 -7.81 55.27 -14.26
CA ASP B 385 -8.87 55.52 -15.22
C ASP B 385 -9.59 54.28 -15.73
N TYR B 386 -8.94 53.13 -15.67
CA TYR B 386 -9.54 51.88 -16.15
C TYR B 386 -9.41 50.67 -15.23
N LEU B 387 -10.41 49.78 -15.25
CA LEU B 387 -10.28 48.45 -14.66
C LEU B 387 -10.36 47.42 -15.82
N TYR B 388 -9.43 46.47 -15.79
CA TYR B 388 -9.26 45.44 -16.83
C TYR B 388 -9.67 44.11 -16.20
N TYR B 389 -10.53 43.36 -16.88
CA TYR B 389 -10.99 42.11 -16.31
C TYR B 389 -11.21 41.08 -17.42
N ILE B 390 -11.23 39.80 -17.05
CA ILE B 390 -11.57 38.72 -18.00
C ILE B 390 -12.98 38.25 -17.70
N SER B 391 -13.76 37.91 -18.73
CA SER B 391 -15.10 37.38 -18.53
C SER B 391 -15.45 36.46 -19.67
N ASN B 392 -16.57 35.75 -19.50
CA ASN B 392 -17.14 34.87 -20.52
C ASN B 392 -18.38 35.46 -21.21
N GLU B 393 -18.48 36.79 -21.23
CA GLU B 393 -19.60 37.47 -21.87
C GLU B 393 -19.74 37.18 -23.37
N TYR B 394 -18.61 37.21 -24.09
CA TYR B 394 -18.65 37.18 -25.55
C TYR B 394 -19.40 35.97 -26.11
N LYS B 395 -20.39 36.29 -26.94
CA LYS B 395 -21.26 35.31 -27.59
C LYS B 395 -21.98 34.37 -26.62
N GLY B 396 -22.07 34.75 -25.35
CA GLY B 396 -22.74 33.92 -24.37
C GLY B 396 -22.18 32.51 -24.22
N MET B 397 -20.88 32.37 -24.42
CA MET B 397 -20.19 31.09 -24.30
C MET B 397 -19.47 31.05 -22.97
N PRO B 398 -19.99 30.26 -22.00
CA PRO B 398 -19.42 30.23 -20.66
C PRO B 398 -18.01 29.65 -20.67
N GLY B 399 -17.68 28.93 -21.74
CA GLY B 399 -16.35 28.32 -21.91
C GLY B 399 -15.35 29.10 -22.74
N GLY B 400 -15.64 30.38 -23.03
CA GLY B 400 -14.72 31.28 -23.71
C GLY B 400 -14.24 32.31 -22.70
N ARG B 401 -13.13 32.99 -22.98
CA ARG B 401 -12.52 33.99 -22.08
C ARG B 401 -11.96 35.15 -22.91
N ASN B 402 -12.33 36.37 -22.56
CA ASN B 402 -11.80 37.58 -23.21
C ASN B 402 -11.47 38.67 -22.20
N LEU B 403 -10.62 39.59 -22.62
CA LEU B 403 -10.20 40.72 -21.82
C LEU B 403 -11.05 41.94 -22.16
N TYR B 404 -11.52 42.61 -21.12
CA TYR B 404 -12.31 43.84 -21.23
C TYR B 404 -11.72 44.95 -20.40
N LYS B 405 -12.12 46.18 -20.74
CA LYS B 405 -11.64 47.42 -20.16
C LYS B 405 -12.87 48.28 -19.85
N ILE B 406 -13.04 48.73 -18.60
CA ILE B 406 -14.20 49.56 -18.25
C ILE B 406 -13.74 50.92 -17.71
N GLN B 407 -14.34 51.99 -18.22
CA GLN B 407 -13.98 53.36 -17.85
C GLN B 407 -14.54 53.64 -16.46
N LEU B 408 -13.67 54.02 -15.52
CA LEU B 408 -14.09 54.16 -14.13
C LEU B 408 -14.99 55.39 -13.92
N SER B 409 -14.81 56.43 -14.72
CA SER B 409 -15.70 57.59 -14.70
C SER B 409 -16.99 57.39 -15.52
N ASP B 410 -17.11 56.30 -16.28
CA ASP B 410 -18.34 56.07 -17.05
C ASP B 410 -18.52 54.58 -17.32
N TYR B 411 -19.29 53.91 -16.47
CA TYR B 411 -19.40 52.46 -16.55
C TYR B 411 -20.08 51.94 -17.79
N THR B 412 -20.73 52.81 -18.57
CA THR B 412 -21.35 52.39 -19.82
C THR B 412 -20.31 52.16 -20.89
N LYS B 413 -19.08 52.63 -20.64
CA LYS B 413 -18.01 52.53 -21.61
C LYS B 413 -17.18 51.31 -21.28
N VAL B 414 -17.51 50.19 -21.91
CA VAL B 414 -16.79 48.93 -21.72
C VAL B 414 -16.31 48.49 -23.09
N THR B 415 -15.01 48.23 -23.22
CA THR B 415 -14.43 47.84 -24.50
C THR B 415 -13.90 46.42 -24.41
N CYS B 416 -14.19 45.57 -25.39
CA CYS B 416 -13.55 44.26 -25.46
C CYS B 416 -12.25 44.38 -26.22
N LEU B 417 -11.16 44.04 -25.54
CA LEU B 417 -9.83 44.20 -26.07
C LEU B 417 -9.38 43.00 -26.94
N SER B 418 -10.00 41.84 -26.75
CA SER B 418 -9.51 40.63 -27.42
C SER B 418 -10.49 39.94 -28.37
N CYS B 419 -11.78 40.23 -28.23
CA CYS B 419 -12.89 39.44 -28.83
C CYS B 419 -12.69 39.25 -30.33
N GLU B 420 -12.29 40.32 -31.00
CA GLU B 420 -12.29 40.35 -32.46
C GLU B 420 -10.91 40.34 -33.09
N LEU B 421 -9.87 40.13 -32.28
CA LEU B 421 -8.50 40.07 -32.80
C LEU B 421 -8.32 38.93 -33.81
N ASN B 422 -8.74 37.72 -33.45
CA ASN B 422 -8.72 36.56 -34.37
C ASN B 422 -9.85 35.67 -33.91
N PRO B 423 -11.09 35.99 -34.23
CA PRO B 423 -12.23 35.34 -33.59
C PRO B 423 -12.39 33.85 -33.94
N GLU B 424 -11.93 33.45 -35.12
CA GLU B 424 -11.95 32.04 -35.52
C GLU B 424 -10.93 31.21 -34.73
N ARG B 425 -9.73 31.75 -34.59
CA ARG B 425 -8.65 31.02 -33.95
C ARG B 425 -8.66 31.22 -32.43
N CYS B 426 -9.17 32.36 -31.96
CA CYS B 426 -8.92 32.80 -30.59
C CYS B 426 -10.16 33.20 -29.79
N GLN B 427 -10.51 32.33 -28.84
CA GLN B 427 -11.70 32.53 -28.03
C GLN B 427 -11.44 32.29 -26.56
N TYR B 428 -10.20 31.98 -26.18
CA TYR B 428 -9.85 31.78 -24.77
C TYR B 428 -8.54 32.52 -24.49
N TYR B 429 -8.63 33.64 -23.79
CA TYR B 429 -7.47 34.45 -23.45
C TYR B 429 -7.14 34.57 -21.97
N SER B 430 -5.85 34.78 -21.68
CA SER B 430 -5.37 35.30 -20.41
C SER B 430 -4.40 36.42 -20.71
N VAL B 431 -4.03 37.17 -19.67
CA VAL B 431 -3.28 38.37 -19.90
C VAL B 431 -2.19 38.52 -18.85
N SER B 432 -1.10 39.17 -19.24
CA SER B 432 -0.02 39.56 -18.35
C SER B 432 0.38 41.02 -18.54
N PHE B 433 0.07 41.85 -17.54
CA PHE B 433 0.33 43.29 -17.59
C PHE B 433 1.71 43.62 -17.04
N SER B 434 2.35 44.64 -17.60
CA SER B 434 3.62 45.15 -17.10
C SER B 434 3.36 45.87 -15.78
N LYS B 435 4.41 46.34 -15.14
CA LYS B 435 4.28 46.75 -13.75
C LYS B 435 3.31 47.88 -13.46
N GLU B 436 3.17 48.84 -14.35
CA GLU B 436 2.16 49.88 -14.17
C GLU B 436 1.09 49.81 -15.26
N ALA B 437 0.90 48.60 -15.79
CA ALA B 437 -0.08 48.32 -16.80
C ALA B 437 0.15 49.09 -18.08
N LYS B 438 1.41 49.45 -18.38
CA LYS B 438 1.72 50.18 -19.61
C LYS B 438 1.69 49.31 -20.88
N TYR B 439 1.98 48.02 -20.72
CA TYR B 439 1.90 47.01 -21.77
C TYR B 439 1.19 45.76 -21.30
N TYR B 440 0.69 44.97 -22.24
CA TYR B 440 0.14 43.67 -21.90
C TYR B 440 0.42 42.59 -22.96
N GLN B 441 0.72 41.40 -22.47
CA GLN B 441 0.88 40.23 -23.32
C GLN B 441 -0.45 39.51 -23.29
N LEU B 442 -0.98 39.24 -24.47
CA LEU B 442 -2.16 38.38 -24.58
C LEU B 442 -1.72 36.95 -24.94
N ARG B 443 -2.36 35.99 -24.27
CA ARG B 443 -2.13 34.58 -24.50
C ARG B 443 -3.43 33.92 -24.88
N CYS B 444 -3.50 33.50 -26.13
CA CYS B 444 -4.68 32.84 -26.68
C CYS B 444 -4.47 31.32 -26.60
N SER B 445 -5.38 30.60 -25.93
CA SER B 445 -5.22 29.16 -25.72
C SER B 445 -6.02 28.24 -26.65
N GLY B 446 -6.87 28.82 -27.49
CA GLY B 446 -7.69 28.07 -28.44
C GLY B 446 -8.88 28.87 -28.95
N PRO B 447 -9.60 28.33 -29.93
CA PRO B 447 -9.59 26.90 -30.25
C PRO B 447 -8.51 26.46 -31.26
N GLY B 448 -7.86 27.41 -31.91
CA GLY B 448 -6.78 27.11 -32.86
C GLY B 448 -5.50 27.03 -32.06
N LEU B 449 -4.35 27.04 -32.74
CA LEU B 449 -3.08 26.92 -32.05
C LEU B 449 -2.79 28.16 -31.18
N PRO B 450 -2.25 27.98 -29.98
CA PRO B 450 -1.92 29.14 -29.14
C PRO B 450 -1.14 30.21 -29.90
N LEU B 451 -1.49 31.46 -29.61
CA LEU B 451 -0.92 32.65 -30.20
C LEU B 451 -0.59 33.64 -29.07
N TYR B 452 0.62 34.16 -29.04
CA TYR B 452 1.08 35.09 -28.01
C TYR B 452 1.44 36.41 -28.69
N THR B 453 0.87 37.50 -28.18
CA THR B 453 1.03 38.82 -28.78
C THR B 453 1.28 39.88 -27.72
N LEU B 454 1.88 40.99 -28.14
CA LEU B 454 2.20 42.08 -27.25
C LEU B 454 1.48 43.37 -27.68
N HIS B 455 0.99 44.09 -26.69
CA HIS B 455 0.13 45.27 -26.88
C HIS B 455 0.54 46.45 -25.99
N SER B 456 0.30 47.67 -26.48
CA SER B 456 0.49 48.87 -25.67
C SER B 456 -0.86 49.40 -25.13
N SER B 457 -0.90 49.71 -23.84
CA SER B 457 -2.14 50.07 -23.17
C SER B 457 -2.59 51.49 -23.51
N VAL B 458 -1.64 52.35 -23.88
CA VAL B 458 -1.94 53.75 -24.17
C VAL B 458 -2.89 53.92 -25.34
N ASN B 459 -2.80 53.03 -26.32
CA ASN B 459 -3.63 53.07 -27.52
C ASN B 459 -4.29 51.72 -27.86
N ASP B 460 -4.05 50.70 -27.05
CA ASP B 460 -4.46 49.32 -27.30
C ASP B 460 -4.09 48.77 -28.66
N LYS B 461 -2.96 49.21 -29.23
CA LYS B 461 -2.53 48.68 -30.51
C LYS B 461 -1.62 47.49 -30.28
N GLY B 462 -1.65 46.55 -31.21
CA GLY B 462 -0.78 45.37 -31.16
C GLY B 462 0.59 45.81 -31.59
N LEU B 463 1.60 45.43 -30.83
CA LEU B 463 2.99 45.79 -31.16
C LEU B 463 3.61 44.74 -32.08
N ARG B 464 3.49 43.47 -31.71
CA ARG B 464 4.06 42.37 -32.51
C ARG B 464 3.54 41.02 -32.04
N VAL B 465 3.73 40.02 -32.90
CA VAL B 465 3.41 38.64 -32.56
C VAL B 465 4.65 38.06 -31.91
N LEU B 466 4.49 37.48 -30.73
CA LEU B 466 5.63 36.94 -30.01
C LEU B 466 5.86 35.48 -30.38
N GLU B 467 4.79 34.70 -30.40
CA GLU B 467 4.88 33.31 -30.84
C GLU B 467 3.55 32.88 -31.46
N ASP B 468 3.62 32.30 -32.64
CA ASP B 468 2.44 31.95 -33.43
C ASP B 468 2.29 30.45 -33.74
N ASN B 469 3.25 29.64 -33.30
CA ASN B 469 3.17 28.20 -33.47
C ASN B 469 3.08 27.75 -34.92
N SER B 470 3.76 28.49 -35.80
CA SER B 470 3.81 28.14 -37.20
C SER B 470 4.60 26.86 -37.45
N ALA B 471 5.60 26.56 -36.63
CA ALA B 471 6.36 25.30 -36.81
C ALA B 471 5.43 24.10 -36.61
N LEU B 472 4.71 24.09 -35.50
CA LEU B 472 3.70 23.06 -35.20
C LEU B 472 2.55 23.00 -36.22
N ASP B 473 2.08 24.15 -36.67
CA ASP B 473 1.05 24.19 -37.67
C ASP B 473 1.51 23.39 -38.89
N LYS B 474 2.77 23.54 -39.28
CA LYS B 474 3.29 22.84 -40.45
C LYS B 474 3.41 21.33 -40.25
N MET B 475 3.88 20.92 -39.08
CA MET B 475 3.93 19.50 -38.74
C MET B 475 2.54 18.83 -38.74
N LEU B 476 1.57 19.50 -38.13
CA LEU B 476 0.23 18.94 -37.96
C LEU B 476 -0.56 18.83 -39.24
N GLN B 477 -0.14 19.58 -40.26
CA GLN B 477 -0.74 19.48 -41.57
C GLN B 477 -0.53 18.08 -42.17
N ASN B 478 0.54 17.38 -41.79
CA ASN B 478 0.73 16.01 -42.27
C ASN B 478 0.08 14.94 -41.39
N VAL B 479 -0.74 15.33 -40.42
CA VAL B 479 -1.40 14.39 -39.50
C VAL B 479 -2.93 14.46 -39.59
N GLN B 480 -3.58 13.30 -39.54
CA GLN B 480 -5.03 13.23 -39.48
C GLN B 480 -5.52 13.59 -38.08
N MET B 481 -5.66 14.88 -37.82
CA MET B 481 -6.03 15.35 -36.49
C MET B 481 -7.54 15.28 -36.28
N PRO B 482 -7.97 15.09 -35.04
CA PRO B 482 -9.40 15.09 -34.74
C PRO B 482 -9.93 16.52 -34.67
N SER B 483 -11.25 16.69 -34.69
CA SER B 483 -11.86 18.00 -34.53
C SER B 483 -12.56 18.03 -33.18
N LYS B 484 -12.99 19.22 -32.80
CA LYS B 484 -13.65 19.43 -31.53
C LYS B 484 -14.92 20.25 -31.74
N LYS B 485 -16.05 19.72 -31.31
CA LYS B 485 -17.31 20.46 -31.26
C LYS B 485 -17.61 20.92 -29.83
N LEU B 486 -18.04 22.18 -29.70
CA LEU B 486 -18.54 22.70 -28.45
C LEU B 486 -19.97 23.20 -28.68
N ASP B 487 -20.92 22.75 -27.86
CA ASP B 487 -22.35 23.06 -28.07
C ASP B 487 -23.12 22.79 -26.78
N PHE B 488 -24.45 22.89 -26.83
CA PHE B 488 -25.26 22.70 -25.64
C PHE B 488 -26.50 21.89 -25.94
N ILE B 489 -27.07 21.32 -24.88
CA ILE B 489 -28.40 20.73 -24.90
C ILE B 489 -29.24 21.46 -23.87
N ILE B 490 -30.55 21.40 -24.01
CA ILE B 490 -31.47 22.08 -23.09
C ILE B 490 -32.16 21.05 -22.21
N LEU B 491 -31.91 21.12 -20.90
CA LEU B 491 -32.63 20.27 -19.95
C LEU B 491 -33.40 21.13 -18.96
N ASN B 492 -34.70 20.87 -18.85
CA ASN B 492 -35.57 21.60 -17.93
C ASN B 492 -35.44 23.10 -18.14
N GLU B 493 -35.39 23.50 -19.42
CA GLU B 493 -35.34 24.91 -19.76
C GLU B 493 -33.98 25.56 -19.48
N THR B 494 -32.95 24.77 -19.21
CA THR B 494 -31.59 25.28 -18.99
C THR B 494 -30.60 24.70 -20.01
N LYS B 495 -29.72 25.55 -20.54
CA LYS B 495 -28.63 25.11 -21.40
C LYS B 495 -27.53 24.50 -20.56
N PHE B 496 -27.11 23.31 -20.97
CA PHE B 496 -25.96 22.64 -20.40
C PHE B 496 -24.99 22.31 -21.54
N TRP B 497 -23.74 22.76 -21.37
CA TRP B 497 -22.72 22.70 -22.41
C TRP B 497 -21.90 21.40 -22.38
N TYR B 498 -21.44 20.98 -23.55
CA TYR B 498 -20.67 19.75 -23.71
C TYR B 498 -19.66 19.96 -24.84
N GLN B 499 -18.61 19.15 -24.86
CA GLN B 499 -17.69 19.14 -25.97
C GLN B 499 -17.47 17.71 -26.42
N MET B 500 -17.09 17.57 -27.69
CA MET B 500 -16.73 16.27 -28.25
C MET B 500 -15.44 16.37 -29.02
N ILE B 501 -14.50 15.46 -28.75
CA ILE B 501 -13.35 15.25 -29.63
C ILE B 501 -13.72 14.19 -30.64
N LEU B 502 -13.79 14.58 -31.91
CA LEU B 502 -14.31 13.73 -32.97
C LEU B 502 -13.19 13.22 -33.90
N PRO B 503 -13.21 11.94 -34.26
CA PRO B 503 -12.21 11.39 -35.18
C PRO B 503 -12.14 12.14 -36.52
N PRO B 504 -10.99 12.06 -37.19
CA PRO B 504 -10.87 12.64 -38.54
C PRO B 504 -11.87 11.96 -39.47
N HIS B 505 -12.41 12.71 -40.42
CA HIS B 505 -13.42 12.19 -41.36
C HIS B 505 -14.67 11.71 -40.64
N PHE B 506 -15.02 12.39 -39.54
CA PHE B 506 -16.19 12.01 -38.77
C PHE B 506 -17.40 11.91 -39.68
N ASP B 507 -18.17 10.84 -39.50
CA ASP B 507 -19.30 10.55 -40.39
C ASP B 507 -20.54 10.24 -39.58
N LYS B 508 -21.51 11.15 -39.63
CA LYS B 508 -22.66 11.10 -38.72
C LYS B 508 -23.56 9.89 -38.91
N SER B 509 -23.41 9.20 -40.04
CA SER B 509 -24.19 8.00 -40.35
C SER B 509 -23.58 6.70 -39.82
N LYS B 510 -22.44 6.81 -39.17
CA LYS B 510 -21.78 5.69 -38.49
C LYS B 510 -21.98 5.75 -36.98
N LYS B 511 -21.77 4.61 -36.35
CA LYS B 511 -21.92 4.47 -34.92
C LYS B 511 -20.54 4.30 -34.28
N TYR B 512 -20.13 5.30 -33.49
CA TYR B 512 -18.78 5.32 -32.94
C TYR B 512 -18.84 4.91 -31.46
N PRO B 513 -17.82 4.21 -30.96
CA PRO B 513 -17.68 4.04 -29.52
C PRO B 513 -17.50 5.41 -28.88
N LEU B 514 -17.97 5.57 -27.65
CA LEU B 514 -17.87 6.83 -26.94
C LEU B 514 -17.26 6.71 -25.54
N LEU B 515 -16.28 7.57 -25.28
CA LEU B 515 -15.69 7.66 -23.95
C LEU B 515 -16.15 8.98 -23.31
N LEU B 516 -16.80 8.91 -22.16
CA LEU B 516 -17.18 10.11 -21.40
C LEU B 516 -16.05 10.46 -20.44
N ASP B 517 -15.46 11.62 -20.64
CA ASP B 517 -14.32 12.06 -19.85
C ASP B 517 -14.87 13.01 -18.79
N VAL B 518 -14.76 12.61 -17.51
CA VAL B 518 -15.48 13.28 -16.43
C VAL B 518 -14.59 13.91 -15.37
N TYR B 519 -14.97 15.09 -14.90
CA TYR B 519 -14.45 15.61 -13.62
C TYR B 519 -15.67 15.93 -12.72
N ALA B 520 -16.40 16.99 -13.06
CA ALA B 520 -17.73 17.31 -12.51
C ALA B 520 -17.76 17.74 -11.03
N GLY B 521 -16.64 18.16 -10.48
CA GLY B 521 -16.65 18.75 -9.16
C GLY B 521 -17.31 20.12 -9.19
N PRO B 522 -17.56 20.67 -8.01
CA PRO B 522 -18.23 21.97 -7.88
C PRO B 522 -17.38 23.10 -8.47
N CYS B 523 -18.03 23.91 -9.32
CA CYS B 523 -17.39 24.98 -10.10
C CYS B 523 -16.46 24.49 -11.19
N SER B 524 -16.56 23.23 -11.59
CA SER B 524 -15.70 22.71 -12.65
C SER B 524 -16.19 23.12 -14.03
N GLN B 525 -15.29 23.06 -15.00
CA GLN B 525 -15.66 23.30 -16.38
C GLN B 525 -14.83 22.41 -17.28
N LYS B 526 -15.49 21.43 -17.91
CA LYS B 526 -14.83 20.53 -18.85
C LYS B 526 -15.21 20.75 -20.30
N ALA B 527 -16.14 21.67 -20.57
CA ALA B 527 -16.46 22.05 -21.93
C ALA B 527 -15.96 23.48 -22.17
N ASP B 528 -14.99 23.63 -23.05
CA ASP B 528 -14.38 24.94 -23.28
C ASP B 528 -13.74 25.03 -24.65
N THR B 529 -13.11 26.17 -24.94
CA THR B 529 -12.53 26.47 -26.26
C THR B 529 -11.00 26.28 -26.32
N VAL B 530 -10.41 25.60 -25.34
CA VAL B 530 -8.96 25.43 -25.28
C VAL B 530 -8.50 24.33 -26.25
N PHE B 531 -7.38 24.58 -26.93
CA PHE B 531 -6.69 23.59 -27.74
C PHE B 531 -5.80 22.70 -26.89
N ARG B 532 -6.01 21.38 -27.00
CA ARG B 532 -5.20 20.41 -26.25
C ARG B 532 -4.70 19.29 -27.16
N LEU B 533 -3.47 18.85 -26.88
CA LEU B 533 -2.89 17.65 -27.48
C LEU B 533 -2.71 16.68 -26.31
N ASN B 534 -3.57 15.68 -26.22
CA ASN B 534 -3.61 14.86 -25.03
C ASN B 534 -4.05 13.44 -25.36
N TRP B 535 -4.36 12.64 -24.35
CA TRP B 535 -4.78 11.27 -24.60
C TRP B 535 -6.01 11.17 -25.47
N ALA B 536 -6.97 12.07 -25.27
CA ALA B 536 -8.19 12.07 -26.11
C ALA B 536 -7.89 12.25 -27.59
N THR B 537 -6.86 13.05 -27.87
CA THR B 537 -6.42 13.28 -29.25
C THR B 537 -6.05 11.99 -29.98
N TYR B 538 -5.23 11.16 -29.33
CA TYR B 538 -4.90 9.81 -29.83
C TYR B 538 -6.13 8.91 -29.97
N LEU B 539 -6.96 8.88 -28.92
CA LEU B 539 -8.13 8.00 -28.92
C LEU B 539 -9.03 8.30 -30.11
N ALA B 540 -9.26 9.59 -30.36
CA ALA B 540 -10.07 10.03 -31.50
C ALA B 540 -9.37 9.84 -32.84
N SER B 541 -8.11 10.30 -32.93
CA SER B 541 -7.33 10.25 -34.17
C SER B 541 -6.95 8.85 -34.66
N THR B 542 -6.46 8.01 -33.75
CA THR B 542 -5.97 6.68 -34.09
C THR B 542 -7.04 5.62 -33.87
N GLU B 543 -7.78 5.67 -32.75
CA GLU B 543 -8.69 4.58 -32.43
C GLU B 543 -10.15 4.83 -32.83
N ASN B 544 -10.43 5.99 -33.45
CA ASN B 544 -11.78 6.35 -33.85
C ASN B 544 -12.84 6.26 -32.74
N ILE B 545 -12.46 6.78 -31.58
CA ILE B 545 -13.33 6.92 -30.42
C ILE B 545 -13.72 8.40 -30.23
N ILE B 546 -15.01 8.68 -30.09
CA ILE B 546 -15.46 9.99 -29.67
C ILE B 546 -15.20 10.17 -28.17
N VAL B 547 -14.49 11.24 -27.79
CA VAL B 547 -14.28 11.52 -26.37
C VAL B 547 -15.10 12.76 -26.00
N ALA B 548 -16.06 12.59 -25.10
CA ALA B 548 -17.01 13.66 -24.75
C ALA B 548 -16.91 14.11 -23.30
N SER B 549 -17.27 15.37 -23.05
CA SER B 549 -17.38 15.92 -21.69
C SER B 549 -18.63 16.81 -21.58
N PHE B 550 -19.19 16.84 -20.39
CA PHE B 550 -20.47 17.49 -20.11
C PHE B 550 -20.35 18.31 -18.83
N ASP B 551 -20.83 19.55 -18.84
CA ASP B 551 -20.88 20.37 -17.63
C ASP B 551 -22.31 20.49 -17.12
N GLY B 552 -22.64 19.72 -16.08
CA GLY B 552 -24.01 19.63 -15.57
C GLY B 552 -24.24 20.42 -14.30
N ARG B 553 -25.19 20.00 -13.49
CA ARG B 553 -25.43 20.73 -12.26
C ARG B 553 -24.22 20.69 -11.33
N GLY B 554 -23.94 21.81 -10.67
CA GLY B 554 -22.70 21.97 -9.91
C GLY B 554 -21.53 22.62 -10.64
N SER B 555 -21.60 22.69 -11.97
CA SER B 555 -20.50 23.24 -12.75
C SER B 555 -20.44 24.78 -12.65
N GLY B 556 -19.31 25.37 -13.03
CA GLY B 556 -19.02 26.77 -12.71
C GLY B 556 -19.25 27.75 -13.84
N TYR B 557 -19.16 29.04 -13.53
CA TYR B 557 -19.09 30.13 -14.55
C TYR B 557 -20.40 30.41 -15.27
N GLN B 558 -21.50 29.89 -14.72
CA GLN B 558 -22.83 30.02 -15.27
C GLN B 558 -23.87 30.47 -14.23
N GLY B 559 -23.41 31.04 -13.12
CA GLY B 559 -24.33 31.49 -12.11
C GLY B 559 -24.55 30.47 -10.99
N ASP B 560 -25.09 30.95 -9.88
CA ASP B 560 -25.26 30.15 -8.68
C ASP B 560 -26.40 29.16 -8.77
N LYS B 561 -27.43 29.42 -9.58
CA LYS B 561 -28.52 28.47 -9.68
C LYS B 561 -27.92 27.12 -10.10
N ILE B 562 -26.99 27.16 -11.05
CA ILE B 562 -26.32 25.93 -11.48
C ILE B 562 -25.26 25.47 -10.48
N MET B 563 -24.40 26.39 -10.02
CA MET B 563 -23.28 25.97 -9.20
C MET B 563 -23.70 25.42 -7.83
N HIS B 564 -24.67 26.07 -7.19
CA HIS B 564 -25.11 25.66 -5.85
C HIS B 564 -26.17 24.56 -5.87
N ALA B 565 -26.51 24.00 -7.04
CA ALA B 565 -27.49 22.92 -7.10
C ALA B 565 -27.05 21.71 -6.26
N ILE B 566 -25.75 21.48 -6.12
CA ILE B 566 -25.27 20.37 -5.29
C ILE B 566 -24.90 20.69 -3.83
N ASN B 567 -25.32 21.85 -3.34
CA ASN B 567 -25.03 22.26 -1.98
C ASN B 567 -25.54 21.19 -1.00
N ARG B 568 -24.65 20.74 -0.12
CA ARG B 568 -24.94 19.69 0.88
C ARG B 568 -25.28 18.31 0.29
N ARG B 569 -25.06 18.15 -1.02
CA ARG B 569 -25.52 16.97 -1.76
C ARG B 569 -24.55 16.47 -2.83
N LEU B 570 -23.28 16.38 -2.48
CA LEU B 570 -22.30 15.80 -3.44
C LEU B 570 -22.66 14.34 -3.70
N GLY B 571 -22.39 13.88 -4.91
CA GLY B 571 -22.73 12.52 -5.32
C GLY B 571 -24.16 12.31 -5.75
N THR B 572 -24.86 13.39 -6.10
CA THR B 572 -26.24 13.27 -6.55
C THR B 572 -26.39 13.82 -7.97
N PHE B 573 -26.81 15.08 -8.13
CA PHE B 573 -27.19 15.61 -9.45
C PHE B 573 -26.05 15.62 -10.48
N GLU B 574 -24.82 15.89 -10.03
CA GLU B 574 -23.64 15.88 -10.89
C GLU B 574 -23.33 14.50 -11.44
N VAL B 575 -23.68 13.47 -10.67
CA VAL B 575 -23.54 12.09 -11.09
C VAL B 575 -24.67 11.75 -12.06
N GLU B 576 -25.91 12.05 -11.68
CA GLU B 576 -27.07 11.78 -12.52
C GLU B 576 -26.96 12.47 -13.87
N ASP B 577 -26.47 13.71 -13.87
CA ASP B 577 -26.36 14.49 -15.10
C ASP B 577 -25.33 13.94 -16.12
N GLN B 578 -24.28 13.27 -15.67
CA GLN B 578 -23.38 12.59 -16.60
C GLN B 578 -24.05 11.39 -17.27
N ILE B 579 -24.87 10.67 -16.51
CA ILE B 579 -25.63 9.54 -17.02
C ILE B 579 -26.58 10.06 -18.10
N GLU B 580 -27.31 11.12 -17.77
CA GLU B 580 -28.25 11.68 -18.71
C GLU B 580 -27.54 12.20 -19.97
N ALA B 581 -26.37 12.83 -19.79
CA ALA B 581 -25.60 13.28 -20.95
C ALA B 581 -25.28 12.13 -21.90
N ALA B 582 -24.92 10.96 -21.38
CA ALA B 582 -24.63 9.78 -22.19
C ALA B 582 -25.90 9.30 -22.90
N ARG B 583 -27.03 9.32 -22.21
CA ARG B 583 -28.30 9.08 -22.89
C ARG B 583 -28.57 10.03 -24.05
N GLN B 584 -28.37 11.32 -23.80
CA GLN B 584 -28.60 12.35 -24.81
C GLN B 584 -27.67 12.19 -26.01
N PHE B 585 -26.40 11.86 -25.77
CA PHE B 585 -25.45 11.61 -26.86
C PHE B 585 -25.87 10.42 -27.73
N SER B 586 -26.32 9.36 -27.08
CA SER B 586 -26.89 8.22 -27.78
C SER B 586 -28.05 8.57 -28.72
N LYS B 587 -28.94 9.43 -28.25
CA LYS B 587 -30.05 9.91 -29.08
C LYS B 587 -29.58 10.70 -30.30
N MET B 588 -28.36 11.23 -30.29
CA MET B 588 -27.85 11.99 -31.44
C MET B 588 -27.59 11.11 -32.66
N GLY B 589 -27.45 9.80 -32.48
CA GLY B 589 -27.51 8.86 -33.60
C GLY B 589 -26.20 8.37 -34.19
N PHE B 590 -25.07 8.89 -33.71
CA PHE B 590 -23.74 8.48 -34.21
C PHE B 590 -22.93 7.77 -33.12
N VAL B 591 -23.63 7.21 -32.14
CA VAL B 591 -22.97 6.59 -31.01
C VAL B 591 -23.44 5.15 -30.96
N ASP B 592 -22.48 4.24 -30.79
CA ASP B 592 -22.77 2.84 -30.56
C ASP B 592 -23.17 2.61 -29.08
N ASN B 593 -24.45 2.38 -28.84
CA ASN B 593 -24.97 2.19 -27.48
C ASN B 593 -24.31 1.07 -26.68
N LYS B 594 -23.68 0.14 -27.37
CA LYS B 594 -23.09 -1.02 -26.71
C LYS B 594 -21.64 -0.77 -26.34
N ARG B 595 -21.15 0.40 -26.73
CA ARG B 595 -19.76 0.76 -26.45
C ARG B 595 -19.63 2.19 -25.94
N ILE B 596 -20.15 2.42 -24.74
CA ILE B 596 -20.01 3.69 -24.05
C ILE B 596 -19.26 3.44 -22.74
N ALA B 597 -18.19 4.19 -22.53
CA ALA B 597 -17.34 4.05 -21.36
C ALA B 597 -17.26 5.39 -20.67
N ILE B 598 -16.73 5.37 -19.45
CA ILE B 598 -16.54 6.57 -18.62
C ILE B 598 -15.20 6.55 -17.91
N TRP B 599 -14.56 7.70 -17.75
CA TRP B 599 -13.30 7.74 -17.02
C TRP B 599 -13.11 9.11 -16.36
N GLY B 600 -12.32 9.11 -15.31
CA GLY B 600 -12.00 10.33 -14.60
C GLY B 600 -10.96 10.14 -13.54
N TRP B 601 -10.38 11.28 -13.13
CA TRP B 601 -9.32 11.37 -12.13
C TRP B 601 -9.79 12.23 -10.99
N SER B 602 -9.53 11.77 -9.76
CA SER B 602 -9.82 12.57 -8.56
C SER B 602 -11.33 12.70 -8.29
N TYR B 603 -11.90 13.92 -8.20
CA TYR B 603 -13.37 14.02 -8.25
C TYR B 603 -13.93 13.24 -9.45
N GLY B 604 -13.25 13.29 -10.60
CA GLY B 604 -13.76 12.57 -11.78
C GLY B 604 -13.72 11.06 -11.59
N GLY B 605 -12.79 10.59 -10.76
CA GLY B 605 -12.72 9.17 -10.35
C GLY B 605 -13.90 8.78 -9.45
N TYR B 606 -14.22 9.66 -8.51
CA TYR B 606 -15.44 9.53 -7.65
C TYR B 606 -16.68 9.46 -8.52
N VAL B 607 -16.84 10.40 -9.44
CA VAL B 607 -18.05 10.41 -10.26
C VAL B 607 -18.16 9.19 -11.16
N THR B 608 -17.06 8.83 -11.80
CA THR B 608 -16.99 7.62 -12.60
C THR B 608 -17.50 6.42 -11.79
N SER B 609 -16.99 6.31 -10.57
CA SER B 609 -17.27 5.16 -9.70
C SER B 609 -18.74 5.14 -9.28
N MET B 610 -19.27 6.31 -8.94
CA MET B 610 -20.68 6.45 -8.63
C MET B 610 -21.55 6.10 -9.85
N VAL B 611 -21.19 6.57 -11.03
CA VAL B 611 -21.92 6.22 -12.24
C VAL B 611 -21.86 4.73 -12.52
N LEU B 612 -20.69 4.12 -12.43
CA LEU B 612 -20.57 2.70 -12.67
C LEU B 612 -21.37 1.85 -11.66
N GLY B 613 -21.47 2.33 -10.43
CA GLY B 613 -22.29 1.64 -9.43
C GLY B 613 -23.76 2.02 -9.33
N SER B 614 -24.25 2.82 -10.28
CA SER B 614 -25.63 3.34 -10.24
C SER B 614 -26.67 2.34 -10.70
N GLY B 615 -26.25 1.31 -11.41
CA GLY B 615 -27.18 0.38 -12.02
C GLY B 615 -27.88 0.88 -13.27
N SER B 616 -27.38 1.95 -13.88
CA SER B 616 -28.07 2.57 -15.00
C SER B 616 -28.14 1.71 -16.27
N GLY B 617 -27.16 0.82 -16.43
CA GLY B 617 -27.04 0.01 -17.64
C GLY B 617 -26.43 0.73 -18.84
N VAL B 618 -26.09 2.01 -18.69
CA VAL B 618 -25.70 2.82 -19.85
C VAL B 618 -24.23 2.55 -20.29
N PHE B 619 -23.39 2.25 -19.32
CA PHE B 619 -21.93 2.17 -19.51
C PHE B 619 -21.42 0.72 -19.50
N LYS B 620 -20.63 0.33 -20.49
CA LYS B 620 -20.01 -0.98 -20.53
C LYS B 620 -18.87 -1.11 -19.51
N CYS B 621 -18.08 -0.06 -19.40
CA CYS B 621 -16.89 -0.09 -18.56
C CYS B 621 -16.45 1.30 -18.14
N GLY B 622 -15.49 1.34 -17.23
CA GLY B 622 -14.89 2.62 -16.84
C GLY B 622 -13.60 2.52 -16.07
N ILE B 623 -12.93 3.65 -15.90
CA ILE B 623 -11.62 3.73 -15.24
C ILE B 623 -11.64 4.86 -14.23
N ALA B 624 -11.40 4.55 -12.96
CA ALA B 624 -11.25 5.60 -11.94
C ALA B 624 -9.79 5.68 -11.52
N VAL B 625 -9.21 6.89 -11.66
CA VAL B 625 -7.85 7.15 -11.22
C VAL B 625 -7.85 8.04 -9.98
N ALA B 626 -7.27 7.51 -8.91
CA ALA B 626 -7.15 8.18 -7.62
C ALA B 626 -8.48 8.79 -7.15
N PRO B 627 -9.54 7.98 -7.13
CA PRO B 627 -10.86 8.45 -6.71
C PRO B 627 -11.04 8.78 -5.22
N VAL B 628 -11.82 9.83 -4.93
CA VAL B 628 -12.50 9.87 -3.63
C VAL B 628 -13.55 8.74 -3.60
N SER B 629 -13.68 8.07 -2.44
CA SER B 629 -14.73 7.06 -2.26
C SER B 629 -15.74 7.30 -1.11
N ARG B 630 -15.37 8.14 -0.16
CA ARG B 630 -16.19 8.42 1.00
C ARG B 630 -15.74 9.78 1.51
N TRP B 631 -16.69 10.71 1.67
CA TRP B 631 -16.33 12.09 1.99
C TRP B 631 -15.64 12.29 3.33
N GLU B 632 -15.96 11.44 4.30
CA GLU B 632 -15.24 11.47 5.58
C GLU B 632 -13.73 11.18 5.46
N TYR B 633 -13.27 10.62 4.35
CA TYR B 633 -11.82 10.42 4.17
C TYR B 633 -11.09 11.64 3.53
N TYR B 634 -11.83 12.59 2.96
CA TYR B 634 -11.22 13.75 2.31
C TYR B 634 -11.06 14.91 3.29
N ASP B 635 -10.26 15.92 2.92
CA ASP B 635 -9.96 17.01 3.84
C ASP B 635 -11.14 17.89 4.23
N SER B 636 -11.03 18.49 5.40
CA SER B 636 -12.08 19.29 6.01
C SER B 636 -12.49 20.50 5.17
N VAL B 637 -11.51 21.28 4.73
CA VAL B 637 -11.77 22.59 4.13
C VAL B 637 -12.55 22.43 2.81
N TYR B 638 -12.12 21.53 1.93
CA TYR B 638 -12.83 21.27 0.67
C TYR B 638 -14.19 20.61 0.96
N THR B 639 -14.15 19.52 1.72
CA THR B 639 -15.35 18.70 1.88
C THR B 639 -16.49 19.45 2.56
N GLU B 640 -16.16 20.12 3.66
CA GLU B 640 -17.15 20.81 4.45
C GLU B 640 -17.74 22.06 3.76
N ARG B 641 -17.00 22.62 2.80
CA ARG B 641 -17.47 23.74 2.01
C ARG B 641 -18.78 23.39 1.33
N TYR B 642 -18.86 22.16 0.85
CA TYR B 642 -20.03 21.67 0.12
C TYR B 642 -20.98 20.82 0.96
N MET B 643 -20.46 20.11 1.97
CA MET B 643 -21.20 19.06 2.70
C MET B 643 -21.57 19.41 4.14
N GLY B 644 -21.08 20.53 4.64
CA GLY B 644 -21.20 20.81 6.06
C GLY B 644 -20.45 19.77 6.87
N LEU B 645 -20.85 19.59 8.13
CA LEU B 645 -20.18 18.67 9.05
C LEU B 645 -20.86 17.31 9.12
N PRO B 646 -20.09 16.23 9.23
CA PRO B 646 -20.64 14.89 9.33
C PRO B 646 -21.10 14.53 10.75
N THR B 647 -22.08 15.27 11.27
CA THR B 647 -22.71 14.99 12.56
C THR B 647 -24.20 14.76 12.34
N PRO B 648 -24.86 14.05 13.25
CA PRO B 648 -26.31 13.84 13.17
C PRO B 648 -27.08 15.16 13.10
N GLU B 649 -26.55 16.18 13.76
CA GLU B 649 -27.19 17.50 13.83
C GLU B 649 -27.08 18.25 12.51
N ASP B 650 -26.09 17.91 11.69
CA ASP B 650 -25.81 18.64 10.46
C ASP B 650 -26.11 17.73 9.27
N ASN B 651 -25.12 17.08 8.66
CA ASN B 651 -25.33 16.37 7.39
C ASN B 651 -24.79 14.94 7.38
N LEU B 652 -24.67 14.28 8.53
CA LEU B 652 -24.06 12.92 8.56
C LEU B 652 -24.82 11.96 7.64
N ASP B 653 -26.14 12.05 7.59
CA ASP B 653 -26.92 11.11 6.79
C ASP B 653 -26.48 11.14 5.32
N HIS B 654 -26.29 12.31 4.74
CA HIS B 654 -25.82 12.35 3.35
C HIS B 654 -24.37 11.92 3.12
N TYR B 655 -23.46 12.29 4.02
CA TYR B 655 -22.11 11.74 4.05
C TYR B 655 -22.14 10.21 3.96
N ARG B 656 -23.01 9.60 4.75
CA ARG B 656 -23.08 8.15 4.79
C ARG B 656 -23.78 7.56 3.57
N ASN B 657 -24.64 8.33 2.90
CA ASN B 657 -25.39 7.82 1.75
C ASN B 657 -24.65 7.99 0.41
N SER B 658 -23.55 8.72 0.40
CA SER B 658 -22.88 9.14 -0.85
C SER B 658 -21.52 8.48 -1.07
N THR B 659 -21.34 7.27 -0.54
CA THR B 659 -20.07 6.54 -0.71
C THR B 659 -20.12 5.62 -1.92
N VAL B 660 -18.95 5.37 -2.50
CA VAL B 660 -18.81 4.36 -3.55
C VAL B 660 -19.09 2.95 -3.03
N MET B 661 -18.57 2.65 -1.86
CA MET B 661 -18.63 1.31 -1.26
C MET B 661 -20.05 0.78 -1.15
N SER B 662 -21.02 1.65 -0.85
CA SER B 662 -22.42 1.20 -0.72
C SER B 662 -23.03 0.72 -2.02
N ARG B 663 -22.39 1.02 -3.16
CA ARG B 663 -22.88 0.60 -4.47
C ARG B 663 -22.20 -0.64 -5.06
N ALA B 664 -21.40 -1.34 -4.25
CA ALA B 664 -20.52 -2.40 -4.76
C ALA B 664 -21.21 -3.52 -5.56
N GLU B 665 -22.41 -3.92 -5.13
CA GLU B 665 -23.13 -4.99 -5.80
C GLU B 665 -23.38 -4.67 -7.26
N ASN B 666 -23.63 -3.40 -7.56
CA ASN B 666 -23.95 -2.99 -8.93
C ASN B 666 -22.78 -3.03 -9.91
N PHE B 667 -21.54 -3.10 -9.39
CA PHE B 667 -20.38 -3.28 -10.25
C PHE B 667 -20.35 -4.66 -10.91
N LYS B 668 -21.20 -5.59 -10.48
CA LYS B 668 -21.30 -6.85 -11.22
C LYS B 668 -21.64 -6.63 -12.70
N GLN B 669 -22.30 -5.52 -13.00
CA GLN B 669 -22.80 -5.22 -14.34
C GLN B 669 -21.75 -4.61 -15.29
N VAL B 670 -20.60 -4.17 -14.76
CA VAL B 670 -19.62 -3.42 -15.55
C VAL B 670 -18.19 -3.97 -15.46
N GLU B 671 -17.34 -3.56 -16.41
CA GLU B 671 -15.88 -3.75 -16.33
C GLU B 671 -15.24 -2.47 -15.78
N TYR B 672 -14.48 -2.63 -14.69
CA TYR B 672 -13.89 -1.52 -13.93
C TYR B 672 -12.39 -1.71 -13.82
N LEU B 673 -11.67 -0.61 -13.97
CA LEU B 673 -10.25 -0.53 -13.67
C LEU B 673 -10.02 0.61 -12.69
N LEU B 674 -9.40 0.24 -11.55
CA LEU B 674 -9.15 1.12 -10.43
C LEU B 674 -7.64 1.33 -10.28
N ILE B 675 -7.21 2.59 -10.21
CA ILE B 675 -5.78 2.92 -10.26
C ILE B 675 -5.46 3.95 -9.19
N HIS B 676 -4.36 3.80 -8.48
CA HIS B 676 -4.05 4.75 -7.42
C HIS B 676 -2.55 4.71 -7.15
N GLY B 677 -1.97 5.86 -6.86
CA GLY B 677 -0.58 5.94 -6.42
C GLY B 677 -0.47 5.74 -4.91
N THR B 678 0.51 4.96 -4.47
CA THR B 678 0.63 4.64 -3.05
C THR B 678 1.07 5.84 -2.19
N ALA B 679 1.79 6.80 -2.76
CA ALA B 679 2.23 7.97 -1.98
C ALA B 679 1.38 9.23 -2.21
N ASP B 680 0.08 9.04 -2.43
CA ASP B 680 -0.85 10.14 -2.66
C ASP B 680 -1.23 10.73 -1.31
N ASP B 681 -0.68 11.92 -1.05
CA ASP B 681 -0.91 12.69 0.16
C ASP B 681 -2.23 13.44 0.16
N ASN B 682 -2.90 13.46 -1.00
CA ASN B 682 -4.07 14.28 -1.24
C ASN B 682 -5.36 13.47 -1.14
N VAL B 683 -5.60 12.62 -2.12
CA VAL B 683 -6.64 11.60 -2.06
C VAL B 683 -5.91 10.33 -1.61
N HIS B 684 -6.06 9.97 -0.33
CA HIS B 684 -5.26 8.88 0.22
C HIS B 684 -5.53 7.53 -0.45
N PHE B 685 -4.47 6.73 -0.62
CA PHE B 685 -4.61 5.37 -1.12
C PHE B 685 -5.73 4.61 -0.40
N GLN B 686 -5.91 4.90 0.89
CA GLN B 686 -7.04 4.41 1.71
C GLN B 686 -8.36 4.37 0.94
N GLN B 687 -8.61 5.44 0.19
CA GLN B 687 -9.88 5.60 -0.49
C GLN B 687 -10.14 4.48 -1.48
N SER B 688 -9.16 4.13 -2.30
CA SER B 688 -9.24 2.98 -3.23
C SER B 688 -9.10 1.64 -2.50
N ALA B 689 -8.31 1.61 -1.43
CA ALA B 689 -8.20 0.40 -0.63
C ALA B 689 -9.56 -0.01 -0.10
N GLN B 690 -10.39 0.98 0.24
CA GLN B 690 -11.72 0.65 0.72
C GLN B 690 -12.72 0.25 -0.37
N ILE B 691 -12.59 0.85 -1.57
CA ILE B 691 -13.37 0.42 -2.72
C ILE B 691 -13.09 -1.04 -3.05
N SER B 692 -11.80 -1.40 -3.13
CA SER B 692 -11.44 -2.77 -3.51
C SER B 692 -11.91 -3.80 -2.48
N LYS B 693 -11.79 -3.50 -1.18
CA LYS B 693 -12.29 -4.41 -0.14
C LYS B 693 -13.81 -4.64 -0.26
N ALA B 694 -14.56 -3.57 -0.52
CA ALA B 694 -16.00 -3.68 -0.67
C ALA B 694 -16.38 -4.55 -1.87
N LEU B 695 -15.64 -4.39 -2.97
CA LEU B 695 -15.89 -5.18 -4.18
C LEU B 695 -15.55 -6.66 -4.00
N VAL B 696 -14.41 -6.93 -3.38
CA VAL B 696 -14.04 -8.28 -2.96
C VAL B 696 -15.10 -8.88 -2.03
N ASP B 697 -15.63 -8.08 -1.10
CA ASP B 697 -16.61 -8.61 -0.14
C ASP B 697 -17.96 -9.02 -0.73
N VAL B 698 -18.33 -8.52 -1.90
CA VAL B 698 -19.52 -8.96 -2.60
C VAL B 698 -19.21 -9.77 -3.85
N GLY B 699 -17.95 -10.12 -4.03
CA GLY B 699 -17.55 -11.06 -5.08
C GLY B 699 -17.61 -10.48 -6.48
N VAL B 700 -17.16 -9.24 -6.62
CA VAL B 700 -17.11 -8.61 -7.93
C VAL B 700 -15.67 -8.63 -8.49
N ASP B 701 -15.51 -9.05 -9.73
CA ASP B 701 -14.19 -9.07 -10.35
C ASP B 701 -13.95 -7.75 -11.07
N PHE B 702 -12.73 -7.24 -10.90
CA PHE B 702 -12.33 -5.97 -11.49
C PHE B 702 -10.82 -6.02 -11.72
N GLN B 703 -10.30 -4.98 -12.38
CA GLN B 703 -8.87 -4.83 -12.62
C GLN B 703 -8.32 -3.68 -11.80
N ALA B 704 -7.07 -3.80 -11.39
CA ALA B 704 -6.47 -2.82 -10.49
C ALA B 704 -5.01 -2.57 -10.88
N MET B 705 -4.50 -1.41 -10.47
CA MET B 705 -3.08 -1.11 -10.64
C MET B 705 -2.68 -0.10 -9.58
N TRP B 706 -1.70 -0.43 -8.77
CA TRP B 706 -1.13 0.57 -7.86
C TRP B 706 0.10 1.16 -8.52
N TYR B 707 0.47 2.40 -8.16
CA TYR B 707 1.76 2.97 -8.64
C TYR B 707 2.64 3.31 -7.46
N THR B 708 3.67 2.49 -7.28
CA THR B 708 4.55 2.62 -6.14
C THR B 708 5.17 4.02 -6.07
N ASP B 709 4.96 4.70 -4.95
CA ASP B 709 5.64 5.97 -4.64
C ASP B 709 5.19 7.15 -5.49
N GLU B 710 4.13 6.98 -6.26
CA GLU B 710 3.55 8.07 -7.06
C GLU B 710 2.49 8.79 -6.23
N ASP B 711 2.36 10.10 -6.47
CA ASP B 711 1.40 10.90 -5.74
C ASP B 711 0.14 11.14 -6.54
N HIS B 712 -0.60 12.19 -6.21
CA HIS B 712 -1.86 12.41 -6.86
C HIS B 712 -1.76 12.66 -8.36
N GLY B 713 -0.64 13.16 -8.88
CA GLY B 713 -0.52 13.43 -10.31
C GLY B 713 0.00 12.28 -11.14
N ILE B 714 0.42 11.18 -10.50
CA ILE B 714 1.06 10.06 -11.20
C ILE B 714 1.86 10.61 -12.38
N ALA B 715 2.78 11.50 -12.05
CA ALA B 715 3.39 12.36 -13.07
C ALA B 715 4.87 12.14 -13.35
N SER B 716 5.55 11.20 -12.70
CA SER B 716 6.90 10.90 -13.14
C SER B 716 6.86 10.45 -14.59
N SER B 717 7.97 10.61 -15.30
CA SER B 717 7.99 10.31 -16.72
C SER B 717 7.59 8.87 -16.98
N THR B 718 8.16 7.94 -16.22
CA THR B 718 7.87 6.53 -16.47
C THR B 718 6.45 6.13 -16.09
N ALA B 719 5.96 6.63 -14.97
CA ALA B 719 4.63 6.25 -14.49
C ALA B 719 3.58 6.83 -15.42
N HIS B 720 3.79 8.07 -15.84
CA HIS B 720 2.92 8.72 -16.81
C HIS B 720 2.74 7.88 -18.07
N GLN B 721 3.86 7.44 -18.65
CA GLN B 721 3.80 6.61 -19.83
C GLN B 721 3.12 5.28 -19.55
N HIS B 722 3.46 4.68 -18.41
CA HIS B 722 2.91 3.39 -18.02
C HIS B 722 1.39 3.43 -17.83
N ILE B 723 0.88 4.44 -17.13
CA ILE B 723 -0.55 4.52 -16.86
C ILE B 723 -1.40 4.70 -18.12
N TYR B 724 -0.96 5.55 -19.04
CA TYR B 724 -1.72 5.78 -20.26
C TYR B 724 -1.66 4.58 -21.18
N THR B 725 -0.53 3.90 -21.16
CA THR B 725 -0.40 2.67 -21.92
C THR B 725 -1.37 1.60 -21.42
N HIS B 726 -1.41 1.43 -20.10
CA HIS B 726 -2.29 0.43 -19.44
C HIS B 726 -3.76 0.75 -19.69
N MET B 727 -4.12 2.02 -19.52
CA MET B 727 -5.49 2.47 -19.76
C MET B 727 -5.91 2.31 -21.21
N SER B 728 -5.01 2.57 -22.16
CA SER B 728 -5.30 2.37 -23.59
C SER B 728 -5.65 0.91 -23.92
N HIS B 729 -4.83 -0.01 -23.44
CA HIS B 729 -5.09 -1.44 -23.60
C HIS B 729 -6.49 -1.79 -23.07
N PHE B 730 -6.84 -1.26 -21.90
CA PHE B 730 -8.11 -1.57 -21.25
C PHE B 730 -9.29 -1.07 -22.09
N ILE B 731 -9.23 0.17 -22.55
CA ILE B 731 -10.28 0.77 -23.38
C ILE B 731 -10.47 0.00 -24.69
N LYS B 732 -9.36 -0.32 -25.33
CA LYS B 732 -9.35 -1.01 -26.62
C LYS B 732 -9.95 -2.40 -26.52
N GLN B 733 -9.58 -3.11 -25.46
CA GLN B 733 -10.19 -4.39 -25.16
C GLN B 733 -11.71 -4.24 -24.91
N CYS B 734 -12.11 -3.26 -24.10
CA CYS B 734 -13.52 -2.98 -23.85
C CYS B 734 -14.32 -2.79 -25.13
N PHE B 735 -13.73 -2.13 -26.12
CA PHE B 735 -14.42 -1.75 -27.34
C PHE B 735 -14.11 -2.69 -28.50
N SER B 736 -13.43 -3.80 -28.21
CA SER B 736 -13.07 -4.82 -29.19
C SER B 736 -12.31 -4.21 -30.37
N LEU B 737 -11.41 -3.28 -30.05
CA LEU B 737 -10.55 -2.65 -31.04
C LEU B 737 -9.22 -3.41 -31.02
N PRO B 738 -8.68 -3.74 -32.19
CA PRO B 738 -7.39 -4.44 -32.24
C PRO B 738 -6.28 -3.40 -32.11
N MET C 1 9.18 -18.60 6.97
CA MET C 1 8.34 -19.11 5.86
C MET C 1 7.49 -20.36 6.15
N ASP C 2 6.83 -20.78 5.07
CA ASP C 2 5.84 -21.85 5.01
C ASP C 2 6.42 -23.20 5.43
N PRO C 3 5.72 -23.94 6.30
CA PRO C 3 6.28 -25.17 6.89
C PRO C 3 6.51 -26.29 5.87
N MET D 1 -8.18 20.21 -3.51
CA MET D 1 -8.23 19.39 -4.74
C MET D 1 -7.97 20.23 -6.02
N ASP D 2 -7.43 19.55 -7.02
CA ASP D 2 -7.14 20.06 -8.38
C ASP D 2 -7.58 21.48 -8.74
N PRO D 3 -6.63 22.36 -9.04
CA PRO D 3 -6.94 23.75 -9.42
C PRO D 3 -7.33 23.90 -10.90
C1 NAG E . -15.31 -49.86 27.47
C2 NAG E . -15.35 -48.83 28.60
C3 NAG E . -14.66 -49.33 29.88
C4 NAG E . -15.11 -50.73 30.28
C5 NAG E . -15.09 -51.63 29.06
C6 NAG E . -15.68 -53.02 29.34
C7 NAG E . -15.25 -46.55 27.76
C8 NAG E . -14.38 -45.38 27.42
N2 NAG E . -14.63 -47.64 28.18
O3 NAG E . -14.85 -48.36 30.90
O4 NAG E . -14.20 -51.34 31.15
O5 NAG E . -15.84 -51.04 28.01
O6 NAG E . -15.97 -53.55 28.07
O7 NAG E . -16.46 -46.45 27.63
C1 NAG E . -14.53 -51.18 32.54
C2 NAG E . -13.96 -52.35 33.34
C3 NAG E . -14.62 -52.33 34.71
C4 NAG E . -14.40 -50.99 35.38
C5 NAG E . -14.28 -49.76 34.45
C6 NAG E . -13.26 -48.75 34.96
C7 NAG E . -13.03 -54.25 32.20
C8 NAG E . -12.73 -55.64 32.72
N2 NAG E . -14.11 -53.64 32.70
O3 NAG E . -14.03 -53.35 35.50
O4 NAG E . -15.50 -50.78 36.25
O5 NAG E . -13.94 -50.03 33.10
O6 NAG E . -13.92 -47.57 35.35
O7 NAG E . -12.29 -53.72 31.38
C1 FUC E . -16.21 -54.97 27.97
C2 FUC E . -14.85 -55.68 27.90
C3 FUC E . -15.00 -57.12 27.46
C4 FUC E . -15.75 -57.18 26.15
C5 FUC E . -17.12 -56.52 26.35
C6 FUC E . -17.96 -56.65 25.09
O2 FUC E . -14.22 -55.67 29.16
O3 FUC E . -13.73 -57.70 27.31
O4 FUC E . -15.02 -56.57 25.12
O5 FUC E . -16.98 -55.18 26.79
C1 NAG F . 8.36 -34.76 40.08
C2 NAG F . 7.90 -35.56 41.30
C3 NAG F . 8.72 -35.32 42.57
C4 NAG F . 10.20 -35.01 42.32
C5 NAG F . 10.40 -34.25 41.01
C6 NAG F . 11.87 -34.07 40.67
C7 NAG F . 5.52 -35.94 41.28
C8 NAG F . 4.29 -35.20 40.85
N2 NAG F . 6.55 -35.17 41.61
O3 NAG F . 8.56 -36.45 43.41
O4 NAG F . 10.64 -34.14 43.32
O5 NAG F . 9.76 -34.94 39.97
O6 NAG F . 12.47 -35.35 40.70
O7 NAG F . 5.61 -37.17 41.33
C1 NAG F . 11.58 -34.75 44.24
C2 NAG F . 12.25 -33.62 45.01
C3 NAG F . 13.12 -34.14 46.15
C4 NAG F . 12.29 -35.02 47.05
C5 NAG F . 11.57 -36.11 46.25
C6 NAG F . 10.53 -36.81 47.11
C7 NAG F . 12.71 -31.54 43.90
C8 NAG F . 13.57 -30.76 42.95
N2 NAG F . 13.04 -32.80 44.12
O3 NAG F . 13.68 -33.07 46.90
O4 NAG F . 13.17 -35.62 47.98
O5 NAG F . 10.90 -35.65 45.08
O6 NAG F . 10.66 -38.20 46.90
O7 NAG F . 11.74 -31.02 44.44
C1 NAG G . 17.13 -5.54 26.74
C2 NAG G . 17.53 -5.34 28.21
C3 NAG G . 18.05 -3.93 28.49
C4 NAG G . 19.12 -3.55 27.47
C5 NAG G . 18.59 -3.84 26.06
C6 NAG G . 19.53 -3.45 24.94
C7 NAG G . 16.26 -6.66 29.84
C8 NAG G . 15.08 -6.69 30.73
N2 NAG G . 16.40 -5.57 29.09
O3 NAG G . 18.57 -3.83 29.79
O4 NAG G . 19.26 -2.15 27.55
O5 NAG G . 18.24 -5.22 25.95
O6 NAG G . 20.82 -3.95 25.22
O7 NAG G . 17.03 -7.62 29.81
C1 NAG G . 20.58 -1.74 27.95
C2 NAG G . 20.78 -0.27 27.60
C3 NAG G . 22.17 0.22 28.03
C4 NAG G . 22.35 -0.09 29.51
C5 NAG G . 22.06 -1.57 29.77
C6 NAG G . 22.15 -1.87 31.27
C7 NAG G . 19.29 0.50 25.80
C8 NAG G . 18.04 0.38 26.64
N2 NAG G . 20.47 0.03 26.21
O3 NAG G . 22.27 1.62 27.80
O4 NAG G . 23.66 0.20 29.97
O5 NAG G . 20.76 -1.90 29.34
O6 NAG G . 21.15 -1.13 31.94
O7 NAG G . 19.17 1.02 24.69
C1 BMA G . 23.85 1.59 30.32
C2 BMA G . 24.56 1.67 31.66
C3 BMA G . 25.08 3.08 31.99
C4 BMA G . 25.37 4.00 30.79
C5 BMA G . 24.57 3.67 29.53
C6 BMA G . 25.16 4.34 28.29
O2 BMA G . 25.63 0.75 31.70
O3 BMA G . 26.24 2.95 32.79
O4 BMA G . 25.15 5.34 31.16
O5 BMA G . 24.60 2.28 29.34
O6 BMA G . 24.15 4.89 27.47
C1 NAG H . 8.16 -8.56 43.45
C2 NAG H . 8.00 -7.56 44.60
C3 NAG H . 7.33 -6.31 44.05
C4 NAG H . 8.20 -5.69 42.95
C5 NAG H . 8.73 -6.73 41.96
C6 NAG H . 10.06 -6.27 41.37
C7 NAG H . 7.93 -8.63 46.78
C8 NAG H . 7.10 -9.33 47.80
N2 NAG H . 7.28 -8.09 45.74
O3 NAG H . 7.10 -5.39 45.09
O4 NAG H . 7.33 -4.82 42.26
O5 NAG H . 9.05 -7.98 42.52
O6 NAG H . 9.89 -5.20 40.48
O7 NAG H . 9.15 -8.56 46.90
C1 NAG H . 7.85 -3.49 42.01
C2 NAG H . 6.67 -2.67 41.51
C3 NAG H . 7.11 -1.25 41.09
C4 NAG H . 7.99 -0.62 42.16
C5 NAG H . 9.03 -1.60 42.70
C6 NAG H . 9.87 -1.03 43.85
C7 NAG H . 5.88 -3.33 39.25
C8 NAG H . 4.54 -3.45 38.57
N2 NAG H . 5.86 -3.44 40.56
O3 NAG H . 5.97 -0.44 40.85
O4 NAG H . 8.67 0.51 41.63
O5 NAG H . 8.40 -2.80 43.11
O6 NAG H . 11.21 -1.42 43.68
O7 NAG H . 6.90 -3.17 38.57
C1 NAG I . 30.24 -21.65 8.21
C2 NAG I . 31.59 -22.38 8.10
C3 NAG I . 32.75 -21.39 7.90
C4 NAG I . 32.46 -20.46 6.73
C5 NAG I . 31.05 -19.86 6.85
C6 NAG I . 30.64 -19.07 5.60
C7 NAG I . 31.88 -24.60 9.07
C8 NAG I . 31.69 -25.41 10.32
N2 NAG I . 31.81 -23.28 9.22
O3 NAG I . 33.96 -22.06 7.64
O4 NAG I . 33.40 -19.40 6.74
O5 NAG I . 30.10 -20.89 7.04
O6 NAG I . 30.71 -19.91 4.47
O7 NAG I . 32.09 -25.21 8.00
C1 NAG I . 34.31 -19.43 5.61
C2 NAG I . 35.05 -18.11 5.56
C3 NAG I . 36.03 -18.13 4.38
C4 NAG I . 37.04 -19.22 4.70
C5 NAG I . 36.30 -20.56 4.84
C6 NAG I . 37.25 -21.68 5.27
C7 NAG I . 33.26 -16.58 4.83
C8 NAG I . 32.42 -15.38 5.20
N2 NAG I . 34.22 -16.91 5.68
O3 NAG I . 36.68 -16.89 4.18
O4 NAG I . 38.03 -19.31 3.69
O5 NAG I . 35.24 -20.48 5.77
O6 NAG I . 37.90 -21.38 6.49
O7 NAG I . 33.04 -17.18 3.77
C1 NAG J . 16.54 48.98 -27.42
C2 NAG J . 17.49 48.91 -26.21
C3 NAG J . 17.57 50.31 -25.60
C4 NAG J . 17.92 51.36 -26.65
C5 NAG J . 17.03 51.25 -27.87
C6 NAG J . 17.51 52.14 -29.01
C7 NAG J . 17.51 46.75 -25.01
C8 NAG J . 16.99 46.02 -23.81
N2 NAG J . 16.98 47.95 -25.24
O3 NAG J . 18.55 50.39 -24.58
O4 NAG J . 17.81 52.64 -26.04
O5 NAG J . 17.06 49.92 -28.33
O6 NAG J . 16.57 53.18 -29.21
O7 NAG J . 18.37 46.20 -25.71
C1 FUC J . 16.16 53.30 -30.59
C2 FUC J . 14.79 53.97 -30.60
C3 FUC J . 14.32 54.18 -32.04
C4 FUC J . 14.49 52.91 -32.89
C5 FUC J . 15.83 52.22 -32.64
C6 FUC J . 15.87 50.87 -33.34
O2 FUC J . 14.85 55.22 -29.96
O3 FUC J . 12.97 54.60 -32.05
O4 FUC J . 13.43 52.02 -32.66
O5 FUC J . 16.05 52.07 -31.25
C1 NAG K . 7.21 53.20 3.23
C2 NAG K . 8.10 54.43 3.33
C3 NAG K . 8.46 54.64 4.81
C4 NAG K . 7.18 54.87 5.61
C5 NAG K . 6.24 53.69 5.36
C6 NAG K . 4.91 53.81 6.10
C7 NAG K . 9.64 55.02 1.50
C8 NAG K . 10.87 54.60 0.76
N2 NAG K . 9.31 54.25 2.54
O3 NAG K . 9.38 55.69 4.98
O4 NAG K . 7.53 54.94 6.97
O5 NAG K . 6.03 53.52 3.97
O6 NAG K . 4.18 54.93 5.66
O7 NAG K . 9.02 56.01 1.11
C1 NAG K . 6.93 56.10 7.59
C2 NAG K . 7.25 56.04 9.08
C3 NAG K . 7.10 57.38 9.81
C4 NAG K . 7.04 58.66 8.96
C5 NAG K . 6.87 58.47 7.45
C6 NAG K . 7.52 59.61 6.68
C7 NAG K . 6.79 53.81 9.94
C8 NAG K . 5.66 52.84 10.10
N2 NAG K . 6.43 55.07 9.78
O3 NAG K . 8.12 57.50 10.79
O4 NAG K . 5.96 59.45 9.41
O5 NAG K . 7.45 57.26 7.02
O6 NAG K . 6.60 60.10 5.72
O7 NAG K . 7.96 53.42 9.99
C1 NAG L . -0.54 25.48 19.81
C2 NAG L . 0.08 26.42 20.84
C3 NAG L . 0.27 25.68 22.18
C4 NAG L . -1.01 24.99 22.64
C5 NAG L . -1.65 24.25 21.48
C6 NAG L . -3.01 23.73 21.92
C7 NAG L . 1.57 28.10 19.95
C8 NAG L . 2.96 28.51 19.54
N2 NAG L . 1.41 26.90 20.48
O3 NAG L . 0.77 26.57 23.15
O4 NAG L . -0.62 24.02 23.57
O5 NAG L . -1.78 25.08 20.34
O6 NAG L . -3.54 22.90 20.90
O7 NAG L . 0.64 28.87 19.76
C1 NAG L . -1.07 24.26 24.91
C2 NAG L . -0.97 22.94 25.67
C3 NAG L . -1.16 23.10 27.18
C4 NAG L . -0.54 24.37 27.76
C5 NAG L . -0.74 25.57 26.85
C6 NAG L . 0.01 26.80 27.35
C7 NAG L . -1.67 21.03 24.25
C8 NAG L . -2.83 20.28 23.65
N2 NAG L . -1.95 22.00 25.14
O3 NAG L . -0.59 21.98 27.83
O4 NAG L . -1.18 24.65 28.98
O5 NAG L . -0.30 25.26 25.54
O6 NAG L . 1.38 26.66 27.06
O7 NAG L . -0.52 20.73 23.91
C1 BMA L . -0.36 24.39 30.13
C2 BMA L . -0.85 25.28 31.26
C3 BMA L . 0.13 25.18 32.42
C4 BMA L . 0.26 23.71 32.84
C5 BMA L . 0.43 22.77 31.64
C6 BMA L . 0.21 21.32 32.07
O2 BMA L . -2.14 24.83 31.65
O3 BMA L . -0.24 26.03 33.50
O4 BMA L . 1.40 23.58 33.65
O5 BMA L . -0.44 23.05 30.56
O6 BMA L . 0.94 20.49 31.19
C1 NAG M . 12.05 37.75 20.87
C2 NAG M . 12.83 36.74 21.71
C3 NAG M . 12.03 35.47 21.88
C4 NAG M . 10.68 35.81 22.49
C5 NAG M . 9.98 36.81 21.59
C6 NAG M . 8.58 37.19 22.10
C7 NAG M . 15.26 36.94 21.66
C8 NAG M . 16.52 36.76 20.86
N2 NAG M . 14.15 36.38 21.20
O3 NAG M . 12.68 34.54 22.71
O4 NAG M . 9.90 34.63 22.49
O5 NAG M . 10.78 37.96 21.49
O6 NAG M . 8.63 37.74 23.41
O7 NAG M . 15.29 37.58 22.71
C1 NAG M . 9.45 34.30 23.81
C2 NAG M . 8.26 33.35 23.69
C3 NAG M . 7.83 32.80 25.05
C4 NAG M . 9.04 32.20 25.79
C5 NAG M . 10.20 33.19 25.82
C6 NAG M . 11.47 32.63 26.46
C7 NAG M . 7.11 33.78 21.58
C8 NAG M . 6.10 34.65 20.88
N2 NAG M . 7.15 33.89 22.92
O3 NAG M . 6.83 31.84 24.81
O4 NAG M . 8.67 31.80 27.10
O5 NAG M . 10.51 33.65 24.52
O6 NAG M . 12.17 31.68 25.65
O7 NAG M . 7.85 33.03 20.92
C1 NAG N . -24.95 28.55 6.88
C2 NAG N . -26.28 29.30 6.93
C3 NAG N . -27.07 28.79 8.15
C4 NAG N . -27.27 27.27 8.07
C5 NAG N . -25.97 26.55 7.73
C6 NAG N . -26.21 25.08 7.36
C7 NAG N . -26.56 31.61 6.07
C8 NAG N . -25.96 32.98 6.08
N2 NAG N . -26.08 30.74 6.97
O3 NAG N . -28.31 29.44 8.22
O4 NAG N . -27.81 26.71 9.26
O5 NAG N . -25.31 27.19 6.66
O6 NAG N . -27.14 24.96 6.29
O7 NAG N . -27.45 31.37 5.25
C1 NAG N . -29.19 26.35 9.08
C2 NAG N . -29.51 25.02 9.78
C3 NAG N . -31.01 24.79 10.06
C4 NAG N . -31.85 26.07 10.20
C5 NAG N . -31.39 27.12 9.20
C6 NAG N . -32.19 28.43 9.30
C7 NAG N . -28.55 22.75 9.29
C8 NAG N . -29.49 21.62 8.94
N2 NAG N . -28.98 23.96 8.92
O3 NAG N . -31.18 24.01 11.23
O4 NAG N . -33.23 25.78 10.02
O5 NAG N . -30.04 27.39 9.50
O6 NAG N . -31.69 29.23 10.34
O7 NAG N . -27.45 22.52 9.80
C1 NAG O . -13.27 -9.74 30.61
C2 NAG O . -13.38 -9.79 32.13
C3 NAG O . -14.85 -9.72 32.57
C4 NAG O . -15.60 -8.56 31.90
C5 NAG O . -15.38 -8.60 30.40
C6 NAG O . -16.06 -7.41 29.73
C7 NAG O . -11.72 -11.04 33.47
C8 NAG O . -11.46 -12.36 34.15
N2 NAG O . -12.76 -11.00 32.64
O3 NAG O . -14.93 -9.56 33.97
O4 NAG O . -16.98 -8.60 32.18
O5 NAG O . -13.98 -8.59 30.14
O6 NAG O . -15.52 -6.17 30.16
O7 NAG O . -10.97 -10.09 33.70
C1 NAG P . -25.84 -32.71 20.38
C2 NAG P . -26.05 -32.83 18.87
C3 NAG P . -27.00 -34.00 18.55
C4 NAG P . -26.36 -35.21 19.22
C5 NAG P . -26.50 -34.99 20.71
C6 NAG P . -26.24 -36.24 21.57
C7 NAG P . -25.93 -30.43 18.46
C8 NAG P . -26.61 -29.48 19.39
N2 NAG P . -26.54 -31.60 18.28
O3 NAG P . -27.21 -34.18 17.17
O4 NAG P . -26.93 -36.45 18.84
O5 NAG P . -25.57 -33.96 21.00
O6 NAG P . -25.96 -37.37 20.76
O7 NAG P . -24.88 -30.10 17.90
C1 NAG Q . 24.85 23.42 1.64
C2 NAG Q . 25.92 24.26 2.36
C3 NAG Q . 27.31 24.00 1.77
C4 NAG Q . 27.61 22.51 1.67
C5 NAG Q . 26.47 21.86 0.87
C6 NAG Q . 26.67 20.37 0.58
C7 NAG Q . 25.24 26.37 3.40
C8 NAG Q . 24.61 27.72 3.21
N2 NAG Q . 25.56 25.67 2.30
O3 NAG Q . 28.32 24.59 2.57
O4 NAG Q . 28.87 22.28 1.08
O5 NAG Q . 25.27 22.07 1.59
O6 NAG Q . 26.99 19.66 1.77
O7 NAG Q . 25.41 25.93 4.54
C1 NAG R . 24.65 29.20 -24.96
C2 NAG R . 23.92 28.07 -25.69
C3 NAG R . 24.40 28.01 -27.13
C4 NAG R . 24.24 29.37 -27.82
C5 NAG R . 24.66 30.56 -26.95
C6 NAG R . 23.99 31.83 -27.47
C7 NAG R . 23.15 26.28 -24.21
C8 NAG R . 23.57 25.84 -22.84
N2 NAG R . 24.10 26.81 -24.98
O3 NAG R . 23.71 27.03 -27.87
O4 NAG R . 25.04 29.37 -28.98
O5 NAG R . 24.32 30.43 -25.58
O6 NAG R . 24.71 32.42 -28.54
O7 NAG R . 21.97 26.13 -24.57
#